data_2M6U
#
_entry.id   2M6U
#
_entity_poly.entity_id   1
_entity_poly.type   'polypeptide(L)'
_entity_poly.pdbx_seq_one_letter_code
;GHMLDSERDKARKEVEEYVKKIVGESYAKSTKKRHTITVALVNELNNIKNEYLNKIVESTSESQLQILMMESRSKVDEAV
SKFEK
;
_entity_poly.pdbx_strand_id   A
#
# COMPACT_ATOMS: atom_id res chain seq x y z
N LEU A 4 20.35 -1.09 9.25
CA LEU A 4 18.87 -1.17 9.07
C LEU A 4 18.16 0.18 8.93
N ASP A 5 18.37 1.15 9.83
CA ASP A 5 17.48 2.31 10.02
C ASP A 5 17.22 3.17 8.75
N SER A 6 18.27 3.61 8.06
CA SER A 6 18.15 4.37 6.82
C SER A 6 17.60 3.55 5.65
N GLU A 7 17.71 2.22 5.70
CA GLU A 7 17.19 1.29 4.71
C GLU A 7 15.67 1.08 4.89
N ARG A 8 15.25 0.72 6.10
CA ARG A 8 13.84 0.48 6.43
C ARG A 8 12.98 1.74 6.23
N ASP A 9 13.57 2.93 6.31
CA ASP A 9 12.88 4.18 5.97
C ASP A 9 12.53 4.29 4.48
N LYS A 10 13.45 3.90 3.60
CA LYS A 10 13.18 3.81 2.15
C LYS A 10 12.10 2.75 1.88
N ALA A 11 12.16 1.61 2.57
CA ALA A 11 11.17 0.55 2.44
C ALA A 11 9.75 1.03 2.81
N ARG A 12 9.58 1.78 3.91
CA ARG A 12 8.27 2.37 4.24
C ARG A 12 7.86 3.49 3.29
N LYS A 13 8.79 4.34 2.84
CA LYS A 13 8.47 5.45 1.91
C LYS A 13 8.03 4.95 0.54
N GLU A 14 8.64 3.89 0.02
CA GLU A 14 8.24 3.23 -1.24
C GLU A 14 6.77 2.76 -1.21
N VAL A 15 6.33 2.16 -0.09
CA VAL A 15 4.96 1.63 0.04
C VAL A 15 3.95 2.71 0.47
N GLU A 16 4.38 3.70 1.26
CA GLU A 16 3.61 4.92 1.56
C GLU A 16 3.22 5.66 0.29
N GLU A 17 4.17 5.90 -0.64
CA GLU A 17 3.85 6.61 -1.88
C GLU A 17 2.96 5.77 -2.80
N TYR A 18 3.12 4.45 -2.84
CA TYR A 18 2.31 3.56 -3.68
C TYR A 18 0.84 3.58 -3.24
N VAL A 19 0.57 3.46 -1.94
CA VAL A 19 -0.79 3.56 -1.37
C VAL A 19 -1.43 4.90 -1.69
N LYS A 20 -0.79 6.05 -1.41
CA LYS A 20 -1.42 7.37 -1.69
C LYS A 20 -1.57 7.65 -3.19
N LYS A 21 -0.66 7.16 -4.03
CA LYS A 21 -0.69 7.33 -5.50
C LYS A 21 -1.84 6.55 -6.10
N ILE A 22 -2.04 5.32 -5.66
CA ILE A 22 -3.12 4.43 -6.14
C ILE A 22 -4.48 4.78 -5.52
N VAL A 23 -4.53 5.30 -4.29
CA VAL A 23 -5.73 6.01 -3.78
C VAL A 23 -6.07 7.21 -4.68
N GLY A 24 -5.08 8.02 -5.07
CA GLY A 24 -5.29 9.16 -5.98
C GLY A 24 -5.79 8.76 -7.37
N GLU A 25 -5.26 7.69 -7.95
CA GLU A 25 -5.75 7.15 -9.23
C GLU A 25 -7.14 6.51 -9.10
N SER A 26 -7.48 5.92 -7.96
CA SER A 26 -8.85 5.48 -7.66
C SER A 26 -9.82 6.67 -7.67
N TYR A 27 -9.49 7.78 -7.02
CA TYR A 27 -10.25 9.03 -7.14
C TYR A 27 -10.27 9.59 -8.57
N ALA A 28 -9.18 9.42 -9.35
CA ALA A 28 -9.11 9.89 -10.74
C ALA A 28 -10.06 9.12 -11.69
N LYS A 29 -10.37 7.84 -11.42
CA LYS A 29 -11.36 7.06 -12.18
C LYS A 29 -12.76 6.98 -11.56
N SER A 30 -12.91 7.35 -10.29
CA SER A 30 -14.18 7.31 -9.54
C SER A 30 -15.19 8.40 -9.97
N THR A 31 -16.44 8.19 -9.57
CA THR A 31 -17.55 9.15 -9.68
C THR A 31 -18.33 9.24 -8.36
N LYS A 32 -19.11 10.31 -8.13
CA LYS A 32 -19.86 10.51 -6.87
C LYS A 32 -20.76 9.35 -6.50
N LYS A 33 -21.47 8.75 -7.48
CA LYS A 33 -22.30 7.55 -7.24
C LYS A 33 -21.50 6.43 -6.59
N ARG A 34 -20.29 6.15 -7.10
CA ARG A 34 -19.43 5.01 -6.73
C ARG A 34 -18.47 5.26 -5.55
N HIS A 35 -18.61 6.36 -4.81
CA HIS A 35 -17.70 6.71 -3.71
C HIS A 35 -17.61 5.63 -2.60
N THR A 36 -18.64 4.81 -2.40
CA THR A 36 -18.61 3.64 -1.49
C THR A 36 -17.46 2.69 -1.79
N ILE A 37 -17.16 2.50 -3.08
CA ILE A 37 -16.08 1.62 -3.57
C ILE A 37 -14.72 2.31 -3.39
N THR A 38 -14.64 3.62 -3.64
CA THR A 38 -13.44 4.42 -3.36
C THR A 38 -13.05 4.32 -1.88
N VAL A 39 -14.02 4.46 -0.96
CA VAL A 39 -13.79 4.34 0.49
C VAL A 39 -13.45 2.90 0.91
N ALA A 40 -14.10 1.89 0.32
CA ALA A 40 -13.78 0.49 0.62
C ALA A 40 -12.32 0.15 0.22
N LEU A 41 -11.88 0.60 -0.95
CA LEU A 41 -10.49 0.43 -1.39
C LEU A 41 -9.52 1.27 -0.56
N VAL A 42 -9.84 2.52 -0.16
CA VAL A 42 -9.02 3.31 0.78
C VAL A 42 -8.84 2.59 2.12
N ASN A 43 -9.92 2.06 2.69
CA ASN A 43 -9.88 1.32 3.95
C ASN A 43 -9.01 0.05 3.85
N GLU A 44 -8.99 -0.63 2.71
CA GLU A 44 -8.09 -1.77 2.47
C GLU A 44 -6.63 -1.31 2.26
N LEU A 45 -6.38 -0.32 1.41
CA LEU A 45 -5.04 0.21 1.11
C LEU A 45 -4.32 0.73 2.36
N ASN A 46 -5.06 1.37 3.27
CA ASN A 46 -4.55 1.78 4.59
C ASN A 46 -4.20 0.57 5.50
N ASN A 47 -4.92 -0.55 5.39
CA ASN A 47 -4.64 -1.79 6.13
C ASN A 47 -3.30 -2.38 5.68
N ILE A 48 -3.01 -2.38 4.37
CA ILE A 48 -1.71 -2.78 3.84
C ILE A 48 -0.61 -1.83 4.34
N LYS A 49 -0.82 -0.51 4.23
CA LYS A 49 0.17 0.48 4.70
C LYS A 49 0.53 0.25 6.17
N ASN A 50 -0.49 0.00 6.99
CA ASN A 50 -0.38 -0.31 8.41
C ASN A 50 0.38 -1.61 8.72
N GLU A 51 -0.01 -2.75 8.14
CA GLU A 51 0.69 -4.04 8.37
C GLU A 51 2.17 -3.93 7.94
N TYR A 52 2.41 -3.39 6.74
CA TYR A 52 3.77 -3.37 6.19
C TYR A 52 4.64 -2.31 6.88
N LEU A 53 4.08 -1.18 7.34
CA LEU A 53 4.78 -0.29 8.28
C LEU A 53 5.28 -1.04 9.53
N ASN A 54 4.44 -1.88 10.15
CA ASN A 54 4.89 -2.65 11.31
C ASN A 54 5.96 -3.68 10.93
N LYS A 55 5.82 -4.39 9.80
CA LYS A 55 6.81 -5.41 9.36
C LYS A 55 8.16 -4.78 9.01
N ILE A 56 8.14 -3.54 8.53
CA ILE A 56 9.32 -2.75 8.16
C ILE A 56 10.00 -2.13 9.41
N VAL A 57 9.24 -1.65 10.40
CA VAL A 57 9.81 -1.12 11.67
C VAL A 57 10.17 -2.23 12.68
N GLU A 58 9.84 -3.49 12.39
CA GLU A 58 10.09 -4.66 13.24
C GLU A 58 11.01 -5.72 12.60
N SER A 59 11.54 -5.49 11.39
CA SER A 59 12.36 -6.50 10.72
C SER A 59 13.71 -6.66 11.39
N THR A 60 14.08 -7.90 11.69
CA THR A 60 15.45 -8.27 12.05
C THR A 60 16.35 -8.38 10.81
N SER A 61 15.79 -8.87 9.70
CA SER A 61 16.51 -9.19 8.47
C SER A 61 16.49 -8.05 7.45
N GLU A 62 17.65 -7.51 7.11
CA GLU A 62 17.75 -6.36 6.18
C GLU A 62 17.44 -6.76 4.72
N SER A 63 17.88 -7.93 4.26
CA SER A 63 17.50 -8.45 2.93
C SER A 63 16.02 -8.78 2.77
N GLN A 64 15.21 -8.64 3.82
CA GLN A 64 13.75 -8.73 3.76
C GLN A 64 13.06 -7.35 3.71
N LEU A 65 13.69 -6.27 4.20
CA LEU A 65 13.15 -4.91 4.08
C LEU A 65 12.94 -4.53 2.61
N GLN A 66 13.94 -4.82 1.78
CA GLN A 66 13.89 -4.59 0.34
C GLN A 66 12.80 -5.41 -0.38
N ILE A 67 12.37 -6.53 0.20
CA ILE A 67 11.30 -7.39 -0.32
C ILE A 67 9.90 -6.95 0.15
N LEU A 68 9.75 -6.47 1.39
CA LEU A 68 8.46 -5.98 1.90
C LEU A 68 7.88 -4.83 1.04
N MET A 69 8.75 -4.08 0.35
CA MET A 69 8.36 -3.14 -0.71
C MET A 69 7.57 -3.79 -1.85
N MET A 70 8.05 -4.94 -2.33
CA MET A 70 7.41 -5.69 -3.42
C MET A 70 6.18 -6.44 -2.92
N GLU A 71 6.23 -7.09 -1.75
CA GLU A 71 5.06 -7.74 -1.17
C GLU A 71 3.90 -6.77 -0.93
N SER A 72 4.17 -5.60 -0.35
CA SER A 72 3.13 -4.58 -0.16
C SER A 72 2.62 -4.02 -1.49
N ARG A 73 3.46 -3.94 -2.54
CA ARG A 73 3.03 -3.57 -3.89
C ARG A 73 2.11 -4.63 -4.49
N SER A 74 2.44 -5.92 -4.39
CA SER A 74 1.57 -7.02 -4.79
C SER A 74 0.24 -7.02 -4.04
N LYS A 75 0.21 -6.61 -2.77
CA LYS A 75 -1.03 -6.43 -1.98
C LYS A 75 -1.88 -5.28 -2.53
N VAL A 76 -1.28 -4.12 -2.83
CA VAL A 76 -1.99 -2.96 -3.41
C VAL A 76 -2.53 -3.30 -4.79
N ASP A 77 -1.70 -3.91 -5.64
CA ASP A 77 -2.04 -4.35 -6.99
C ASP A 77 -3.16 -5.40 -7.00
N GLU A 78 -3.12 -6.37 -6.07
CA GLU A 78 -4.19 -7.34 -5.87
C GLU A 78 -5.49 -6.68 -5.40
N ALA A 79 -5.44 -5.78 -4.41
CA ALA A 79 -6.62 -5.07 -3.92
C ALA A 79 -7.27 -4.22 -5.03
N VAL A 80 -6.50 -3.51 -5.85
CA VAL A 80 -7.00 -2.85 -7.06
C VAL A 80 -7.62 -3.88 -8.00
N SER A 81 -6.86 -4.90 -8.41
CA SER A 81 -7.31 -5.91 -9.37
C SER A 81 -8.53 -6.72 -8.90
N LYS A 82 -8.86 -6.69 -7.60
CA LYS A 82 -10.08 -7.21 -6.96
C LYS A 82 -11.24 -6.20 -6.95
N PHE A 83 -11.01 -4.95 -6.57
CA PHE A 83 -12.04 -3.89 -6.56
C PHE A 83 -12.34 -3.28 -7.94
N GLU A 84 -11.58 -3.66 -8.98
CA GLU A 84 -11.85 -3.32 -10.39
C GLU A 84 -13.11 -4.00 -10.96
N LYS A 85 -13.67 -5.02 -10.29
CA LYS A 85 -14.69 -5.91 -10.89
C LYS A 85 -15.93 -6.24 -10.06
N LEU A 4 19.82 -0.90 8.09
CA LEU A 4 18.76 -1.04 9.13
C LEU A 4 17.83 0.17 9.19
N ASP A 5 17.99 1.14 10.10
CA ASP A 5 16.91 2.11 10.39
C ASP A 5 16.77 3.23 9.34
N SER A 6 17.90 3.67 8.80
CA SER A 6 17.98 4.56 7.63
C SER A 6 17.48 3.93 6.32
N GLU A 7 17.39 2.61 6.29
CA GLU A 7 17.07 1.79 5.12
C GLU A 7 15.57 1.42 5.15
N ARG A 8 15.09 0.99 6.32
CA ARG A 8 13.67 0.74 6.58
C ARG A 8 12.83 2.00 6.45
N ASP A 9 13.37 3.19 6.75
CA ASP A 9 12.63 4.44 6.52
C ASP A 9 12.36 4.67 5.04
N LYS A 10 13.33 4.34 4.18
CA LYS A 10 13.13 4.37 2.72
C LYS A 10 12.12 3.30 2.28
N ALA A 11 12.24 2.07 2.79
CA ALA A 11 11.36 0.96 2.44
C ALA A 11 9.89 1.21 2.83
N ARG A 12 9.62 1.79 4.01
CA ARG A 12 8.25 2.19 4.39
C ARG A 12 7.74 3.31 3.50
N LYS A 13 8.60 4.28 3.17
CA LYS A 13 8.25 5.41 2.33
C LYS A 13 7.83 4.97 0.94
N GLU A 14 8.52 4.01 0.35
CA GLU A 14 8.16 3.45 -0.95
C GLU A 14 6.73 2.88 -0.97
N VAL A 15 6.37 2.07 0.03
CA VAL A 15 5.01 1.51 0.14
C VAL A 15 3.96 2.55 0.54
N GLU A 16 4.31 3.61 1.29
CA GLU A 16 3.43 4.76 1.50
C GLU A 16 3.18 5.56 0.21
N GLU A 17 4.17 5.68 -0.68
CA GLU A 17 3.99 6.33 -1.99
C GLU A 17 3.19 5.47 -2.96
N TYR A 18 3.39 4.15 -2.96
CA TYR A 18 2.56 3.26 -3.78
C TYR A 18 1.11 3.22 -3.28
N VAL A 19 0.87 3.16 -1.96
CA VAL A 19 -0.47 3.30 -1.37
C VAL A 19 -1.07 4.68 -1.72
N LYS A 20 -0.38 5.82 -1.49
CA LYS A 20 -0.99 7.14 -1.76
C LYS A 20 -1.26 7.37 -3.26
N LYS A 21 -0.41 6.84 -4.16
CA LYS A 21 -0.63 6.85 -5.61
C LYS A 21 -1.92 6.11 -5.96
N ILE A 22 -2.12 4.92 -5.38
CA ILE A 22 -3.24 4.03 -5.72
C ILE A 22 -4.54 4.47 -5.02
N VAL A 23 -4.45 5.07 -3.83
CA VAL A 23 -5.54 5.80 -3.18
C VAL A 23 -5.97 6.99 -4.05
N GLY A 24 -5.02 7.80 -4.53
CA GLY A 24 -5.27 8.91 -5.44
C GLY A 24 -5.92 8.47 -6.77
N GLU A 25 -5.41 7.38 -7.35
CA GLU A 25 -5.99 6.73 -8.53
C GLU A 25 -7.40 6.22 -8.30
N SER A 26 -7.73 5.70 -7.11
CA SER A 26 -9.06 5.12 -6.86
C SER A 26 -10.19 6.14 -7.13
N TYR A 27 -10.00 7.40 -6.71
CA TYR A 27 -10.90 8.50 -7.03
C TYR A 27 -10.75 8.98 -8.48
N ALA A 28 -9.52 9.03 -9.02
CA ALA A 28 -9.27 9.43 -10.41
C ALA A 28 -9.89 8.49 -11.46
N LYS A 29 -10.05 7.19 -11.15
CA LYS A 29 -10.80 6.22 -11.99
C LYS A 29 -12.32 6.29 -11.78
N SER A 30 -12.81 7.09 -10.83
CA SER A 30 -14.18 7.05 -10.30
C SER A 30 -14.91 8.40 -10.43
N THR A 31 -16.16 8.45 -10.00
CA THR A 31 -17.00 9.66 -9.92
C THR A 31 -17.69 9.73 -8.55
N LYS A 32 -18.38 10.84 -8.23
CA LYS A 32 -19.13 11.00 -6.96
C LYS A 32 -20.23 9.93 -6.78
N LYS A 33 -20.72 9.32 -7.86
CA LYS A 33 -21.61 8.15 -7.87
C LYS A 33 -20.97 6.87 -7.30
N ARG A 34 -19.64 6.76 -7.32
CA ARG A 34 -18.84 5.61 -6.84
C ARG A 34 -18.13 5.84 -5.50
N HIS A 35 -18.34 7.00 -4.88
CA HIS A 35 -17.61 7.53 -3.72
C HIS A 35 -17.49 6.54 -2.54
N THR A 36 -18.54 5.76 -2.25
CA THR A 36 -18.54 4.75 -1.17
C THR A 36 -17.73 3.49 -1.51
N ILE A 37 -17.62 3.14 -2.80
CA ILE A 37 -16.77 2.04 -3.27
C ILE A 37 -15.30 2.42 -3.12
N THR A 38 -14.96 3.66 -3.49
CA THR A 38 -13.59 4.18 -3.35
C THR A 38 -13.14 4.21 -1.90
N VAL A 39 -13.96 4.69 -0.94
CA VAL A 39 -13.55 4.68 0.47
C VAL A 39 -13.37 3.24 1.02
N ALA A 40 -14.14 2.26 0.52
CA ALA A 40 -13.94 0.85 0.90
C ALA A 40 -12.60 0.26 0.40
N LEU A 41 -12.20 0.54 -0.84
CA LEU A 41 -10.85 0.19 -1.35
C LEU A 41 -9.74 0.95 -0.59
N VAL A 42 -9.97 2.21 -0.23
CA VAL A 42 -9.00 3.04 0.50
C VAL A 42 -8.83 2.60 1.95
N ASN A 43 -9.90 2.13 2.59
CA ASN A 43 -9.84 1.45 3.90
C ASN A 43 -8.90 0.24 3.85
N GLU A 44 -8.94 -0.55 2.77
CA GLU A 44 -8.05 -1.70 2.57
C GLU A 44 -6.61 -1.27 2.23
N LEU A 45 -6.41 -0.27 1.37
CA LEU A 45 -5.06 0.25 1.04
C LEU A 45 -4.33 0.80 2.29
N ASN A 46 -5.05 1.47 3.19
CA ASN A 46 -4.53 1.85 4.51
C ASN A 46 -4.18 0.63 5.38
N ASN A 47 -4.94 -0.46 5.28
CA ASN A 47 -4.72 -1.68 6.05
C ASN A 47 -3.40 -2.35 5.61
N ILE A 48 -3.13 -2.44 4.29
CA ILE A 48 -1.82 -2.90 3.78
C ILE A 48 -0.71 -1.95 4.25
N LYS A 49 -0.90 -0.63 4.14
CA LYS A 49 0.12 0.34 4.55
C LYS A 49 0.58 0.11 5.99
N ASN A 50 -0.37 -0.07 6.91
CA ASN A 50 -0.10 -0.22 8.34
C ASN A 50 0.42 -1.61 8.69
N GLU A 51 -0.20 -2.65 8.13
CA GLU A 51 0.28 -4.04 8.24
C GLU A 51 1.75 -4.18 7.86
N TYR A 52 2.17 -3.54 6.76
CA TYR A 52 3.55 -3.58 6.27
C TYR A 52 4.44 -2.54 6.95
N LEU A 53 3.95 -1.36 7.36
CA LEU A 53 4.69 -0.41 8.21
C LEU A 53 5.24 -1.09 9.46
N ASN A 54 4.40 -1.87 10.17
CA ASN A 54 4.81 -2.61 11.36
C ASN A 54 5.91 -3.65 11.04
N LYS A 55 5.78 -4.37 9.92
CA LYS A 55 6.76 -5.37 9.48
C LYS A 55 8.05 -4.78 8.93
N ILE A 56 8.04 -3.52 8.50
CA ILE A 56 9.21 -2.78 8.03
C ILE A 56 9.98 -2.16 9.22
N VAL A 57 9.30 -1.54 10.20
CA VAL A 57 9.98 -1.04 11.41
C VAL A 57 10.52 -2.18 12.30
N GLU A 58 9.89 -3.35 12.26
CA GLU A 58 10.31 -4.55 13.00
C GLU A 58 10.82 -5.70 12.12
N SER A 59 11.38 -5.39 10.94
CA SER A 59 12.22 -6.34 10.21
C SER A 59 13.61 -6.41 10.87
N THR A 60 14.29 -7.54 10.73
CA THR A 60 15.60 -7.81 11.35
C THR A 60 16.69 -8.16 10.32
N SER A 61 16.33 -8.20 9.03
CA SER A 61 17.19 -8.58 7.90
C SER A 61 17.11 -7.53 6.79
N GLU A 62 18.26 -7.01 6.35
CA GLU A 62 18.35 -5.88 5.40
C GLU A 62 17.90 -6.26 3.98
N SER A 63 17.95 -7.55 3.66
CA SER A 63 17.33 -8.17 2.49
C SER A 63 15.81 -7.97 2.51
N GLN A 64 15.16 -8.40 3.59
CA GLN A 64 13.70 -8.41 3.74
C GLN A 64 13.11 -7.00 3.70
N LEU A 65 13.80 -6.00 4.24
CA LEU A 65 13.39 -4.58 4.10
C LEU A 65 13.12 -4.20 2.65
N GLN A 66 13.98 -4.64 1.72
CA GLN A 66 13.79 -4.36 0.30
C GLN A 66 12.68 -5.23 -0.33
N ILE A 67 12.53 -6.48 0.10
CA ILE A 67 11.48 -7.37 -0.43
C ILE A 67 10.08 -6.95 0.02
N LEU A 68 9.91 -6.42 1.24
CA LEU A 68 8.63 -5.92 1.75
C LEU A 68 7.99 -4.85 0.84
N MET A 69 8.80 -4.12 0.07
CA MET A 69 8.35 -3.17 -0.97
C MET A 69 7.70 -3.85 -2.19
N MET A 70 7.98 -5.13 -2.44
CA MET A 70 7.41 -5.95 -3.53
C MET A 70 6.25 -6.83 -3.03
N GLU A 71 6.33 -7.32 -1.79
CA GLU A 71 5.22 -8.05 -1.13
C GLU A 71 4.00 -7.16 -0.89
N SER A 72 4.20 -5.95 -0.35
CA SER A 72 3.11 -4.97 -0.21
C SER A 72 2.52 -4.58 -1.57
N ARG A 73 3.36 -4.36 -2.59
CA ARG A 73 2.92 -4.06 -3.96
C ARG A 73 2.09 -5.18 -4.58
N SER A 74 2.46 -6.45 -4.35
CA SER A 74 1.65 -7.62 -4.74
C SER A 74 0.23 -7.52 -4.17
N LYS A 75 0.09 -7.20 -2.87
CA LYS A 75 -1.19 -7.05 -2.20
C LYS A 75 -1.97 -5.80 -2.63
N VAL A 76 -1.30 -4.73 -3.06
CA VAL A 76 -1.96 -3.56 -3.66
C VAL A 76 -2.50 -3.88 -5.05
N ASP A 77 -1.75 -4.61 -5.88
CA ASP A 77 -2.23 -5.12 -7.18
C ASP A 77 -3.41 -6.10 -6.99
N GLU A 78 -3.40 -6.92 -5.94
CA GLU A 78 -4.56 -7.73 -5.53
C GLU A 78 -5.77 -6.87 -5.15
N ALA A 79 -5.59 -5.85 -4.29
CA ALA A 79 -6.67 -4.99 -3.85
C ALA A 79 -7.30 -4.22 -5.02
N VAL A 80 -6.49 -3.65 -5.91
CA VAL A 80 -6.96 -3.00 -7.14
C VAL A 80 -7.65 -4.01 -8.03
N SER A 81 -6.99 -5.13 -8.37
CA SER A 81 -7.55 -6.13 -9.29
C SER A 81 -8.79 -6.83 -8.75
N LYS A 82 -9.06 -6.81 -7.44
CA LYS A 82 -10.31 -7.21 -6.80
C LYS A 82 -11.41 -6.17 -7.00
N PHE A 83 -11.18 -4.93 -6.57
CA PHE A 83 -12.22 -3.90 -6.55
C PHE A 83 -12.59 -3.37 -7.95
N GLU A 84 -11.70 -3.52 -8.94
CA GLU A 84 -11.92 -3.14 -10.35
C GLU A 84 -13.00 -3.93 -11.10
N LYS A 85 -13.51 -5.02 -10.52
CA LYS A 85 -14.58 -5.85 -11.09
C LYS A 85 -15.95 -5.16 -11.08
N LEU A 4 20.93 -0.93 8.15
CA LEU A 4 19.51 -1.34 8.27
C LEU A 4 18.56 -0.19 8.58
N ASP A 5 18.88 0.72 9.51
CA ASP A 5 18.03 1.85 9.92
C ASP A 5 17.68 2.86 8.80
N SER A 6 18.55 3.06 7.81
CA SER A 6 18.24 3.84 6.61
C SER A 6 17.47 3.03 5.57
N GLU A 7 17.69 1.71 5.50
CA GLU A 7 16.96 0.77 4.64
C GLU A 7 15.47 0.76 4.97
N ARG A 8 15.15 0.68 6.27
CA ARG A 8 13.78 0.60 6.76
C ARG A 8 13.04 1.95 6.64
N ASP A 9 13.80 3.05 6.60
CA ASP A 9 13.28 4.41 6.40
C ASP A 9 12.97 4.74 4.93
N LYS A 10 13.73 4.22 3.97
CA LYS A 10 13.37 4.29 2.54
C LYS A 10 12.27 3.30 2.17
N ALA A 11 12.30 2.09 2.72
CA ALA A 11 11.25 1.08 2.51
C ALA A 11 9.86 1.59 2.94
N ARG A 12 9.74 2.20 4.13
CA ARG A 12 8.44 2.74 4.58
C ARG A 12 7.95 3.90 3.72
N LYS A 13 8.86 4.76 3.25
CA LYS A 13 8.55 5.90 2.37
C LYS A 13 8.06 5.42 1.00
N GLU A 14 8.69 4.38 0.44
CA GLU A 14 8.31 3.82 -0.84
C GLU A 14 6.89 3.21 -0.83
N VAL A 15 6.56 2.43 0.21
CA VAL A 15 5.20 1.88 0.36
C VAL A 15 4.15 2.92 0.74
N GLU A 16 4.51 4.00 1.46
CA GLU A 16 3.68 5.21 1.60
C GLU A 16 3.37 5.82 0.23
N GLU A 17 4.37 5.99 -0.64
CA GLU A 17 4.18 6.49 -2.01
C GLU A 17 3.34 5.58 -2.90
N TYR A 18 3.54 4.26 -2.85
CA TYR A 18 2.75 3.33 -3.66
C TYR A 18 1.28 3.34 -3.22
N VAL A 19 1.00 3.29 -1.91
CA VAL A 19 -0.37 3.36 -1.39
C VAL A 19 -1.02 4.71 -1.67
N LYS A 20 -0.37 5.86 -1.36
CA LYS A 20 -0.98 7.18 -1.61
C LYS A 20 -1.26 7.42 -3.10
N LYS A 21 -0.40 6.91 -4.00
CA LYS A 21 -0.60 7.05 -5.44
C LYS A 21 -1.83 6.25 -5.88
N ILE A 22 -1.94 5.01 -5.44
CA ILE A 22 -3.07 4.13 -5.76
C ILE A 22 -4.38 4.62 -5.11
N VAL A 23 -4.32 5.26 -3.93
CA VAL A 23 -5.45 5.99 -3.31
C VAL A 23 -5.91 7.17 -4.18
N GLY A 24 -4.98 7.95 -4.75
CA GLY A 24 -5.31 9.02 -5.70
C GLY A 24 -5.91 8.48 -7.01
N GLU A 25 -5.32 7.41 -7.57
CA GLU A 25 -5.83 6.76 -8.77
C GLU A 25 -7.23 6.14 -8.56
N SER A 26 -7.54 5.65 -7.36
CA SER A 26 -8.87 5.14 -6.98
C SER A 26 -9.96 6.20 -7.16
N TYR A 27 -9.71 7.45 -6.74
CA TYR A 27 -10.61 8.57 -7.03
C TYR A 27 -10.57 9.00 -8.50
N ALA A 28 -9.39 9.03 -9.13
CA ALA A 28 -9.25 9.39 -10.54
C ALA A 28 -9.86 8.37 -11.54
N LYS A 29 -10.25 7.17 -11.08
CA LYS A 29 -10.91 6.12 -11.88
C LYS A 29 -12.31 5.73 -11.40
N SER A 30 -12.88 6.50 -10.47
CA SER A 30 -14.28 6.39 -10.02
C SER A 30 -14.99 7.76 -10.13
N THR A 31 -16.24 7.85 -9.69
CA THR A 31 -17.00 9.11 -9.62
C THR A 31 -17.62 9.30 -8.24
N LYS A 32 -18.07 10.54 -7.97
CA LYS A 32 -18.81 10.91 -6.74
C LYS A 32 -20.01 10.00 -6.45
N LYS A 33 -20.63 9.40 -7.47
CA LYS A 33 -21.75 8.46 -7.29
C LYS A 33 -21.32 7.17 -6.56
N ARG A 34 -20.09 6.70 -6.77
CA ARG A 34 -19.57 5.41 -6.27
C ARG A 34 -18.73 5.55 -4.99
N HIS A 35 -18.74 6.72 -4.35
CA HIS A 35 -17.81 7.14 -3.30
C HIS A 35 -17.62 6.12 -2.15
N THR A 36 -18.66 5.35 -1.78
CA THR A 36 -18.56 4.27 -0.77
C THR A 36 -17.60 3.15 -1.19
N ILE A 37 -17.58 2.76 -2.46
CA ILE A 37 -16.67 1.72 -2.98
C ILE A 37 -15.23 2.27 -2.99
N THR A 38 -15.06 3.52 -3.39
CA THR A 38 -13.76 4.22 -3.36
C THR A 38 -13.22 4.30 -1.94
N VAL A 39 -14.04 4.65 -0.94
CA VAL A 39 -13.68 4.69 0.48
C VAL A 39 -13.34 3.30 1.02
N ALA A 40 -14.09 2.26 0.63
CA ALA A 40 -13.77 0.87 1.01
C ALA A 40 -12.38 0.44 0.50
N LEU A 41 -12.07 0.70 -0.78
CA LEU A 41 -10.75 0.41 -1.36
C LEU A 41 -9.64 1.25 -0.71
N VAL A 42 -9.88 2.53 -0.42
CA VAL A 42 -8.91 3.43 0.25
C VAL A 42 -8.64 3.01 1.70
N ASN A 43 -9.66 2.56 2.42
CA ASN A 43 -9.49 2.00 3.77
C ASN A 43 -8.73 0.66 3.75
N GLU A 44 -8.92 -0.17 2.72
CA GLU A 44 -8.17 -1.43 2.56
C GLU A 44 -6.71 -1.19 2.14
N LEU A 45 -6.48 -0.26 1.22
CA LEU A 45 -5.16 0.27 0.87
C LEU A 45 -4.37 0.72 2.11
N ASN A 46 -5.06 1.38 3.06
CA ASN A 46 -4.47 1.76 4.34
C ASN A 46 -4.32 0.59 5.33
N ASN A 47 -5.08 -0.49 5.22
CA ASN A 47 -4.86 -1.73 6.00
C ASN A 47 -3.55 -2.38 5.57
N ILE A 48 -3.33 -2.50 4.25
CA ILE A 48 -2.07 -2.99 3.69
C ILE A 48 -0.90 -2.07 4.07
N LYS A 49 -1.08 -0.74 4.01
CA LYS A 49 -0.06 0.20 4.49
C LYS A 49 0.28 -0.02 5.96
N ASN A 50 -0.74 -0.10 6.83
CA ASN A 50 -0.60 -0.41 8.26
C ASN A 50 0.17 -1.72 8.50
N GLU A 51 -0.22 -2.80 7.82
CA GLU A 51 0.36 -4.13 7.98
C GLU A 51 1.83 -4.16 7.56
N TYR A 52 2.17 -3.50 6.45
CA TYR A 52 3.55 -3.48 5.95
C TYR A 52 4.41 -2.42 6.62
N LEU A 53 3.85 -1.30 7.10
CA LEU A 53 4.54 -0.40 8.04
C LEU A 53 4.95 -1.14 9.31
N ASN A 54 4.07 -1.96 9.89
CA ASN A 54 4.40 -2.82 11.02
C ASN A 54 5.54 -3.79 10.68
N LYS A 55 5.54 -4.41 9.50
CA LYS A 55 6.60 -5.32 9.04
C LYS A 55 7.92 -4.61 8.78
N ILE A 56 7.88 -3.33 8.37
CA ILE A 56 9.06 -2.54 8.01
C ILE A 56 9.70 -1.88 9.24
N VAL A 57 8.92 -1.48 10.25
CA VAL A 57 9.49 -1.07 11.54
C VAL A 57 9.97 -2.27 12.37
N GLU A 58 9.20 -3.36 12.39
CA GLU A 58 9.48 -4.56 13.18
C GLU A 58 10.17 -5.68 12.37
N SER A 59 10.90 -5.34 11.31
CA SER A 59 11.81 -6.29 10.67
C SER A 59 13.06 -6.46 11.53
N THR A 60 13.46 -7.72 11.72
CA THR A 60 14.77 -8.07 12.29
C THR A 60 15.86 -8.25 11.23
N SER A 61 15.49 -8.21 9.94
CA SER A 61 16.32 -8.57 8.79
C SER A 61 16.41 -7.42 7.79
N GLU A 62 17.61 -7.07 7.33
CA GLU A 62 17.76 -5.87 6.49
C GLU A 62 17.26 -6.03 5.05
N SER A 63 17.75 -6.99 4.26
CA SER A 63 17.36 -7.09 2.84
C SER A 63 15.89 -7.50 2.66
N GLN A 64 15.28 -8.12 3.69
CA GLN A 64 13.84 -8.37 3.77
C GLN A 64 13.02 -7.08 3.65
N LEU A 65 13.52 -5.95 4.18
CA LEU A 65 12.88 -4.62 4.04
C LEU A 65 12.70 -4.23 2.57
N GLN A 66 13.65 -4.62 1.71
CA GLN A 66 13.59 -4.33 0.29
C GLN A 66 12.56 -5.22 -0.42
N ILE A 67 12.43 -6.48 -0.02
CA ILE A 67 11.44 -7.40 -0.60
C ILE A 67 10.01 -7.05 -0.15
N LEU A 68 9.83 -6.58 1.09
CA LEU A 68 8.54 -6.10 1.62
C LEU A 68 7.93 -4.98 0.75
N MET A 69 8.76 -4.20 0.02
CA MET A 69 8.27 -3.24 -0.97
C MET A 69 7.58 -3.93 -2.16
N MET A 70 8.15 -5.01 -2.69
CA MET A 70 7.60 -5.74 -3.83
C MET A 70 6.41 -6.64 -3.43
N GLU A 71 6.45 -7.25 -2.24
CA GLU A 71 5.30 -7.98 -1.71
C GLU A 71 4.11 -7.06 -1.43
N SER A 72 4.33 -5.92 -0.76
CA SER A 72 3.25 -4.96 -0.51
C SER A 72 2.68 -4.36 -1.80
N ARG A 73 3.53 -4.09 -2.82
CA ARG A 73 3.10 -3.71 -4.17
C ARG A 73 2.17 -4.76 -4.79
N SER A 74 2.52 -6.04 -4.72
CA SER A 74 1.69 -7.14 -5.23
C SER A 74 0.37 -7.29 -4.46
N LYS A 75 0.37 -7.05 -3.14
CA LYS A 75 -0.84 -7.07 -2.29
C LYS A 75 -1.77 -5.89 -2.58
N VAL A 76 -1.22 -4.69 -2.79
CA VAL A 76 -1.95 -3.49 -3.23
C VAL A 76 -2.57 -3.70 -4.61
N ASP A 77 -1.79 -4.17 -5.58
CA ASP A 77 -2.27 -4.38 -6.95
C ASP A 77 -3.22 -5.59 -7.08
N GLU A 78 -3.28 -6.46 -6.05
CA GLU A 78 -4.34 -7.47 -5.91
C GLU A 78 -5.66 -6.86 -5.44
N ALA A 79 -5.63 -5.96 -4.44
CA ALA A 79 -6.83 -5.26 -4.00
C ALA A 79 -7.42 -4.39 -5.11
N VAL A 80 -6.56 -3.70 -5.90
CA VAL A 80 -6.99 -3.03 -7.14
C VAL A 80 -7.59 -4.04 -8.11
N SER A 81 -6.84 -5.07 -8.51
CA SER A 81 -7.28 -6.08 -9.49
C SER A 81 -8.64 -6.70 -9.15
N LYS A 82 -8.92 -6.92 -7.86
CA LYS A 82 -10.14 -7.55 -7.38
C LYS A 82 -11.30 -6.56 -7.18
N PHE A 83 -11.07 -5.33 -6.70
CA PHE A 83 -12.12 -4.31 -6.59
C PHE A 83 -12.54 -3.75 -7.97
N GLU A 84 -11.66 -3.77 -8.97
CA GLU A 84 -11.94 -3.38 -10.37
C GLU A 84 -13.00 -4.26 -11.06
N LYS A 85 -13.38 -5.39 -10.43
CA LYS A 85 -14.31 -6.41 -10.95
C LYS A 85 -15.74 -6.17 -10.52
N LEU A 4 20.61 -1.48 8.50
CA LEU A 4 19.20 -1.92 8.34
C LEU A 4 18.18 -0.80 8.58
N ASP A 5 18.38 0.04 9.60
CA ASP A 5 17.66 1.27 9.93
C ASP A 5 17.41 2.23 8.75
N SER A 6 18.47 2.47 7.95
CA SER A 6 18.43 3.22 6.70
C SER A 6 17.54 2.55 5.65
N GLU A 7 17.58 1.22 5.61
CA GLU A 7 16.78 0.40 4.69
C GLU A 7 15.31 0.39 5.09
N ARG A 8 14.99 0.21 6.38
CA ARG A 8 13.60 0.23 6.89
C ARG A 8 12.95 1.61 6.83
N ASP A 9 13.74 2.67 6.73
CA ASP A 9 13.24 4.02 6.47
C ASP A 9 12.93 4.25 4.98
N LYS A 10 13.81 3.83 4.07
CA LYS A 10 13.53 3.99 2.63
C LYS A 10 12.47 3.00 2.13
N ALA A 11 12.47 1.77 2.64
CA ALA A 11 11.49 0.73 2.34
C ALA A 11 10.06 1.11 2.76
N ARG A 12 9.89 1.70 3.96
CA ARG A 12 8.58 2.19 4.39
C ARG A 12 8.12 3.36 3.51
N LYS A 13 9.04 4.22 3.06
CA LYS A 13 8.73 5.28 2.09
C LYS A 13 8.24 4.71 0.77
N GLU A 14 8.95 3.75 0.18
CA GLU A 14 8.61 3.16 -1.13
C GLU A 14 7.15 2.64 -1.17
N VAL A 15 6.72 1.93 -0.12
CA VAL A 15 5.31 1.48 -0.02
C VAL A 15 4.33 2.63 0.22
N GLU A 16 4.70 3.70 0.93
CA GLU A 16 3.89 4.93 1.02
C GLU A 16 3.81 5.69 -0.31
N GLU A 17 4.83 5.66 -1.18
CA GLU A 17 4.80 6.25 -2.53
C GLU A 17 3.83 5.50 -3.44
N TYR A 18 3.77 4.17 -3.33
CA TYR A 18 2.84 3.36 -4.12
C TYR A 18 1.39 3.47 -3.63
N VAL A 19 1.15 3.38 -2.31
CA VAL A 19 -0.21 3.55 -1.75
C VAL A 19 -0.76 4.96 -2.06
N LYS A 20 0.02 6.04 -1.90
CA LYS A 20 -0.49 7.39 -2.23
C LYS A 20 -0.78 7.58 -3.72
N LYS A 21 -0.04 6.91 -4.62
CA LYS A 21 -0.31 6.93 -6.06
C LYS A 21 -1.66 6.29 -6.36
N ILE A 22 -1.85 5.07 -5.86
CA ILE A 22 -3.04 4.26 -6.12
C ILE A 22 -4.29 4.87 -5.45
N VAL A 23 -4.17 5.45 -4.24
CA VAL A 23 -5.24 6.25 -3.61
C VAL A 23 -5.59 7.48 -4.45
N GLY A 24 -4.59 8.23 -4.94
CA GLY A 24 -4.81 9.42 -5.78
C GLY A 24 -5.52 9.10 -7.10
N GLU A 25 -5.10 8.05 -7.79
CA GLU A 25 -5.73 7.59 -9.03
C GLU A 25 -7.15 7.03 -8.79
N SER A 26 -7.38 6.35 -7.65
CA SER A 26 -8.71 5.90 -7.21
C SER A 26 -9.66 7.08 -7.01
N TYR A 27 -9.24 8.12 -6.29
CA TYR A 27 -10.07 9.31 -6.04
C TYR A 27 -10.46 10.07 -7.32
N ALA A 28 -9.63 10.00 -8.37
CA ALA A 28 -9.91 10.62 -9.66
C ALA A 28 -10.82 9.77 -10.57
N LYS A 29 -10.76 8.43 -10.53
CA LYS A 29 -11.67 7.54 -11.30
C LYS A 29 -12.99 7.24 -10.57
N SER A 30 -13.00 7.40 -9.25
CA SER A 30 -14.19 7.48 -8.39
C SER A 30 -15.23 8.45 -8.92
N THR A 31 -16.52 8.19 -8.65
CA THR A 31 -17.65 9.07 -8.99
C THR A 31 -18.82 8.81 -8.03
N LYS A 32 -19.67 9.80 -7.80
CA LYS A 32 -20.72 9.83 -6.76
C LYS A 32 -21.70 8.65 -6.75
N LYS A 33 -21.90 7.97 -7.90
CA LYS A 33 -22.69 6.74 -8.06
C LYS A 33 -22.08 5.51 -7.34
N ARG A 34 -20.78 5.55 -7.02
CA ARG A 34 -20.00 4.42 -6.45
C ARG A 34 -19.17 4.79 -5.21
N HIS A 35 -19.52 5.89 -4.53
CA HIS A 35 -18.70 6.51 -3.49
C HIS A 35 -18.31 5.58 -2.31
N THR A 36 -19.21 4.65 -1.95
CA THR A 36 -18.94 3.58 -0.96
C THR A 36 -17.80 2.65 -1.39
N ILE A 37 -17.71 2.33 -2.67
CA ILE A 37 -16.65 1.47 -3.22
C ILE A 37 -15.30 2.18 -3.17
N THR A 38 -15.26 3.49 -3.45
CA THR A 38 -14.05 4.31 -3.31
C THR A 38 -13.54 4.29 -1.87
N VAL A 39 -14.40 4.62 -0.89
CA VAL A 39 -13.96 4.65 0.52
C VAL A 39 -13.56 3.27 1.04
N ALA A 40 -14.19 2.19 0.56
CA ALA A 40 -13.78 0.82 0.88
C ALA A 40 -12.37 0.48 0.35
N LEU A 41 -12.08 0.74 -0.93
CA LEU A 41 -10.75 0.50 -1.51
C LEU A 41 -9.68 1.43 -0.90
N VAL A 42 -10.02 2.67 -0.57
CA VAL A 42 -9.11 3.62 0.11
C VAL A 42 -8.75 3.15 1.52
N ASN A 43 -9.72 2.59 2.26
CA ASN A 43 -9.43 1.95 3.54
C ASN A 43 -8.58 0.68 3.36
N GLU A 44 -8.83 -0.13 2.33
CA GLU A 44 -8.04 -1.34 2.05
C GLU A 44 -6.58 -0.98 1.70
N LEU A 45 -6.37 0.05 0.89
CA LEU A 45 -5.06 0.62 0.58
C LEU A 45 -4.30 1.07 1.84
N ASN A 46 -4.98 1.74 2.77
CA ASN A 46 -4.41 2.11 4.07
C ASN A 46 -4.23 0.91 5.03
N ASN A 47 -5.00 -0.17 4.89
CA ASN A 47 -4.95 -1.39 5.71
C ASN A 47 -3.65 -2.14 5.44
N ILE A 48 -3.31 -2.35 4.16
CA ILE A 48 -1.99 -2.89 3.77
C ILE A 48 -0.88 -1.94 4.20
N LYS A 49 -1.03 -0.62 3.97
CA LYS A 49 -0.01 0.35 4.37
C LYS A 49 0.27 0.28 5.87
N ASN A 50 -0.76 0.30 6.70
CA ASN A 50 -0.71 0.27 8.16
C ASN A 50 -0.02 -1.01 8.68
N GLU A 51 -0.43 -2.18 8.18
CA GLU A 51 0.19 -3.47 8.49
C GLU A 51 1.67 -3.49 8.08
N TYR A 52 1.99 -3.10 6.84
CA TYR A 52 3.36 -3.21 6.33
C TYR A 52 4.28 -2.13 6.90
N LEU A 53 3.79 -0.91 7.19
CA LEU A 53 4.51 0.09 8.00
C LEU A 53 4.94 -0.51 9.35
N ASN A 54 4.05 -1.26 10.01
CA ASN A 54 4.32 -1.92 11.29
C ASN A 54 5.32 -3.10 11.12
N LYS A 55 5.19 -3.91 10.06
CA LYS A 55 6.12 -5.03 9.76
C LYS A 55 7.52 -4.54 9.42
N ILE A 56 7.63 -3.39 8.75
CA ILE A 56 8.90 -2.82 8.29
C ILE A 56 9.69 -2.22 9.46
N VAL A 57 9.05 -1.48 10.38
CA VAL A 57 9.76 -0.98 11.58
C VAL A 57 10.15 -2.11 12.55
N GLU A 58 9.32 -3.16 12.64
CA GLU A 58 9.63 -4.34 13.46
C GLU A 58 10.55 -5.37 12.76
N SER A 59 11.01 -5.11 11.53
CA SER A 59 11.79 -6.08 10.76
C SER A 59 13.23 -6.21 11.26
N THR A 60 13.87 -7.31 10.87
CA THR A 60 15.15 -7.78 11.46
C THR A 60 16.35 -7.65 10.52
N SER A 61 16.14 -7.69 9.20
CA SER A 61 17.19 -7.82 8.19
C SER A 61 16.89 -7.05 6.91
N GLU A 62 17.91 -6.38 6.36
CA GLU A 62 17.86 -5.52 5.16
C GLU A 62 17.35 -6.25 3.90
N SER A 63 17.65 -7.53 3.76
CA SER A 63 17.12 -8.41 2.71
C SER A 63 15.60 -8.52 2.77
N GLN A 64 15.04 -8.88 3.92
CA GLN A 64 13.59 -9.03 4.08
C GLN A 64 12.88 -7.67 4.02
N LEU A 65 13.55 -6.59 4.47
CA LEU A 65 13.09 -5.21 4.31
C LEU A 65 12.92 -4.82 2.84
N GLN A 66 13.83 -5.24 1.94
CA GLN A 66 13.64 -5.03 0.51
C GLN A 66 12.42 -5.81 -0.03
N ILE A 67 12.22 -7.06 0.40
CA ILE A 67 11.09 -7.85 -0.10
C ILE A 67 9.74 -7.33 0.41
N LEU A 68 9.68 -6.81 1.64
CA LEU A 68 8.46 -6.18 2.18
C LEU A 68 7.93 -5.03 1.31
N MET A 69 8.79 -4.34 0.57
CA MET A 69 8.36 -3.36 -0.44
C MET A 69 7.55 -4.02 -1.56
N MET A 70 8.09 -5.08 -2.16
CA MET A 70 7.46 -5.82 -3.25
C MET A 70 6.22 -6.59 -2.80
N GLU A 71 6.23 -7.15 -1.58
CA GLU A 71 5.05 -7.76 -0.96
C GLU A 71 3.92 -6.74 -0.78
N SER A 72 4.20 -5.58 -0.18
CA SER A 72 3.14 -4.57 -0.01
C SER A 72 2.67 -4.02 -1.37
N ARG A 73 3.56 -3.87 -2.36
CA ARG A 73 3.21 -3.41 -3.71
C ARG A 73 2.35 -4.42 -4.47
N SER A 74 2.75 -5.69 -4.45
CA SER A 74 2.00 -6.83 -5.00
C SER A 74 0.59 -6.90 -4.40
N LYS A 75 0.49 -6.80 -3.07
CA LYS A 75 -0.80 -6.88 -2.36
C LYS A 75 -1.67 -5.62 -2.57
N VAL A 76 -1.08 -4.45 -2.81
CA VAL A 76 -1.80 -3.25 -3.29
C VAL A 76 -2.36 -3.45 -4.70
N ASP A 77 -1.57 -3.98 -5.62
CA ASP A 77 -2.02 -4.29 -6.98
C ASP A 77 -3.08 -5.42 -6.99
N GLU A 78 -3.01 -6.35 -6.04
CA GLU A 78 -4.05 -7.35 -5.78
C GLU A 78 -5.34 -6.71 -5.23
N ALA A 79 -5.26 -5.69 -4.36
CA ALA A 79 -6.42 -4.97 -3.86
C ALA A 79 -7.08 -4.13 -4.97
N VAL A 80 -6.29 -3.52 -5.86
CA VAL A 80 -6.78 -2.92 -7.10
C VAL A 80 -7.47 -3.97 -7.95
N SER A 81 -6.80 -5.09 -8.27
CA SER A 81 -7.38 -6.14 -9.12
C SER A 81 -8.67 -6.73 -8.55
N LYS A 82 -8.75 -6.94 -7.22
CA LYS A 82 -9.97 -7.37 -6.49
C LYS A 82 -11.15 -6.43 -6.68
N PHE A 83 -10.93 -5.12 -6.86
CA PHE A 83 -11.97 -4.11 -7.06
C PHE A 83 -12.21 -3.76 -8.54
N GLU A 84 -11.22 -3.90 -9.43
CA GLU A 84 -11.33 -3.62 -10.86
C GLU A 84 -12.12 -4.69 -11.64
N LYS A 85 -12.24 -5.91 -11.09
CA LYS A 85 -12.99 -7.03 -11.67
C LYS A 85 -14.48 -6.75 -11.84
N LEU A 4 20.53 -0.41 9.49
CA LEU A 4 19.20 -0.98 9.20
C LEU A 4 18.06 0.04 9.25
N ASP A 5 18.09 1.03 10.14
CA ASP A 5 17.02 2.01 10.36
C ASP A 5 16.72 2.90 9.14
N SER A 6 17.75 3.33 8.39
CA SER A 6 17.55 4.03 7.11
C SER A 6 17.11 3.07 5.99
N GLU A 7 17.46 1.79 6.06
CA GLU A 7 16.95 0.78 5.13
C GLU A 7 15.44 0.55 5.31
N ARG A 8 14.98 0.46 6.56
CA ARG A 8 13.54 0.37 6.85
C ARG A 8 12.84 1.69 6.52
N ASP A 9 13.52 2.83 6.64
CA ASP A 9 13.01 4.14 6.24
C ASP A 9 12.74 4.22 4.74
N LYS A 10 13.72 3.79 3.93
CA LYS A 10 13.61 3.72 2.47
C LYS A 10 12.42 2.84 2.08
N ALA A 11 12.29 1.67 2.70
CA ALA A 11 11.19 0.73 2.44
C ALA A 11 9.81 1.30 2.85
N ARG A 12 9.66 1.87 4.05
CA ARG A 12 8.36 2.45 4.48
C ARG A 12 7.95 3.63 3.59
N LYS A 13 8.88 4.50 3.21
CA LYS A 13 8.59 5.64 2.32
C LYS A 13 8.12 5.19 0.94
N GLU A 14 8.73 4.15 0.38
CA GLU A 14 8.36 3.65 -0.95
C GLU A 14 6.95 3.02 -0.97
N VAL A 15 6.62 2.20 0.03
CA VAL A 15 5.27 1.61 0.15
C VAL A 15 4.20 2.64 0.55
N GLU A 16 4.55 3.68 1.32
CA GLU A 16 3.67 4.83 1.54
C GLU A 16 3.36 5.53 0.23
N GLU A 17 4.35 5.85 -0.61
CA GLU A 17 4.10 6.43 -1.94
C GLU A 17 3.27 5.51 -2.84
N TYR A 18 3.51 4.18 -2.82
CA TYR A 18 2.75 3.24 -3.66
C TYR A 18 1.26 3.22 -3.28
N VAL A 19 0.93 3.24 -1.98
CA VAL A 19 -0.46 3.39 -1.50
C VAL A 19 -1.02 4.79 -1.80
N LYS A 20 -0.29 5.89 -1.52
CA LYS A 20 -0.76 7.26 -1.79
C LYS A 20 -1.00 7.50 -3.29
N LYS A 21 -0.21 6.85 -4.16
CA LYS A 21 -0.45 6.80 -5.61
C LYS A 21 -1.76 6.08 -5.92
N ILE A 22 -1.92 4.85 -5.44
CA ILE A 22 -3.04 3.99 -5.81
C ILE A 22 -4.38 4.44 -5.19
N VAL A 23 -4.36 5.17 -4.07
CA VAL A 23 -5.53 5.93 -3.57
C VAL A 23 -5.94 7.03 -4.55
N GLY A 24 -4.97 7.80 -5.07
CA GLY A 24 -5.20 8.84 -6.08
C GLY A 24 -5.65 8.29 -7.44
N GLU A 25 -5.15 7.13 -7.84
CA GLU A 25 -5.71 6.35 -8.95
C GLU A 25 -7.16 5.96 -8.67
N SER A 26 -7.46 5.42 -7.49
CA SER A 26 -8.81 4.93 -7.18
C SER A 26 -9.88 6.03 -7.19
N TYR A 27 -9.55 7.25 -6.77
CA TYR A 27 -10.44 8.41 -6.93
C TYR A 27 -10.58 8.85 -8.39
N ALA A 28 -9.51 8.83 -9.20
CA ALA A 28 -9.58 9.12 -10.63
C ALA A 28 -10.40 8.08 -11.43
N LYS A 29 -10.34 6.81 -11.02
CA LYS A 29 -11.04 5.66 -11.61
C LYS A 29 -12.48 5.49 -11.07
N SER A 30 -13.03 6.48 -10.38
CA SER A 30 -14.39 6.44 -9.81
C SER A 30 -15.09 7.82 -9.89
N THR A 31 -16.09 8.05 -9.03
CA THR A 31 -17.05 9.18 -9.10
C THR A 31 -17.52 9.53 -7.68
N LYS A 32 -17.90 10.79 -7.39
CA LYS A 32 -18.47 11.17 -6.08
C LYS A 32 -19.77 10.40 -5.75
N LYS A 33 -20.62 10.18 -6.75
CA LYS A 33 -21.81 9.30 -6.68
C LYS A 33 -21.47 7.84 -6.33
N ARG A 34 -20.20 7.44 -6.50
CA ARG A 34 -19.62 6.11 -6.24
C ARG A 34 -18.64 6.08 -5.06
N HIS A 35 -18.53 7.17 -4.28
CA HIS A 35 -17.55 7.30 -3.19
C HIS A 35 -17.60 6.12 -2.20
N THR A 36 -18.77 5.50 -1.98
CA THR A 36 -18.92 4.34 -1.06
C THR A 36 -18.00 3.18 -1.46
N ILE A 37 -17.83 2.95 -2.76
CA ILE A 37 -16.96 1.91 -3.32
C ILE A 37 -15.50 2.33 -3.15
N THR A 38 -15.18 3.59 -3.47
CA THR A 38 -13.82 4.13 -3.35
C THR A 38 -13.34 4.16 -1.89
N VAL A 39 -14.20 4.55 -0.95
CA VAL A 39 -13.93 4.58 0.50
C VAL A 39 -13.62 3.18 1.04
N ALA A 40 -14.24 2.12 0.51
CA ALA A 40 -13.88 0.74 0.85
C ALA A 40 -12.48 0.36 0.35
N LEU A 41 -12.18 0.62 -0.92
CA LEU A 41 -10.86 0.36 -1.51
C LEU A 41 -9.75 1.18 -0.83
N VAL A 42 -10.02 2.42 -0.44
CA VAL A 42 -9.09 3.30 0.28
C VAL A 42 -8.89 2.88 1.74
N ASN A 43 -9.94 2.38 2.39
CA ASN A 43 -9.79 1.71 3.70
C ASN A 43 -8.85 0.50 3.61
N GLU A 44 -8.97 -0.30 2.56
CA GLU A 44 -8.12 -1.47 2.35
C GLU A 44 -6.67 -1.07 2.03
N LEU A 45 -6.47 -0.08 1.16
CA LEU A 45 -5.15 0.51 0.87
C LEU A 45 -4.46 1.03 2.15
N ASN A 46 -5.20 1.64 3.07
CA ASN A 46 -4.69 2.00 4.40
C ASN A 46 -4.37 0.77 5.27
N ASN A 47 -5.17 -0.29 5.20
CA ASN A 47 -5.01 -1.48 6.03
C ASN A 47 -3.71 -2.20 5.65
N ILE A 48 -3.45 -2.35 4.35
CA ILE A 48 -2.20 -2.89 3.81
C ILE A 48 -1.02 -2.01 4.20
N LYS A 49 -1.12 -0.69 4.04
CA LYS A 49 -0.03 0.24 4.40
C LYS A 49 0.39 0.06 5.86
N ASN A 50 -0.58 0.10 6.77
CA ASN A 50 -0.28 0.17 8.20
C ASN A 50 -0.03 -1.19 8.84
N GLU A 51 -0.48 -2.27 8.18
CA GLU A 51 0.08 -3.61 8.40
C GLU A 51 1.59 -3.59 8.07
N TYR A 52 1.96 -3.16 6.86
CA TYR A 52 3.35 -3.20 6.41
C TYR A 52 4.26 -2.22 7.17
N LEU A 53 3.76 -1.10 7.68
CA LEU A 53 4.50 -0.25 8.62
C LEU A 53 4.93 -1.02 9.88
N ASN A 54 4.12 -1.96 10.39
CA ASN A 54 4.56 -2.89 11.44
C ASN A 54 5.57 -3.92 10.89
N LYS A 55 5.32 -4.56 9.73
CA LYS A 55 6.22 -5.57 9.17
C LYS A 55 7.62 -5.02 8.85
N ILE A 56 7.71 -3.72 8.59
CA ILE A 56 8.92 -2.97 8.22
C ILE A 56 9.62 -2.39 9.45
N VAL A 57 8.89 -1.79 10.42
CA VAL A 57 9.52 -1.34 11.68
C VAL A 57 10.06 -2.50 12.50
N GLU A 58 9.37 -3.64 12.48
CA GLU A 58 9.83 -4.86 13.16
C GLU A 58 10.78 -5.72 12.33
N SER A 59 11.20 -5.21 11.16
CA SER A 59 12.29 -5.80 10.40
C SER A 59 13.66 -5.40 10.94
N THR A 60 14.62 -6.29 10.73
CA THR A 60 15.96 -6.26 11.34
C THR A 60 17.09 -6.61 10.34
N SER A 61 16.72 -6.86 9.06
CA SER A 61 17.62 -7.41 8.02
C SER A 61 17.38 -6.75 6.66
N GLU A 62 18.42 -6.13 6.09
CA GLU A 62 18.31 -5.32 4.86
C GLU A 62 17.80 -6.09 3.64
N SER A 63 18.32 -7.30 3.42
CA SER A 63 17.98 -8.14 2.26
C SER A 63 16.57 -8.71 2.33
N GLN A 64 15.88 -8.59 3.47
CA GLN A 64 14.46 -8.87 3.61
C GLN A 64 13.61 -7.60 3.49
N LEU A 65 14.07 -6.48 4.08
CA LEU A 65 13.41 -5.18 4.02
C LEU A 65 13.09 -4.72 2.59
N GLN A 66 14.03 -4.92 1.66
CA GLN A 66 13.81 -4.57 0.26
C GLN A 66 12.72 -5.44 -0.40
N ILE A 67 12.44 -6.63 0.13
CA ILE A 67 11.39 -7.53 -0.37
C ILE A 67 10.00 -7.20 0.20
N LEU A 68 9.91 -6.68 1.43
CA LEU A 68 8.64 -6.19 2.00
C LEU A 68 7.98 -5.14 1.07
N MET A 69 8.76 -4.39 0.30
CA MET A 69 8.26 -3.50 -0.75
C MET A 69 7.45 -4.26 -1.80
N MET A 70 7.99 -5.36 -2.36
CA MET A 70 7.33 -6.18 -3.37
C MET A 70 6.16 -7.00 -2.80
N GLU A 71 6.33 -7.59 -1.61
CA GLU A 71 5.25 -8.30 -0.90
C GLU A 71 4.05 -7.39 -0.60
N SER A 72 4.29 -6.09 -0.33
CA SER A 72 3.21 -5.09 -0.22
C SER A 72 2.61 -4.71 -1.58
N ARG A 73 3.45 -4.54 -2.63
CA ARG A 73 3.05 -4.07 -3.96
C ARG A 73 2.11 -5.04 -4.67
N SER A 74 2.35 -6.33 -4.49
CA SER A 74 1.40 -7.36 -4.92
C SER A 74 0.02 -7.14 -4.31
N LYS A 75 -0.06 -6.93 -2.98
CA LYS A 75 -1.33 -6.70 -2.26
C LYS A 75 -2.02 -5.39 -2.66
N VAL A 76 -1.27 -4.32 -2.90
CA VAL A 76 -1.83 -3.02 -3.27
C VAL A 76 -2.49 -3.07 -4.65
N ASP A 77 -1.81 -3.66 -5.63
CA ASP A 77 -2.42 -3.90 -6.95
C ASP A 77 -3.50 -4.99 -6.91
N GLU A 78 -3.40 -5.97 -6.00
CA GLU A 78 -4.43 -7.01 -5.79
C GLU A 78 -5.75 -6.45 -5.22
N ALA A 79 -5.66 -5.47 -4.31
CA ALA A 79 -6.83 -4.75 -3.80
C ALA A 79 -7.58 -4.05 -4.95
N VAL A 80 -6.87 -3.39 -5.86
CA VAL A 80 -7.46 -2.85 -7.09
C VAL A 80 -7.95 -3.97 -8.02
N SER A 81 -7.18 -5.06 -8.14
CA SER A 81 -7.50 -6.26 -8.95
C SER A 81 -8.84 -6.87 -8.57
N LYS A 82 -9.24 -6.81 -7.30
CA LYS A 82 -10.58 -7.24 -6.82
C LYS A 82 -11.69 -6.29 -7.25
N PHE A 83 -11.46 -4.98 -7.25
CA PHE A 83 -12.49 -3.98 -7.57
C PHE A 83 -12.65 -3.75 -9.09
N GLU A 84 -11.63 -4.09 -9.89
CA GLU A 84 -11.57 -3.81 -11.33
C GLU A 84 -12.06 -4.95 -12.26
N LYS A 85 -12.65 -6.03 -11.72
CA LYS A 85 -13.35 -7.06 -12.53
C LYS A 85 -14.63 -6.56 -13.20
N LEU A 4 20.79 -0.26 7.69
CA LEU A 4 19.54 -1.02 7.97
C LEU A 4 18.34 -0.12 8.31
N ASP A 5 18.47 0.89 9.17
CA ASP A 5 17.35 1.73 9.62
C ASP A 5 17.10 2.92 8.67
N SER A 6 18.16 3.56 8.20
CA SER A 6 18.11 4.49 7.06
C SER A 6 17.60 3.83 5.77
N GLU A 7 17.66 2.50 5.68
CA GLU A 7 17.01 1.68 4.66
C GLU A 7 15.51 1.50 4.93
N ARG A 8 15.15 0.94 6.09
CA ARG A 8 13.75 0.64 6.42
C ARG A 8 12.87 1.89 6.51
N ASP A 9 13.45 3.05 6.82
CA ASP A 9 12.74 4.34 6.79
C ASP A 9 12.34 4.77 5.38
N LYS A 10 13.12 4.36 4.37
CA LYS A 10 12.75 4.52 2.97
C LYS A 10 11.72 3.47 2.56
N ALA A 11 11.93 2.20 2.96
CA ALA A 11 11.08 1.07 2.61
C ALA A 11 9.61 1.29 3.03
N ARG A 12 9.39 1.85 4.23
CA ARG A 12 8.03 2.17 4.71
C ARG A 12 7.37 3.30 3.91
N LYS A 13 8.16 4.24 3.39
CA LYS A 13 7.70 5.40 2.63
C LYS A 13 7.44 5.04 1.17
N GLU A 14 8.24 4.16 0.58
CA GLU A 14 8.03 3.62 -0.76
C GLU A 14 6.66 2.94 -0.90
N VAL A 15 6.24 2.17 0.11
CA VAL A 15 4.90 1.55 0.10
C VAL A 15 3.78 2.58 0.35
N GLU A 16 4.03 3.68 1.06
CA GLU A 16 3.11 4.83 1.09
C GLU A 16 2.99 5.49 -0.30
N GLU A 17 4.08 5.65 -1.05
CA GLU A 17 4.09 6.24 -2.39
C GLU A 17 3.47 5.33 -3.48
N TYR A 18 3.26 4.05 -3.18
CA TYR A 18 2.31 3.21 -3.93
C TYR A 18 0.88 3.46 -3.44
N VAL A 19 0.58 3.22 -2.16
CA VAL A 19 -0.79 3.34 -1.59
C VAL A 19 -1.43 4.71 -1.85
N LYS A 20 -0.78 5.84 -1.54
CA LYS A 20 -1.36 7.18 -1.72
C LYS A 20 -1.64 7.50 -3.20
N LYS A 21 -0.79 7.02 -4.10
CA LYS A 21 -0.97 7.19 -5.55
C LYS A 21 -2.10 6.31 -6.06
N ILE A 22 -2.14 5.06 -5.64
CA ILE A 22 -3.19 4.10 -5.98
C ILE A 22 -4.55 4.57 -5.45
N VAL A 23 -4.61 5.21 -4.27
CA VAL A 23 -5.80 5.93 -3.77
C VAL A 23 -6.20 7.07 -4.72
N GLY A 24 -5.27 7.97 -5.07
CA GLY A 24 -5.54 9.10 -5.97
C GLY A 24 -6.01 8.69 -7.37
N GLU A 25 -5.43 7.64 -7.95
CA GLU A 25 -5.82 7.08 -9.24
C GLU A 25 -7.13 6.25 -9.13
N SER A 26 -7.41 5.61 -7.98
CA SER A 26 -8.70 4.97 -7.73
C SER A 26 -9.82 5.96 -7.35
N TYR A 27 -9.51 7.25 -7.16
CA TYR A 27 -10.49 8.33 -7.27
C TYR A 27 -10.65 8.81 -8.73
N ALA A 28 -9.60 8.76 -9.56
CA ALA A 28 -9.68 9.13 -10.97
C ALA A 28 -10.51 8.15 -11.82
N LYS A 29 -10.51 6.84 -11.51
CA LYS A 29 -11.42 5.84 -12.11
C LYS A 29 -12.78 5.67 -11.42
N SER A 30 -13.18 6.65 -10.60
CA SER A 30 -14.47 6.71 -9.87
C SER A 30 -15.18 8.05 -10.09
N THR A 31 -16.36 8.23 -9.51
CA THR A 31 -17.10 9.51 -9.39
C THR A 31 -17.49 9.72 -7.93
N LYS A 32 -17.71 10.96 -7.48
CA LYS A 32 -18.21 11.30 -6.12
C LYS A 32 -19.40 10.45 -5.66
N LYS A 33 -20.41 10.25 -6.50
CA LYS A 33 -21.54 9.33 -6.23
C LYS A 33 -21.10 7.90 -5.89
N ARG A 34 -20.03 7.41 -6.52
CA ARG A 34 -19.39 6.10 -6.30
C ARG A 34 -18.24 6.13 -5.28
N HIS A 35 -18.03 7.22 -4.52
CA HIS A 35 -16.94 7.33 -3.54
C HIS A 35 -16.91 6.14 -2.56
N THR A 36 -18.07 5.58 -2.23
CA THR A 36 -18.28 4.38 -1.41
C THR A 36 -17.34 3.23 -1.79
N ILE A 37 -17.15 2.98 -3.08
CA ILE A 37 -16.26 1.93 -3.61
C ILE A 37 -14.80 2.27 -3.33
N THR A 38 -14.39 3.52 -3.63
CA THR A 38 -13.02 3.98 -3.39
C THR A 38 -12.71 4.08 -1.89
N VAL A 39 -13.65 4.46 -1.03
CA VAL A 39 -13.49 4.47 0.43
C VAL A 39 -13.28 3.05 0.98
N ALA A 40 -14.05 2.07 0.51
CA ALA A 40 -13.86 0.67 0.89
C ALA A 40 -12.48 0.13 0.46
N LEU A 41 -11.98 0.53 -0.71
CA LEU A 41 -10.63 0.21 -1.16
C LEU A 41 -9.54 1.02 -0.43
N VAL A 42 -9.77 2.29 -0.07
CA VAL A 42 -8.86 3.12 0.77
C VAL A 42 -8.64 2.47 2.12
N ASN A 43 -9.69 1.97 2.74
CA ASN A 43 -9.62 1.26 4.02
C ASN A 43 -8.75 -0.02 3.91
N GLU A 44 -8.78 -0.71 2.76
CA GLU A 44 -7.91 -1.86 2.49
C GLU A 44 -6.46 -1.43 2.18
N LEU A 45 -6.26 -0.42 1.33
CA LEU A 45 -4.95 0.13 1.00
C LEU A 45 -4.21 0.60 2.26
N ASN A 46 -4.93 1.22 3.20
CA ASN A 46 -4.41 1.58 4.51
C ASN A 46 -4.14 0.37 5.42
N ASN A 47 -4.90 -0.73 5.33
CA ASN A 47 -4.68 -1.98 6.05
C ASN A 47 -3.34 -2.60 5.65
N ILE A 48 -3.06 -2.74 4.35
CA ILE A 48 -1.76 -3.24 3.86
C ILE A 48 -0.65 -2.28 4.26
N LYS A 49 -0.82 -0.96 4.05
CA LYS A 49 0.14 0.08 4.44
C LYS A 49 0.48 -0.03 5.93
N ASN A 50 -0.51 -0.16 6.80
CA ASN A 50 -0.37 -0.27 8.25
C ASN A 50 0.34 -1.58 8.67
N GLU A 51 -0.06 -2.73 8.12
CA GLU A 51 0.58 -4.01 8.40
C GLU A 51 2.06 -3.99 7.98
N TYR A 52 2.35 -3.41 6.82
CA TYR A 52 3.71 -3.34 6.30
C TYR A 52 4.54 -2.26 6.98
N LEU A 53 3.97 -1.10 7.35
CA LEU A 53 4.60 -0.11 8.25
C LEU A 53 5.09 -0.77 9.55
N ASN A 54 4.27 -1.64 10.16
CA ASN A 54 4.62 -2.33 11.40
C ASN A 54 5.69 -3.41 11.17
N LYS A 55 5.60 -4.16 10.06
CA LYS A 55 6.66 -5.11 9.64
C LYS A 55 8.00 -4.41 9.38
N ILE A 56 7.98 -3.21 8.83
CA ILE A 56 9.17 -2.51 8.37
C ILE A 56 9.91 -1.80 9.53
N VAL A 57 9.22 -1.40 10.59
CA VAL A 57 9.89 -1.02 11.85
C VAL A 57 10.36 -2.24 12.65
N GLU A 58 9.58 -3.33 12.68
CA GLU A 58 9.87 -4.48 13.55
C GLU A 58 10.67 -5.63 12.90
N SER A 59 11.02 -5.53 11.61
CA SER A 59 11.85 -6.49 10.90
C SER A 59 13.26 -6.54 11.51
N THR A 60 13.83 -7.73 11.50
CA THR A 60 15.20 -8.02 11.93
C THR A 60 16.08 -8.51 10.76
N SER A 61 15.61 -8.32 9.51
CA SER A 61 16.24 -8.81 8.28
C SER A 61 16.24 -7.71 7.20
N GLU A 62 17.43 -7.21 6.82
CA GLU A 62 17.57 -6.13 5.84
C GLU A 62 17.27 -6.56 4.38
N SER A 63 17.49 -7.83 4.06
CA SER A 63 17.04 -8.44 2.81
C SER A 63 15.52 -8.39 2.68
N GLN A 64 14.81 -8.94 3.67
CA GLN A 64 13.35 -8.93 3.76
C GLN A 64 12.78 -7.50 3.72
N LEU A 65 13.45 -6.51 4.32
CA LEU A 65 13.02 -5.11 4.28
C LEU A 65 12.87 -4.56 2.85
N GLN A 66 13.78 -4.92 1.94
CA GLN A 66 13.64 -4.50 0.55
C GLN A 66 12.58 -5.31 -0.21
N ILE A 67 12.41 -6.61 0.08
CA ILE A 67 11.37 -7.40 -0.59
C ILE A 67 9.96 -7.01 -0.12
N LEU A 68 9.80 -6.59 1.15
CA LEU A 68 8.53 -6.10 1.69
C LEU A 68 7.96 -4.92 0.89
N MET A 69 8.80 -4.12 0.22
CA MET A 69 8.33 -3.09 -0.73
C MET A 69 7.62 -3.70 -1.94
N MET A 70 8.23 -4.72 -2.55
CA MET A 70 7.71 -5.40 -3.75
C MET A 70 6.47 -6.25 -3.42
N GLU A 71 6.49 -6.90 -2.26
CA GLU A 71 5.34 -7.61 -1.70
C GLU A 71 4.18 -6.65 -1.43
N SER A 72 4.38 -5.54 -0.70
CA SER A 72 3.29 -4.58 -0.47
C SER A 72 2.77 -3.99 -1.78
N ARG A 73 3.66 -3.67 -2.73
CA ARG A 73 3.29 -3.24 -4.09
C ARG A 73 2.37 -4.26 -4.76
N SER A 74 2.74 -5.55 -4.79
CA SER A 74 1.92 -6.58 -5.42
C SER A 74 0.62 -6.89 -4.66
N LYS A 75 0.62 -6.82 -3.32
CA LYS A 75 -0.57 -6.99 -2.48
C LYS A 75 -1.59 -5.85 -2.72
N VAL A 76 -1.11 -4.61 -2.86
CA VAL A 76 -1.89 -3.43 -3.26
C VAL A 76 -2.44 -3.56 -4.68
N ASP A 77 -1.60 -3.96 -5.63
CA ASP A 77 -1.99 -4.10 -7.04
C ASP A 77 -3.09 -5.16 -7.21
N GLU A 78 -2.99 -6.28 -6.49
CA GLU A 78 -4.05 -7.28 -6.43
C GLU A 78 -5.31 -6.74 -5.74
N ALA A 79 -5.20 -5.95 -4.66
CA ALA A 79 -6.34 -5.36 -3.99
C ALA A 79 -7.13 -4.41 -4.90
N VAL A 80 -6.44 -3.64 -5.76
CA VAL A 80 -7.09 -2.86 -6.84
C VAL A 80 -7.84 -3.78 -7.79
N SER A 81 -7.18 -4.82 -8.30
CA SER A 81 -7.78 -5.78 -9.25
C SER A 81 -9.00 -6.52 -8.65
N LYS A 82 -8.96 -6.82 -7.35
CA LYS A 82 -10.05 -7.42 -6.55
C LYS A 82 -11.27 -6.51 -6.39
N PHE A 83 -11.13 -5.21 -6.69
CA PHE A 83 -12.20 -4.21 -6.81
C PHE A 83 -12.53 -3.81 -8.26
N GLU A 84 -11.71 -4.15 -9.26
CA GLU A 84 -11.97 -3.80 -10.68
C GLU A 84 -13.09 -4.62 -11.33
N LYS A 85 -13.45 -5.79 -10.77
CA LYS A 85 -14.44 -6.71 -11.30
C LYS A 85 -15.29 -7.38 -10.22
N LEU A 4 20.52 -1.38 7.81
CA LEU A 4 19.17 -1.90 8.16
C LEU A 4 18.17 -0.75 8.31
N ASP A 5 18.40 0.22 9.19
CA ASP A 5 17.43 1.28 9.50
C ASP A 5 17.19 2.27 8.34
N SER A 6 18.21 2.66 7.59
CA SER A 6 18.02 3.36 6.31
C SER A 6 17.26 2.50 5.28
N GLU A 7 17.37 1.17 5.40
CA GLU A 7 16.63 0.23 4.57
C GLU A 7 15.15 0.14 4.94
N ARG A 8 14.81 0.22 6.23
CA ARG A 8 13.41 0.30 6.66
C ARG A 8 12.82 1.67 6.34
N ASP A 9 13.63 2.73 6.37
CA ASP A 9 13.15 4.08 6.06
C ASP A 9 12.87 4.27 4.56
N LYS A 10 13.76 3.77 3.69
CA LYS A 10 13.46 3.78 2.26
C LYS A 10 12.24 2.89 1.94
N ALA A 11 12.15 1.72 2.57
CA ALA A 11 11.04 0.78 2.34
C ALA A 11 9.69 1.35 2.77
N ARG A 12 9.58 1.91 4.00
CA ARG A 12 8.32 2.54 4.45
C ARG A 12 7.94 3.76 3.60
N LYS A 13 8.92 4.56 3.17
CA LYS A 13 8.70 5.73 2.31
C LYS A 13 8.21 5.33 0.91
N GLU A 14 8.76 4.26 0.35
CA GLU A 14 8.38 3.69 -0.95
C GLU A 14 6.92 3.17 -0.97
N VAL A 15 6.52 2.45 0.08
CA VAL A 15 5.16 1.89 0.17
C VAL A 15 4.12 2.96 0.56
N GLU A 16 4.53 3.98 1.33
CA GLU A 16 3.76 5.20 1.59
C GLU A 16 3.41 5.94 0.29
N GLU A 17 4.41 6.26 -0.55
CA GLU A 17 4.17 6.98 -1.80
C GLU A 17 3.29 6.19 -2.79
N TYR A 18 3.43 4.85 -2.84
CA TYR A 18 2.59 4.02 -3.69
C TYR A 18 1.13 3.95 -3.20
N VAL A 19 0.89 3.77 -1.89
CA VAL A 19 -0.47 3.80 -1.30
C VAL A 19 -1.16 5.15 -1.54
N LYS A 20 -0.52 6.30 -1.25
CA LYS A 20 -1.15 7.61 -1.53
C LYS A 20 -1.38 7.85 -3.03
N LYS A 21 -0.49 7.35 -3.91
CA LYS A 21 -0.63 7.53 -5.35
C LYS A 21 -1.79 6.69 -5.88
N ILE A 22 -1.93 5.45 -5.40
CA ILE A 22 -2.99 4.52 -5.79
C ILE A 22 -4.35 4.92 -5.19
N VAL A 23 -4.40 5.58 -4.02
CA VAL A 23 -5.59 6.32 -3.58
C VAL A 23 -5.96 7.42 -4.59
N GLY A 24 -4.97 8.17 -5.09
CA GLY A 24 -5.16 9.14 -6.17
C GLY A 24 -5.68 8.52 -7.48
N GLU A 25 -5.14 7.38 -7.90
CA GLU A 25 -5.63 6.61 -9.06
C GLU A 25 -7.06 6.09 -8.85
N SER A 26 -7.43 5.76 -7.60
CA SER A 26 -8.82 5.41 -7.25
C SER A 26 -9.76 6.62 -7.47
N TYR A 27 -9.39 7.81 -6.99
CA TYR A 27 -10.10 9.07 -7.28
C TYR A 27 -9.91 9.59 -8.72
N ALA A 28 -9.17 8.88 -9.58
CA ALA A 28 -9.17 9.10 -11.03
C ALA A 28 -10.16 8.17 -11.75
N LYS A 29 -10.32 6.92 -11.30
CA LYS A 29 -11.23 5.93 -11.95
C LYS A 29 -12.63 5.82 -11.33
N SER A 30 -12.87 6.34 -10.12
CA SER A 30 -14.17 6.26 -9.45
C SER A 30 -15.10 7.45 -9.75
N THR A 31 -16.27 7.46 -9.11
CA THR A 31 -17.38 8.42 -9.29
C THR A 31 -18.10 8.63 -7.96
N LYS A 32 -18.79 9.78 -7.79
CA LYS A 32 -19.80 10.04 -6.75
C LYS A 32 -20.75 8.85 -6.53
N LYS A 33 -21.22 8.20 -7.61
CA LYS A 33 -22.12 7.02 -7.55
C LYS A 33 -21.47 5.80 -6.89
N ARG A 34 -20.13 5.75 -6.82
CA ARG A 34 -19.30 4.71 -6.20
C ARG A 34 -18.41 5.24 -5.07
N HIS A 35 -18.82 6.31 -4.39
CA HIS A 35 -18.09 6.86 -3.24
C HIS A 35 -17.79 5.77 -2.19
N THR A 36 -18.78 4.92 -1.85
CA THR A 36 -18.61 3.72 -1.00
C THR A 36 -17.41 2.86 -1.40
N ILE A 37 -17.31 2.49 -2.68
CA ILE A 37 -16.27 1.58 -3.19
C ILE A 37 -14.90 2.24 -3.10
N THR A 38 -14.85 3.57 -3.31
CA THR A 38 -13.65 4.39 -3.16
C THR A 38 -13.20 4.46 -1.69
N VAL A 39 -14.14 4.66 -0.74
CA VAL A 39 -13.87 4.64 0.71
C VAL A 39 -13.42 3.26 1.20
N ALA A 40 -14.03 2.18 0.70
CA ALA A 40 -13.61 0.82 1.01
C ALA A 40 -12.18 0.54 0.52
N LEU A 41 -11.85 0.89 -0.72
CA LEU A 41 -10.48 0.72 -1.26
C LEU A 41 -9.47 1.64 -0.54
N VAL A 42 -9.85 2.85 -0.14
CA VAL A 42 -9.03 3.73 0.71
C VAL A 42 -8.68 3.06 2.04
N ASN A 43 -9.66 2.49 2.73
CA ASN A 43 -9.44 1.80 3.99
C ASN A 43 -8.63 0.50 3.80
N GLU A 44 -8.76 -0.18 2.67
CA GLU A 44 -7.95 -1.36 2.32
C GLU A 44 -6.48 -0.98 2.06
N LEU A 45 -6.24 0.05 1.23
CA LEU A 45 -4.90 0.58 0.99
C LEU A 45 -4.22 1.04 2.30
N ASN A 46 -4.99 1.60 3.24
CA ASN A 46 -4.50 1.92 4.58
C ASN A 46 -4.30 0.68 5.49
N ASN A 47 -5.02 -0.42 5.29
CA ASN A 47 -4.88 -1.67 6.03
C ASN A 47 -3.58 -2.36 5.63
N ILE A 48 -3.35 -2.47 4.32
CA ILE A 48 -2.10 -2.97 3.73
C ILE A 48 -0.92 -2.09 4.16
N LYS A 49 -1.08 -0.76 4.13
CA LYS A 49 -0.05 0.17 4.61
C LYS A 49 0.28 -0.04 6.08
N ASN A 50 -0.73 -0.02 6.97
CA ASN A 50 -0.56 -0.22 8.40
C ASN A 50 0.08 -1.59 8.72
N GLU A 51 -0.38 -2.67 8.08
CA GLU A 51 0.18 -4.02 8.23
C GLU A 51 1.67 -4.04 7.85
N TYR A 52 2.02 -3.54 6.67
CA TYR A 52 3.40 -3.59 6.19
C TYR A 52 4.31 -2.54 6.83
N LEU A 53 3.82 -1.38 7.25
CA LEU A 53 4.57 -0.44 8.12
C LEU A 53 4.94 -1.12 9.45
N ASN A 54 4.03 -1.87 10.07
CA ASN A 54 4.33 -2.57 11.32
C ASN A 54 5.31 -3.73 11.12
N LYS A 55 5.36 -4.36 9.93
CA LYS A 55 6.38 -5.34 9.56
C LYS A 55 7.73 -4.65 9.38
N ILE A 56 7.76 -3.57 8.61
CA ILE A 56 8.97 -2.81 8.23
C ILE A 56 9.66 -2.21 9.46
N VAL A 57 8.92 -1.64 10.43
CA VAL A 57 9.54 -1.03 11.62
C VAL A 57 10.22 -2.05 12.55
N GLU A 58 9.70 -3.27 12.61
CA GLU A 58 10.20 -4.39 13.44
C GLU A 58 11.13 -5.35 12.66
N SER A 59 11.42 -5.07 11.38
CA SER A 59 12.18 -5.98 10.51
C SER A 59 13.65 -6.03 10.86
N THR A 60 14.05 -7.14 11.49
CA THR A 60 15.42 -7.40 11.96
C THR A 60 16.37 -7.92 10.85
N SER A 61 16.14 -7.50 9.60
CA SER A 61 16.90 -7.93 8.39
C SER A 61 16.71 -6.97 7.21
N GLU A 62 17.80 -6.46 6.62
CA GLU A 62 17.74 -5.53 5.47
C GLU A 62 17.32 -6.19 4.14
N SER A 63 17.62 -7.48 3.99
CA SER A 63 17.14 -8.34 2.90
C SER A 63 15.61 -8.37 2.88
N GLN A 64 15.00 -8.82 3.98
CA GLN A 64 13.55 -8.85 4.18
C GLN A 64 12.90 -7.48 3.97
N LEU A 65 13.53 -6.40 4.45
CA LEU A 65 13.04 -5.03 4.29
C LEU A 65 12.83 -4.63 2.83
N GLN A 66 13.74 -5.02 1.93
CA GLN A 66 13.56 -4.78 0.51
C GLN A 66 12.40 -5.62 -0.06
N ILE A 67 12.24 -6.88 0.36
CA ILE A 67 11.16 -7.73 -0.17
C ILE A 67 9.78 -7.27 0.29
N LEU A 68 9.65 -6.72 1.50
CA LEU A 68 8.39 -6.14 1.98
C LEU A 68 7.86 -5.00 1.10
N MET A 69 8.73 -4.29 0.37
CA MET A 69 8.30 -3.33 -0.66
C MET A 69 7.55 -4.03 -1.81
N MET A 70 8.14 -5.10 -2.36
CA MET A 70 7.55 -5.87 -3.47
C MET A 70 6.29 -6.62 -3.05
N GLU A 71 6.29 -7.24 -1.87
CA GLU A 71 5.12 -7.94 -1.32
C GLU A 71 3.95 -6.98 -1.04
N SER A 72 4.20 -5.83 -0.41
CA SER A 72 3.15 -4.83 -0.19
C SER A 72 2.67 -4.21 -1.52
N ARG A 73 3.56 -3.99 -2.50
CA ARG A 73 3.19 -3.56 -3.85
C ARG A 73 2.26 -4.58 -4.52
N SER A 74 2.56 -5.88 -4.41
CA SER A 74 1.70 -6.95 -4.91
C SER A 74 0.33 -6.95 -4.24
N LYS A 75 0.22 -6.72 -2.93
CA LYS A 75 -1.08 -6.58 -2.22
C LYS A 75 -1.87 -5.35 -2.67
N VAL A 76 -1.21 -4.21 -2.87
CA VAL A 76 -1.85 -2.98 -3.35
C VAL A 76 -2.41 -3.17 -4.76
N ASP A 77 -1.66 -3.79 -5.66
CA ASP A 77 -2.11 -4.09 -7.02
C ASP A 77 -3.21 -5.17 -7.04
N GLU A 78 -3.08 -6.22 -6.21
CA GLU A 78 -4.11 -7.25 -5.98
C GLU A 78 -5.44 -6.63 -5.53
N ALA A 79 -5.39 -5.64 -4.63
CA ALA A 79 -6.57 -4.93 -4.16
C ALA A 79 -7.20 -4.07 -5.27
N VAL A 80 -6.41 -3.30 -6.03
CA VAL A 80 -6.91 -2.53 -7.19
C VAL A 80 -7.59 -3.47 -8.20
N SER A 81 -6.95 -4.58 -8.55
CA SER A 81 -7.48 -5.54 -9.52
C SER A 81 -8.73 -6.27 -9.01
N LYS A 82 -8.84 -6.54 -7.69
CA LYS A 82 -10.05 -7.07 -7.04
C LYS A 82 -11.21 -6.07 -7.03
N PHE A 83 -10.92 -4.78 -6.91
CA PHE A 83 -11.94 -3.72 -6.87
C PHE A 83 -12.43 -3.30 -8.27
N GLU A 84 -11.59 -3.40 -9.30
CA GLU A 84 -11.95 -3.03 -10.69
C GLU A 84 -12.56 -4.17 -11.53
N LYS A 85 -13.03 -5.24 -10.86
CA LYS A 85 -13.80 -6.35 -11.45
C LYS A 85 -15.12 -5.88 -12.07
N LEU A 4 20.45 -0.77 9.45
CA LEU A 4 19.05 -1.11 9.11
C LEU A 4 18.09 0.07 9.26
N ASP A 5 18.26 0.91 10.27
CA ASP A 5 17.41 2.07 10.59
C ASP A 5 17.14 3.05 9.43
N SER A 6 18.15 3.40 8.63
CA SER A 6 17.98 4.28 7.47
C SER A 6 17.30 3.55 6.30
N GLU A 7 17.51 2.24 6.20
CA GLU A 7 16.92 1.38 5.17
C GLU A 7 15.43 1.16 5.42
N ARG A 8 15.06 0.86 6.67
CA ARG A 8 13.67 0.63 7.09
C ARG A 8 12.79 1.88 7.09
N ASP A 9 13.38 3.04 6.77
CA ASP A 9 12.68 4.24 6.32
C ASP A 9 12.55 4.35 4.79
N LYS A 10 13.57 3.97 4.02
CA LYS A 10 13.57 3.98 2.54
C LYS A 10 12.59 2.97 1.94
N ALA A 11 12.55 1.75 2.47
CA ALA A 11 11.60 0.72 2.06
C ALA A 11 10.14 1.11 2.34
N ARG A 12 9.84 1.71 3.50
CA ARG A 12 8.48 2.20 3.79
C ARG A 12 8.10 3.44 2.98
N LYS A 13 9.06 4.32 2.66
CA LYS A 13 8.83 5.49 1.79
C LYS A 13 8.37 5.08 0.38
N GLU A 14 8.91 3.99 -0.17
CA GLU A 14 8.50 3.45 -1.48
C GLU A 14 7.02 3.02 -1.47
N VAL A 15 6.60 2.24 -0.47
CA VAL A 15 5.22 1.74 -0.40
C VAL A 15 4.21 2.78 0.11
N GLU A 16 4.64 3.75 0.91
CA GLU A 16 3.86 4.94 1.26
C GLU A 16 3.43 5.72 0.02
N GLU A 17 4.37 6.06 -0.88
CA GLU A 17 4.01 6.81 -2.09
C GLU A 17 3.27 5.94 -3.12
N TYR A 18 3.47 4.62 -3.12
CA TYR A 18 2.69 3.68 -3.93
C TYR A 18 1.21 3.62 -3.47
N VAL A 19 0.95 3.37 -2.18
CA VAL A 19 -0.40 3.43 -1.57
C VAL A 19 -1.02 4.81 -1.82
N LYS A 20 -0.32 5.91 -1.52
CA LYS A 20 -0.80 7.28 -1.70
C LYS A 20 -1.17 7.60 -3.15
N LYS A 21 -0.39 7.12 -4.12
CA LYS A 21 -0.69 7.30 -5.55
C LYS A 21 -1.93 6.52 -5.95
N ILE A 22 -2.02 5.26 -5.53
CA ILE A 22 -3.14 4.38 -5.86
C ILE A 22 -4.45 4.79 -5.15
N VAL A 23 -4.37 5.41 -3.97
CA VAL A 23 -5.50 6.13 -3.33
C VAL A 23 -5.95 7.32 -4.18
N GLY A 24 -5.02 8.12 -4.69
CA GLY A 24 -5.32 9.24 -5.59
C GLY A 24 -5.96 8.80 -6.91
N GLU A 25 -5.45 7.74 -7.53
CA GLU A 25 -5.97 7.16 -8.78
C GLU A 25 -7.31 6.42 -8.58
N SER A 26 -7.54 5.79 -7.43
CA SER A 26 -8.84 5.18 -7.05
C SER A 26 -9.97 6.22 -7.14
N TYR A 27 -9.76 7.41 -6.57
CA TYR A 27 -10.67 8.54 -6.77
C TYR A 27 -10.65 9.07 -8.22
N ALA A 28 -9.47 9.29 -8.80
CA ALA A 28 -9.35 9.95 -10.10
C ALA A 28 -10.00 9.16 -11.25
N LYS A 29 -10.04 7.82 -11.21
CA LYS A 29 -10.70 6.95 -12.20
C LYS A 29 -12.22 6.83 -12.00
N SER A 30 -12.79 7.42 -10.94
CA SER A 30 -14.13 7.15 -10.43
C SER A 30 -14.96 8.44 -10.20
N THR A 31 -16.07 8.32 -9.46
CA THR A 31 -17.12 9.35 -9.27
C THR A 31 -17.81 9.28 -7.91
N LYS A 32 -18.53 10.35 -7.55
CA LYS A 32 -19.32 10.44 -6.30
C LYS A 32 -20.51 9.48 -6.28
N LYS A 33 -20.94 8.96 -7.45
CA LYS A 33 -21.91 7.85 -7.54
C LYS A 33 -21.34 6.56 -6.93
N ARG A 34 -20.06 6.27 -7.15
CA ARG A 34 -19.36 5.06 -6.68
C ARG A 34 -18.58 5.26 -5.37
N HIS A 35 -18.88 6.32 -4.62
CA HIS A 35 -18.02 6.80 -3.53
C HIS A 35 -17.75 5.74 -2.45
N THR A 36 -18.73 4.89 -2.12
CA THR A 36 -18.57 3.77 -1.18
C THR A 36 -17.48 2.78 -1.61
N ILE A 37 -17.38 2.49 -2.92
CA ILE A 37 -16.41 1.55 -3.48
C ILE A 37 -15.00 2.14 -3.42
N THR A 38 -14.84 3.42 -3.75
CA THR A 38 -13.57 4.13 -3.58
C THR A 38 -13.14 4.21 -2.12
N VAL A 39 -14.06 4.52 -1.20
CA VAL A 39 -13.78 4.52 0.25
C VAL A 39 -13.38 3.13 0.75
N ALA A 40 -14.01 2.05 0.28
CA ALA A 40 -13.64 0.68 0.64
C ALA A 40 -12.24 0.30 0.12
N LEU A 41 -11.93 0.59 -1.15
CA LEU A 41 -10.60 0.36 -1.73
C LEU A 41 -9.52 1.20 -1.01
N VAL A 42 -9.81 2.45 -0.64
CA VAL A 42 -8.87 3.32 0.10
C VAL A 42 -8.66 2.83 1.54
N ASN A 43 -9.72 2.37 2.21
CA ASN A 43 -9.60 1.69 3.50
C ASN A 43 -8.67 0.47 3.40
N GLU A 44 -8.79 -0.33 2.34
CA GLU A 44 -7.95 -1.52 2.15
C GLU A 44 -6.49 -1.16 1.83
N LEU A 45 -6.25 -0.22 0.92
CA LEU A 45 -4.92 0.32 0.60
C LEU A 45 -4.19 0.82 1.87
N ASN A 46 -4.93 1.47 2.77
CA ASN A 46 -4.43 1.91 4.07
C ASN A 46 -4.31 0.77 5.10
N ASN A 47 -5.10 -0.29 4.98
CA ASN A 47 -5.07 -1.45 5.88
C ASN A 47 -3.78 -2.24 5.65
N ILE A 48 -3.44 -2.45 4.37
CA ILE A 48 -2.17 -2.99 3.93
C ILE A 48 -1.02 -2.11 4.43
N LYS A 49 -1.14 -0.79 4.31
CA LYS A 49 -0.11 0.14 4.81
C LYS A 49 0.07 0.03 6.34
N ASN A 50 -0.98 -0.09 7.13
CA ASN A 50 -0.88 -0.23 8.59
C ASN A 50 -0.18 -1.52 9.01
N GLU A 51 -0.52 -2.63 8.36
CA GLU A 51 0.19 -3.90 8.55
C GLU A 51 1.65 -3.80 8.09
N TYR A 52 1.90 -3.33 6.86
CA TYR A 52 3.24 -3.37 6.26
C TYR A 52 4.17 -2.29 6.81
N LEU A 53 3.67 -1.16 7.35
CA LEU A 53 4.45 -0.27 8.23
C LEU A 53 4.94 -1.03 9.47
N ASN A 54 4.06 -1.81 10.10
CA ASN A 54 4.40 -2.61 11.28
C ASN A 54 5.31 -3.81 10.95
N LYS A 55 5.36 -4.28 9.70
CA LYS A 55 6.34 -5.25 9.20
C LYS A 55 7.69 -4.61 8.91
N ILE A 56 7.71 -3.50 8.16
CA ILE A 56 8.95 -2.85 7.71
C ILE A 56 9.72 -2.24 8.88
N VAL A 57 9.06 -1.64 9.87
CA VAL A 57 9.75 -1.18 11.09
C VAL A 57 10.41 -2.33 11.86
N GLU A 58 9.86 -3.54 11.74
CA GLU A 58 10.16 -4.72 12.57
C GLU A 58 10.93 -5.83 11.82
N SER A 59 11.33 -5.63 10.57
CA SER A 59 12.03 -6.67 9.79
C SER A 59 13.36 -6.98 10.45
N THR A 60 13.60 -8.25 10.78
CA THR A 60 14.88 -8.67 11.39
C THR A 60 16.02 -8.69 10.38
N SER A 61 15.71 -8.94 9.11
CA SER A 61 16.68 -8.88 7.99
C SER A 61 16.60 -7.56 7.24
N GLU A 62 17.77 -6.95 7.03
CA GLU A 62 17.95 -5.77 6.19
C GLU A 62 17.93 -6.08 4.68
N SER A 63 17.89 -7.36 4.31
CA SER A 63 17.60 -7.81 2.95
C SER A 63 16.08 -7.98 2.77
N GLN A 64 15.40 -8.57 3.77
CA GLN A 64 13.94 -8.73 3.75
C GLN A 64 13.20 -7.38 3.68
N LEU A 65 13.73 -6.31 4.28
CA LEU A 65 13.19 -4.94 4.12
C LEU A 65 12.95 -4.56 2.65
N GLN A 66 13.91 -4.87 1.77
CA GLN A 66 13.84 -4.53 0.36
C GLN A 66 12.83 -5.40 -0.40
N ILE A 67 12.52 -6.58 0.15
CA ILE A 67 11.43 -7.45 -0.33
C ILE A 67 10.05 -6.96 0.11
N LEU A 68 9.88 -6.43 1.33
CA LEU A 68 8.59 -5.91 1.81
C LEU A 68 7.99 -4.86 0.86
N MET A 69 8.83 -4.14 0.11
CA MET A 69 8.41 -3.25 -0.98
C MET A 69 7.61 -3.97 -2.08
N MET A 70 8.13 -5.10 -2.57
CA MET A 70 7.48 -5.92 -3.60
C MET A 70 6.28 -6.67 -3.04
N GLU A 71 6.34 -7.13 -1.79
CA GLU A 71 5.20 -7.76 -1.12
C GLU A 71 4.02 -6.79 -0.95
N SER A 72 4.24 -5.60 -0.41
CA SER A 72 3.15 -4.60 -0.29
C SER A 72 2.70 -4.07 -1.65
N ARG A 73 3.57 -3.98 -2.67
CA ARG A 73 3.14 -3.73 -4.05
C ARG A 73 2.17 -4.81 -4.54
N SER A 74 2.47 -6.09 -4.35
CA SER A 74 1.55 -7.19 -4.68
C SER A 74 0.24 -7.10 -3.93
N LYS A 75 0.24 -6.76 -2.62
CA LYS A 75 -0.99 -6.56 -1.85
C LYS A 75 -1.82 -5.36 -2.34
N VAL A 76 -1.19 -4.24 -2.72
CA VAL A 76 -1.85 -3.05 -3.27
C VAL A 76 -2.47 -3.35 -4.64
N ASP A 77 -1.72 -4.01 -5.51
CA ASP A 77 -2.19 -4.45 -6.83
C ASP A 77 -3.31 -5.49 -6.74
N GLU A 78 -3.22 -6.41 -5.78
CA GLU A 78 -4.30 -7.33 -5.42
C GLU A 78 -5.56 -6.58 -4.96
N ALA A 79 -5.44 -5.56 -4.11
CA ALA A 79 -6.60 -4.77 -3.67
C ALA A 79 -7.28 -4.06 -4.84
N VAL A 80 -6.52 -3.40 -5.73
CA VAL A 80 -7.08 -2.79 -6.96
C VAL A 80 -7.75 -3.85 -7.84
N SER A 81 -7.07 -4.97 -8.07
CA SER A 81 -7.59 -6.09 -8.86
C SER A 81 -8.85 -6.72 -8.26
N LYS A 82 -8.97 -6.78 -6.93
CA LYS A 82 -10.15 -7.28 -6.22
C LYS A 82 -11.34 -6.32 -6.35
N PHE A 83 -11.11 -5.01 -6.26
CA PHE A 83 -12.18 -4.00 -6.32
C PHE A 83 -12.60 -3.60 -7.74
N GLU A 84 -11.81 -3.91 -8.78
CA GLU A 84 -12.23 -3.72 -10.19
C GLU A 84 -13.09 -4.87 -10.76
N LYS A 85 -13.21 -5.99 -10.05
CA LYS A 85 -14.21 -7.04 -10.32
C LYS A 85 -15.55 -6.73 -9.69
N LEU A 4 20.46 -1.58 8.58
CA LEU A 4 19.00 -1.73 8.70
C LEU A 4 18.28 -0.40 8.50
N ASP A 5 18.61 0.62 9.30
CA ASP A 5 17.70 1.75 9.57
C ASP A 5 17.29 2.58 8.33
N SER A 6 18.22 2.99 7.47
CA SER A 6 17.84 3.70 6.23
C SER A 6 17.27 2.79 5.15
N GLU A 7 17.59 1.49 5.18
CA GLU A 7 16.96 0.47 4.33
C GLU A 7 15.49 0.23 4.69
N ARG A 8 15.17 0.22 5.98
CA ARG A 8 13.78 0.14 6.43
C ARG A 8 13.04 1.46 6.23
N ASP A 9 13.74 2.60 6.33
CA ASP A 9 13.14 3.91 6.12
C ASP A 9 12.74 4.10 4.65
N LYS A 10 13.60 3.72 3.70
CA LYS A 10 13.24 3.76 2.28
C LYS A 10 12.14 2.75 1.96
N ALA A 11 12.18 1.56 2.57
CA ALA A 11 11.16 0.52 2.37
C ALA A 11 9.77 0.96 2.85
N ARG A 12 9.67 1.68 3.97
CA ARG A 12 8.40 2.31 4.35
C ARG A 12 8.05 3.50 3.46
N LYS A 13 9.01 4.36 3.12
CA LYS A 13 8.73 5.58 2.37
C LYS A 13 8.32 5.32 0.92
N GLU A 14 8.75 4.20 0.33
CA GLU A 14 8.19 3.59 -0.89
C GLU A 14 6.70 3.34 -0.72
N VAL A 15 6.32 2.45 0.20
CA VAL A 15 4.91 1.99 0.33
C VAL A 15 3.98 3.09 0.88
N GLU A 16 4.52 4.07 1.61
CA GLU A 16 3.81 5.29 2.00
C GLU A 16 3.52 6.21 0.81
N GLU A 17 4.42 6.35 -0.19
CA GLU A 17 4.09 7.04 -1.43
C GLU A 17 3.08 6.22 -2.23
N TYR A 18 3.26 4.90 -2.25
CA TYR A 18 2.49 3.99 -3.08
C TYR A 18 1.01 3.99 -2.69
N VAL A 19 0.72 3.86 -1.39
CA VAL A 19 -0.64 3.94 -0.84
C VAL A 19 -1.26 5.31 -1.11
N LYS A 20 -0.60 6.43 -0.76
CA LYS A 20 -1.23 7.76 -0.96
C LYS A 20 -1.39 8.14 -2.44
N LYS A 21 -0.52 7.63 -3.33
CA LYS A 21 -0.60 7.81 -4.78
C LYS A 21 -1.76 7.01 -5.35
N ILE A 22 -1.85 5.73 -5.01
CA ILE A 22 -2.89 4.82 -5.51
C ILE A 22 -4.27 5.18 -4.96
N VAL A 23 -4.37 5.76 -3.75
CA VAL A 23 -5.59 6.45 -3.28
C VAL A 23 -5.99 7.58 -4.25
N GLY A 24 -5.06 8.44 -4.66
CA GLY A 24 -5.30 9.50 -5.66
C GLY A 24 -5.70 8.97 -7.03
N GLU A 25 -4.98 7.96 -7.56
CA GLU A 25 -5.31 7.28 -8.82
C GLU A 25 -6.68 6.58 -8.76
N SER A 26 -7.10 6.09 -7.59
CA SER A 26 -8.41 5.47 -7.39
C SER A 26 -9.54 6.50 -7.49
N TYR A 27 -9.39 7.68 -6.86
CA TYR A 27 -10.34 8.78 -7.02
C TYR A 27 -10.34 9.35 -8.43
N ALA A 28 -9.19 9.43 -9.10
CA ALA A 28 -9.08 9.86 -10.50
C ALA A 28 -9.87 8.96 -11.47
N LYS A 29 -10.10 7.68 -11.13
CA LYS A 29 -10.94 6.74 -11.91
C LYS A 29 -12.29 6.39 -11.24
N SER A 30 -12.69 7.16 -10.23
CA SER A 30 -13.96 6.97 -9.50
C SER A 30 -15.15 7.65 -10.18
N THR A 31 -16.36 7.39 -9.66
CA THR A 31 -17.58 8.14 -9.96
C THR A 31 -18.43 8.27 -8.70
N LYS A 32 -19.35 9.24 -8.69
CA LYS A 32 -20.44 9.35 -7.69
C LYS A 32 -21.22 8.04 -7.55
N LYS A 33 -21.46 7.35 -8.69
CA LYS A 33 -22.20 6.09 -8.84
C LYS A 33 -21.50 4.88 -8.20
N ARG A 34 -20.17 4.86 -8.18
CA ARG A 34 -19.32 3.80 -7.60
C ARG A 34 -18.46 4.32 -6.43
N HIS A 35 -18.90 5.37 -5.74
CA HIS A 35 -18.13 5.98 -4.65
C HIS A 35 -17.80 4.97 -3.54
N THR A 36 -18.73 4.07 -3.21
CA THR A 36 -18.56 2.95 -2.28
C THR A 36 -17.30 2.12 -2.57
N ILE A 37 -17.04 1.82 -3.84
CA ILE A 37 -15.89 1.02 -4.28
C ILE A 37 -14.58 1.76 -4.00
N THR A 38 -14.60 3.08 -4.24
CA THR A 38 -13.45 3.97 -4.00
C THR A 38 -13.19 4.09 -2.50
N VAL A 39 -14.23 4.32 -1.71
CA VAL A 39 -14.17 4.32 -0.24
C VAL A 39 -13.60 3.00 0.30
N ALA A 40 -14.11 1.85 -0.16
CA ALA A 40 -13.64 0.54 0.29
C ALA A 40 -12.16 0.29 -0.06
N LEU A 41 -11.75 0.59 -1.29
CA LEU A 41 -10.36 0.53 -1.74
C LEU A 41 -9.45 1.44 -0.90
N VAL A 42 -9.81 2.70 -0.70
CA VAL A 42 -9.02 3.67 0.08
C VAL A 42 -8.90 3.25 1.56
N ASN A 43 -9.96 2.66 2.11
CA ASN A 43 -9.95 2.13 3.48
C ASN A 43 -9.10 0.86 3.65
N GLU A 44 -8.92 0.06 2.60
CA GLU A 44 -8.01 -1.10 2.60
C GLU A 44 -6.56 -0.70 2.30
N LEU A 45 -6.29 0.23 1.37
CA LEU A 45 -4.92 0.64 1.01
C LEU A 45 -4.10 1.10 2.23
N ASN A 46 -4.70 1.88 3.12
CA ASN A 46 -4.04 2.32 4.35
C ASN A 46 -3.92 1.21 5.43
N ASN A 47 -4.79 0.21 5.37
CA ASN A 47 -4.78 -1.01 6.19
C ASN A 47 -3.51 -1.84 5.91
N ILE A 48 -3.17 -2.04 4.63
CA ILE A 48 -1.92 -2.67 4.19
C ILE A 48 -0.72 -1.85 4.71
N LYS A 49 -0.81 -0.52 4.64
CA LYS A 49 0.24 0.37 5.14
C LYS A 49 0.55 0.11 6.62
N ASN A 50 -0.48 -0.03 7.48
CA ASN A 50 -0.25 -0.30 8.90
C ASN A 50 0.48 -1.62 9.13
N GLU A 51 -0.06 -2.70 8.54
CA GLU A 51 0.44 -4.06 8.69
C GLU A 51 1.91 -4.19 8.24
N TYR A 52 2.27 -3.50 7.15
CA TYR A 52 3.62 -3.56 6.60
C TYR A 52 4.57 -2.54 7.24
N LEU A 53 4.09 -1.37 7.71
CA LEU A 53 4.88 -0.43 8.52
C LEU A 53 5.45 -1.11 9.78
N ASN A 54 4.65 -1.93 10.46
CA ASN A 54 5.09 -2.77 11.58
C ASN A 54 6.18 -3.76 11.15
N LYS A 55 5.96 -4.50 10.05
CA LYS A 55 6.92 -5.51 9.56
C LYS A 55 8.26 -4.89 9.16
N ILE A 56 8.22 -3.66 8.66
CA ILE A 56 9.39 -2.89 8.25
C ILE A 56 10.17 -2.35 9.46
N VAL A 57 9.53 -2.02 10.60
CA VAL A 57 10.28 -1.72 11.84
C VAL A 57 10.76 -2.98 12.57
N GLU A 58 10.02 -4.09 12.48
CA GLU A 58 10.37 -5.35 13.16
C GLU A 58 11.41 -6.20 12.41
N SER A 59 11.84 -5.77 11.22
CA SER A 59 12.73 -6.52 10.34
C SER A 59 14.19 -6.54 10.83
N THR A 60 14.77 -7.73 10.82
CA THR A 60 16.17 -7.99 11.18
C THR A 60 17.13 -8.05 9.99
N SER A 61 16.65 -7.98 8.75
CA SER A 61 17.46 -8.08 7.52
C SER A 61 17.06 -7.05 6.46
N GLU A 62 18.05 -6.40 5.83
CA GLU A 62 17.87 -5.62 4.58
C GLU A 62 17.20 -6.43 3.47
N SER A 63 17.49 -7.73 3.40
CA SER A 63 16.88 -8.65 2.43
C SER A 63 15.34 -8.66 2.55
N GLN A 64 14.78 -9.02 3.71
CA GLN A 64 13.32 -9.02 3.90
C GLN A 64 12.73 -7.61 3.81
N LEU A 65 13.46 -6.56 4.22
CA LEU A 65 13.02 -5.17 4.08
C LEU A 65 12.70 -4.80 2.64
N GLN A 66 13.52 -5.20 1.67
CA GLN A 66 13.20 -4.97 0.27
C GLN A 66 11.97 -5.76 -0.17
N ILE A 67 11.83 -7.03 0.24
CA ILE A 67 10.68 -7.84 -0.19
C ILE A 67 9.36 -7.36 0.41
N LEU A 68 9.37 -6.81 1.63
CA LEU A 68 8.19 -6.19 2.23
C LEU A 68 7.63 -5.03 1.40
N MET A 69 8.47 -4.31 0.63
CA MET A 69 8.00 -3.36 -0.38
C MET A 69 7.19 -4.08 -1.45
N MET A 70 7.76 -5.11 -2.07
CA MET A 70 7.15 -5.85 -3.18
C MET A 70 5.91 -6.63 -2.76
N GLU A 71 5.85 -7.16 -1.53
CA GLU A 71 4.66 -7.79 -0.94
C GLU A 71 3.55 -6.77 -0.66
N SER A 72 3.89 -5.63 -0.03
CA SER A 72 2.90 -4.56 0.20
C SER A 72 2.36 -4.02 -1.13
N ARG A 73 3.23 -3.80 -2.12
CA ARG A 73 2.90 -3.39 -3.49
C ARG A 73 2.01 -4.40 -4.21
N SER A 74 2.34 -5.70 -4.11
CA SER A 74 1.51 -6.79 -4.66
C SER A 74 0.09 -6.76 -4.10
N LYS A 75 -0.05 -6.50 -2.80
CA LYS A 75 -1.37 -6.40 -2.13
C LYS A 75 -2.09 -5.09 -2.42
N VAL A 76 -1.38 -4.00 -2.72
CA VAL A 76 -1.97 -2.75 -3.26
C VAL A 76 -2.50 -2.96 -4.67
N ASP A 77 -1.72 -3.56 -5.57
CA ASP A 77 -2.13 -3.88 -6.94
C ASP A 77 -3.26 -4.91 -6.97
N GLU A 78 -3.26 -5.88 -6.05
CA GLU A 78 -4.41 -6.77 -5.82
C GLU A 78 -5.62 -5.97 -5.32
N ALA A 79 -5.48 -5.12 -4.29
CA ALA A 79 -6.61 -4.37 -3.74
C ALA A 79 -7.31 -3.52 -4.82
N VAL A 80 -6.54 -2.79 -5.63
CA VAL A 80 -7.08 -2.06 -6.80
C VAL A 80 -7.86 -3.01 -7.70
N SER A 81 -7.22 -4.08 -8.17
CA SER A 81 -7.74 -5.01 -9.17
C SER A 81 -8.95 -5.81 -8.67
N LYS A 82 -9.01 -6.09 -7.37
CA LYS A 82 -10.10 -6.75 -6.62
C LYS A 82 -11.30 -5.83 -6.41
N PHE A 83 -11.08 -4.53 -6.30
CA PHE A 83 -12.13 -3.52 -6.32
C PHE A 83 -12.53 -3.06 -7.74
N GLU A 84 -11.83 -3.49 -8.82
CA GLU A 84 -12.28 -3.23 -10.20
C GLU A 84 -13.51 -4.04 -10.65
N LYS A 85 -13.99 -4.99 -9.84
CA LYS A 85 -15.16 -5.86 -10.13
C LYS A 85 -16.19 -5.90 -9.01
N LEU A 4 19.80 -0.90 10.80
CA LEU A 4 19.22 -0.74 9.44
C LEU A 4 18.11 0.33 9.42
N ASP A 5 18.14 1.33 10.31
CA ASP A 5 17.16 2.42 10.43
C ASP A 5 17.11 3.25 9.12
N SER A 6 18.30 3.62 8.62
CA SER A 6 18.53 4.33 7.37
C SER A 6 18.16 3.54 6.11
N GLU A 7 18.03 2.22 6.24
CA GLU A 7 17.55 1.34 5.16
C GLU A 7 16.04 1.20 5.19
N ARG A 8 15.48 0.95 6.38
CA ARG A 8 14.05 0.74 6.54
C ARG A 8 13.24 2.02 6.32
N ASP A 9 13.83 3.20 6.54
CA ASP A 9 13.20 4.47 6.17
C ASP A 9 12.92 4.58 4.66
N LYS A 10 13.86 4.08 3.86
CA LYS A 10 13.68 4.01 2.40
C LYS A 10 12.57 3.01 2.03
N ALA A 11 12.52 1.86 2.70
CA ALA A 11 11.50 0.83 2.47
C ALA A 11 10.08 1.28 2.85
N ARG A 12 9.88 1.98 3.98
CA ARG A 12 8.56 2.57 4.32
C ARG A 12 8.15 3.66 3.34
N LYS A 13 9.09 4.46 2.83
CA LYS A 13 8.79 5.51 1.84
C LYS A 13 8.22 4.89 0.56
N GLU A 14 8.83 3.84 0.03
CA GLU A 14 8.35 3.19 -1.20
C GLU A 14 6.90 2.70 -1.08
N VAL A 15 6.55 2.02 0.02
CA VAL A 15 5.16 1.53 0.22
C VAL A 15 4.16 2.65 0.56
N GLU A 16 4.60 3.73 1.21
CA GLU A 16 3.81 4.96 1.40
C GLU A 16 3.46 5.62 0.05
N GLU A 17 4.45 5.77 -0.84
CA GLU A 17 4.26 6.29 -2.19
C GLU A 17 3.33 5.41 -3.03
N TYR A 18 3.54 4.10 -3.05
CA TYR A 18 2.75 3.18 -3.88
C TYR A 18 1.27 3.16 -3.45
N VAL A 19 1.00 3.12 -2.13
CA VAL A 19 -0.35 3.23 -1.58
C VAL A 19 -0.98 4.59 -1.91
N LYS A 20 -0.30 5.71 -1.64
CA LYS A 20 -0.91 7.05 -1.82
C LYS A 20 -1.06 7.47 -3.29
N LYS A 21 -0.23 6.93 -4.20
CA LYS A 21 -0.39 7.05 -5.65
C LYS A 21 -1.72 6.43 -6.07
N ILE A 22 -1.98 5.23 -5.55
CA ILE A 22 -3.14 4.42 -5.95
C ILE A 22 -4.43 4.88 -5.25
N VAL A 23 -4.35 5.51 -4.07
CA VAL A 23 -5.46 6.33 -3.52
C VAL A 23 -5.83 7.48 -4.48
N GLY A 24 -4.86 8.26 -4.97
CA GLY A 24 -5.11 9.36 -5.91
C GLY A 24 -5.69 8.90 -7.25
N GLU A 25 -5.16 7.80 -7.80
CA GLU A 25 -5.66 7.20 -9.04
C GLU A 25 -6.99 6.44 -8.88
N SER A 26 -7.36 6.04 -7.65
CA SER A 26 -8.70 5.51 -7.32
C SER A 26 -9.78 6.59 -7.48
N TYR A 27 -9.57 7.76 -6.87
CA TYR A 27 -10.43 8.95 -7.09
C TYR A 27 -10.44 9.41 -8.56
N ALA A 28 -9.40 9.11 -9.34
CA ALA A 28 -9.34 9.44 -10.76
C ALA A 28 -10.18 8.50 -11.67
N LYS A 29 -10.63 7.34 -11.17
CA LYS A 29 -11.44 6.37 -11.95
C LYS A 29 -12.87 6.15 -11.42
N SER A 30 -13.12 6.30 -10.12
CA SER A 30 -14.48 6.21 -9.56
C SER A 30 -15.31 7.48 -9.81
N THR A 31 -16.54 7.47 -9.32
CA THR A 31 -17.42 8.65 -9.20
C THR A 31 -18.03 8.69 -7.81
N LYS A 32 -18.39 9.87 -7.30
CA LYS A 32 -19.12 10.03 -6.04
C LYS A 32 -20.52 9.38 -6.05
N LYS A 33 -21.08 9.09 -7.23
CA LYS A 33 -22.30 8.26 -7.38
C LYS A 33 -22.05 6.76 -7.09
N ARG A 34 -20.79 6.34 -7.02
CA ARG A 34 -20.32 5.02 -6.58
C ARG A 34 -19.22 5.16 -5.50
N HIS A 35 -19.27 6.21 -4.68
CA HIS A 35 -18.23 6.59 -3.70
C HIS A 35 -17.76 5.39 -2.86
N THR A 36 -18.71 4.52 -2.49
CA THR A 36 -18.58 3.23 -1.82
C THR A 36 -17.39 2.38 -2.29
N ILE A 37 -17.14 2.32 -3.60
CA ILE A 37 -16.03 1.56 -4.20
C ILE A 37 -14.68 2.20 -3.84
N THR A 38 -14.58 3.52 -4.01
CA THR A 38 -13.40 4.31 -3.63
C THR A 38 -13.09 4.17 -2.14
N VAL A 39 -14.09 4.33 -1.26
CA VAL A 39 -13.85 4.31 0.19
C VAL A 39 -13.54 2.90 0.71
N ALA A 40 -14.14 1.84 0.15
CA ALA A 40 -13.78 0.46 0.49
C ALA A 40 -12.34 0.12 0.05
N LEU A 41 -11.94 0.55 -1.15
CA LEU A 41 -10.57 0.40 -1.64
C LEU A 41 -9.56 1.22 -0.80
N VAL A 42 -9.90 2.45 -0.40
CA VAL A 42 -9.09 3.27 0.54
C VAL A 42 -8.98 2.62 1.92
N ASN A 43 -10.07 2.07 2.42
CA ASN A 43 -10.13 1.38 3.72
C ASN A 43 -9.22 0.14 3.77
N GLU A 44 -9.01 -0.56 2.66
CA GLU A 44 -8.03 -1.64 2.58
C GLU A 44 -6.61 -1.14 2.23
N LEU A 45 -6.46 -0.17 1.32
CA LEU A 45 -5.17 0.43 0.95
C LEU A 45 -4.38 0.92 2.18
N ASN A 46 -5.04 1.57 3.14
CA ASN A 46 -4.41 2.00 4.38
C ASN A 46 -4.21 0.86 5.40
N ASN A 47 -5.01 -0.21 5.32
CA ASN A 47 -4.92 -1.38 6.19
C ASN A 47 -3.63 -2.16 5.92
N ILE A 48 -3.35 -2.44 4.63
CA ILE A 48 -2.09 -3.04 4.16
C ILE A 48 -0.92 -2.18 4.64
N LYS A 49 -1.01 -0.86 4.47
CA LYS A 49 0.05 0.07 4.90
C LYS A 49 0.26 0.04 6.41
N ASN A 50 -0.80 0.03 7.21
CA ASN A 50 -0.73 -0.09 8.68
C ASN A 50 0.03 -1.35 9.12
N GLU A 51 -0.27 -2.49 8.49
CA GLU A 51 0.36 -3.77 8.80
C GLU A 51 1.82 -3.79 8.31
N TYR A 52 2.06 -3.39 7.07
CA TYR A 52 3.39 -3.42 6.48
C TYR A 52 4.33 -2.40 7.13
N LEU A 53 3.87 -1.21 7.54
CA LEU A 53 4.64 -0.25 8.33
C LEU A 53 5.15 -0.87 9.64
N ASN A 54 4.30 -1.62 10.36
CA ASN A 54 4.74 -2.35 11.56
C ASN A 54 5.81 -3.38 11.23
N LYS A 55 5.69 -4.05 10.07
CA LYS A 55 6.68 -5.00 9.56
C LYS A 55 7.94 -4.31 8.99
N ILE A 56 7.95 -3.00 8.73
CA ILE A 56 9.17 -2.22 8.43
C ILE A 56 9.97 -1.98 9.72
N VAL A 57 9.33 -1.41 10.76
CA VAL A 57 10.02 -1.13 12.04
C VAL A 57 10.40 -2.41 12.78
N GLU A 58 9.69 -3.51 12.53
CA GLU A 58 9.93 -4.83 13.11
C GLU A 58 10.47 -5.85 12.09
N SER A 59 11.12 -5.37 11.02
CA SER A 59 11.87 -6.22 10.07
C SER A 59 13.11 -6.83 10.72
N THR A 60 13.51 -8.01 10.22
CA THR A 60 14.53 -8.87 10.86
C THR A 60 15.78 -9.09 10.01
N SER A 61 15.77 -8.70 8.73
CA SER A 61 16.90 -8.82 7.79
C SER A 61 16.92 -7.62 6.83
N GLU A 62 18.10 -7.23 6.33
CA GLU A 62 18.26 -6.09 5.41
C GLU A 62 17.71 -6.39 4.00
N SER A 63 17.83 -7.64 3.56
CA SER A 63 17.20 -8.17 2.35
C SER A 63 15.68 -8.23 2.48
N GLN A 64 15.16 -8.65 3.63
CA GLN A 64 13.73 -8.70 3.93
C GLN A 64 13.06 -7.32 3.80
N LEU A 65 13.74 -6.24 4.22
CA LEU A 65 13.27 -4.87 4.02
C LEU A 65 13.02 -4.52 2.55
N GLN A 66 13.84 -5.04 1.62
CA GLN A 66 13.59 -4.88 0.19
C GLN A 66 12.31 -5.63 -0.23
N ILE A 67 12.16 -6.90 0.18
CA ILE A 67 11.07 -7.74 -0.34
C ILE A 67 9.71 -7.31 0.20
N LEU A 68 9.66 -6.76 1.42
CA LEU A 68 8.49 -6.08 1.99
C LEU A 68 7.88 -5.04 1.03
N MET A 69 8.70 -4.34 0.23
CA MET A 69 8.23 -3.38 -0.76
C MET A 69 7.49 -4.06 -1.92
N MET A 70 8.09 -5.10 -2.52
CA MET A 70 7.49 -5.84 -3.65
C MET A 70 6.25 -6.64 -3.22
N GLU A 71 6.26 -7.19 -2.01
CA GLU A 71 5.10 -7.88 -1.43
C GLU A 71 3.96 -6.90 -1.14
N SER A 72 4.24 -5.71 -0.57
CA SER A 72 3.21 -4.66 -0.45
C SER A 72 2.72 -4.16 -1.80
N ARG A 73 3.58 -3.98 -2.81
CA ARG A 73 3.17 -3.61 -4.18
C ARG A 73 2.20 -4.64 -4.76
N SER A 74 2.51 -5.93 -4.62
CA SER A 74 1.61 -7.02 -5.03
C SER A 74 0.31 -7.10 -4.22
N LYS A 75 0.34 -6.79 -2.91
CA LYS A 75 -0.89 -6.62 -2.09
C LYS A 75 -1.76 -5.46 -2.58
N VAL A 76 -1.17 -4.33 -3.00
CA VAL A 76 -1.91 -3.19 -3.55
C VAL A 76 -2.46 -3.52 -4.95
N ASP A 77 -1.72 -4.26 -5.77
CA ASP A 77 -2.24 -4.79 -7.03
C ASP A 77 -3.45 -5.71 -6.81
N GLU A 78 -3.44 -6.58 -5.79
CA GLU A 78 -4.62 -7.38 -5.43
C GLU A 78 -5.79 -6.48 -5.00
N ALA A 79 -5.54 -5.44 -4.19
CA ALA A 79 -6.58 -4.50 -3.78
C ALA A 79 -7.19 -3.76 -4.99
N VAL A 80 -6.36 -3.27 -5.92
CA VAL A 80 -6.83 -2.64 -7.16
C VAL A 80 -7.62 -3.64 -8.01
N SER A 81 -7.05 -4.81 -8.29
CA SER A 81 -7.67 -5.81 -9.17
C SER A 81 -9.02 -6.28 -8.64
N LYS A 82 -9.10 -6.50 -7.33
CA LYS A 82 -10.28 -6.92 -6.57
C LYS A 82 -11.31 -5.82 -6.29
N PHE A 83 -11.06 -4.56 -6.66
CA PHE A 83 -12.05 -3.47 -6.68
C PHE A 83 -12.30 -2.85 -8.07
N GLU A 84 -11.51 -3.17 -9.09
CA GLU A 84 -11.76 -2.77 -10.49
C GLU A 84 -13.03 -3.40 -11.10
N LYS A 85 -13.48 -4.53 -10.55
CA LYS A 85 -14.75 -5.21 -10.83
C LYS A 85 -15.51 -5.53 -9.55
N LEU A 4 20.51 -0.63 8.92
CA LEU A 4 19.19 -1.19 9.23
C LEU A 4 18.14 -0.08 9.28
N ASP A 5 18.26 0.85 10.22
CA ASP A 5 17.38 1.99 10.47
C ASP A 5 17.04 2.84 9.24
N SER A 6 18.03 3.46 8.57
CA SER A 6 17.78 4.28 7.38
C SER A 6 17.14 3.48 6.24
N GLU A 7 17.46 2.17 6.14
CA GLU A 7 16.93 1.24 5.14
C GLU A 7 15.45 0.95 5.35
N ARG A 8 15.08 0.63 6.59
CA ARG A 8 13.68 0.34 6.94
C ARG A 8 12.80 1.58 6.86
N ASP A 9 13.39 2.78 6.95
CA ASP A 9 12.68 4.04 6.69
C ASP A 9 12.39 4.23 5.20
N LYS A 10 13.40 4.12 4.33
CA LYS A 10 13.19 4.26 2.87
C LYS A 10 12.26 3.16 2.30
N ALA A 11 12.36 1.94 2.83
CA ALA A 11 11.45 0.84 2.53
C ALA A 11 9.99 1.15 2.91
N ARG A 12 9.75 1.63 4.14
CA ARG A 12 8.37 1.95 4.58
C ARG A 12 7.78 3.15 3.84
N LYS A 13 8.60 4.16 3.51
CA LYS A 13 8.15 5.33 2.75
C LYS A 13 7.77 4.98 1.32
N GLU A 14 8.50 4.09 0.65
CA GLU A 14 8.17 3.63 -0.72
C GLU A 14 6.75 3.02 -0.79
N VAL A 15 6.38 2.20 0.19
CA VAL A 15 5.04 1.60 0.24
C VAL A 15 3.95 2.60 0.67
N GLU A 16 4.28 3.66 1.43
CA GLU A 16 3.38 4.81 1.61
C GLU A 16 3.16 5.59 0.31
N GLU A 17 4.21 5.88 -0.48
CA GLU A 17 4.10 6.52 -1.80
C GLU A 17 3.21 5.72 -2.77
N TYR A 18 3.42 4.41 -2.88
CA TYR A 18 2.65 3.58 -3.81
C TYR A 18 1.17 3.52 -3.41
N VAL A 19 0.86 3.37 -2.12
CA VAL A 19 -0.50 3.53 -1.59
C VAL A 19 -1.08 4.91 -1.93
N LYS A 20 -0.34 6.01 -1.75
CA LYS A 20 -0.83 7.37 -2.05
C LYS A 20 -1.12 7.60 -3.54
N LYS A 21 -0.30 7.03 -4.43
CA LYS A 21 -0.57 7.05 -5.89
C LYS A 21 -1.88 6.31 -6.20
N ILE A 22 -1.99 5.09 -5.69
CA ILE A 22 -3.09 4.17 -5.98
C ILE A 22 -4.41 4.65 -5.32
N VAL A 23 -4.34 5.32 -4.17
CA VAL A 23 -5.47 6.07 -3.56
C VAL A 23 -5.97 7.17 -4.51
N GLY A 24 -5.08 7.94 -5.13
CA GLY A 24 -5.44 8.95 -6.14
C GLY A 24 -6.09 8.34 -7.38
N GLU A 25 -5.52 7.25 -7.90
CA GLU A 25 -6.08 6.54 -9.06
C GLU A 25 -7.43 5.86 -8.76
N SER A 26 -7.64 5.44 -7.50
CA SER A 26 -8.93 4.93 -6.98
C SER A 26 -10.04 6.00 -6.95
N TYR A 27 -9.69 7.29 -6.77
CA TYR A 27 -10.61 8.40 -7.03
C TYR A 27 -10.78 8.69 -8.52
N ALA A 28 -9.70 8.65 -9.32
CA ALA A 28 -9.75 8.98 -10.74
C ALA A 28 -10.63 8.02 -11.58
N LYS A 29 -10.67 6.72 -11.25
CA LYS A 29 -11.50 5.73 -11.97
C LYS A 29 -12.97 5.71 -11.55
N SER A 30 -13.31 6.19 -10.35
CA SER A 30 -14.68 6.22 -9.81
C SER A 30 -15.42 7.52 -10.19
N THR A 31 -16.46 7.86 -9.44
CA THR A 31 -17.30 9.06 -9.61
C THR A 31 -17.91 9.39 -8.24
N LYS A 32 -18.24 10.65 -7.92
CA LYS A 32 -18.72 11.04 -6.58
C LYS A 32 -19.90 10.19 -6.09
N LYS A 33 -20.87 9.90 -6.96
CA LYS A 33 -22.03 9.02 -6.68
C LYS A 33 -21.66 7.57 -6.32
N ARG A 34 -20.46 7.11 -6.67
CA ARG A 34 -19.90 5.80 -6.37
C ARG A 34 -18.79 5.84 -5.30
N HIS A 35 -18.68 6.94 -4.53
CA HIS A 35 -17.58 7.18 -3.59
C HIS A 35 -17.31 6.03 -2.63
N THR A 36 -18.34 5.33 -2.14
CA THR A 36 -18.20 4.21 -1.19
C THR A 36 -17.28 3.11 -1.70
N ILE A 37 -17.20 2.87 -3.02
CA ILE A 37 -16.26 1.89 -3.62
C ILE A 37 -14.82 2.35 -3.42
N THR A 38 -14.53 3.62 -3.76
CA THR A 38 -13.21 4.22 -3.54
C THR A 38 -12.88 4.24 -2.05
N VAL A 39 -13.79 4.69 -1.19
CA VAL A 39 -13.57 4.79 0.25
C VAL A 39 -13.29 3.41 0.87
N ALA A 40 -13.93 2.33 0.39
CA ALA A 40 -13.64 0.96 0.80
C ALA A 40 -12.25 0.47 0.33
N LEU A 41 -11.90 0.67 -0.94
CA LEU A 41 -10.56 0.32 -1.46
C LEU A 41 -9.45 1.16 -0.80
N VAL A 42 -9.69 2.45 -0.53
CA VAL A 42 -8.79 3.35 0.20
C VAL A 42 -8.60 2.88 1.64
N ASN A 43 -9.65 2.39 2.29
CA ASN A 43 -9.54 1.77 3.62
C ASN A 43 -8.66 0.52 3.58
N GLU A 44 -8.81 -0.34 2.56
CA GLU A 44 -7.96 -1.53 2.42
C GLU A 44 -6.50 -1.14 2.16
N LEU A 45 -6.25 -0.21 1.23
CA LEU A 45 -4.91 0.34 0.94
C LEU A 45 -4.23 0.89 2.19
N ASN A 46 -4.94 1.65 3.04
CA ASN A 46 -4.42 2.14 4.31
C ASN A 46 -4.18 1.01 5.34
N ASN A 47 -4.90 -0.12 5.28
CA ASN A 47 -4.72 -1.23 6.20
C ASN A 47 -3.53 -2.12 5.78
N ILE A 48 -3.32 -2.31 4.47
CA ILE A 48 -2.07 -2.89 3.94
C ILE A 48 -0.90 -1.98 4.30
N LYS A 49 -1.03 -0.67 4.11
CA LYS A 49 -0.03 0.32 4.55
C LYS A 49 0.31 0.14 6.02
N ASN A 50 -0.70 0.07 6.89
CA ASN A 50 -0.54 -0.16 8.33
C ASN A 50 0.18 -1.48 8.69
N GLU A 51 -0.29 -2.61 8.15
CA GLU A 51 0.29 -3.92 8.48
C GLU A 51 1.74 -4.02 7.97
N TYR A 52 2.04 -3.44 6.81
CA TYR A 52 3.40 -3.42 6.27
C TYR A 52 4.29 -2.36 6.94
N LEU A 53 3.75 -1.21 7.36
CA LEU A 53 4.46 -0.28 8.26
C LEU A 53 4.94 -1.00 9.53
N ASN A 54 4.08 -1.82 10.14
CA ASN A 54 4.44 -2.68 11.27
C ASN A 54 5.50 -3.73 10.87
N LYS A 55 5.30 -4.47 9.78
CA LYS A 55 6.20 -5.58 9.38
C LYS A 55 7.59 -5.09 8.94
N ILE A 56 7.69 -3.85 8.45
CA ILE A 56 8.95 -3.19 8.07
C ILE A 56 9.66 -2.60 9.30
N VAL A 57 8.94 -1.92 10.20
CA VAL A 57 9.53 -1.37 11.44
C VAL A 57 9.91 -2.47 12.45
N GLU A 58 9.22 -3.60 12.44
CA GLU A 58 9.58 -4.78 13.24
C GLU A 58 10.72 -5.62 12.64
N SER A 59 11.17 -5.32 11.41
CA SER A 59 12.22 -6.08 10.72
C SER A 59 13.63 -5.67 11.15
N THR A 60 14.63 -6.40 10.62
CA THR A 60 16.06 -6.19 10.86
C THR A 60 16.91 -6.45 9.61
N SER A 61 16.57 -7.46 8.81
CA SER A 61 17.38 -7.92 7.67
C SER A 61 17.23 -6.99 6.47
N GLU A 62 18.33 -6.40 6.01
CA GLU A 62 18.41 -5.55 4.80
C GLU A 62 18.31 -6.35 3.47
N SER A 63 17.55 -7.46 3.51
CA SER A 63 17.15 -8.27 2.37
C SER A 63 15.62 -8.43 2.39
N GLN A 64 15.05 -8.95 3.49
CA GLN A 64 13.57 -9.01 3.66
C GLN A 64 12.94 -7.61 3.74
N LEU A 65 13.63 -6.61 4.33
CA LEU A 65 13.22 -5.21 4.28
C LEU A 65 12.98 -4.71 2.84
N GLN A 66 13.76 -5.21 1.89
CA GLN A 66 13.62 -4.86 0.48
C GLN A 66 12.45 -5.61 -0.15
N ILE A 67 12.31 -6.92 0.12
CA ILE A 67 11.24 -7.73 -0.47
C ILE A 67 9.85 -7.33 0.04
N LEU A 68 9.75 -6.83 1.28
CA LEU A 68 8.50 -6.28 1.83
C LEU A 68 7.91 -5.15 0.96
N MET A 69 8.73 -4.40 0.21
CA MET A 69 8.24 -3.45 -0.79
C MET A 69 7.52 -4.15 -1.95
N MET A 70 8.13 -5.19 -2.54
CA MET A 70 7.58 -5.96 -3.66
C MET A 70 6.37 -6.82 -3.26
N GLU A 71 6.34 -7.31 -2.01
CA GLU A 71 5.16 -7.93 -1.42
C GLU A 71 4.02 -6.93 -1.23
N SER A 72 4.32 -5.73 -0.71
CA SER A 72 3.31 -4.66 -0.56
C SER A 72 2.75 -4.25 -1.91
N ARG A 73 3.62 -4.09 -2.93
CA ARG A 73 3.27 -3.78 -4.34
C ARG A 73 2.26 -4.79 -4.89
N SER A 74 2.54 -6.09 -4.77
CA SER A 74 1.65 -7.14 -5.27
C SER A 74 0.31 -7.18 -4.51
N LYS A 75 0.32 -6.96 -3.19
CA LYS A 75 -0.89 -6.96 -2.35
C LYS A 75 -1.76 -5.71 -2.54
N VAL A 76 -1.16 -4.56 -2.85
CA VAL A 76 -1.84 -3.34 -3.33
C VAL A 76 -2.48 -3.58 -4.70
N ASP A 77 -1.74 -4.17 -5.64
CA ASP A 77 -2.25 -4.50 -6.97
C ASP A 77 -3.38 -5.56 -6.93
N GLU A 78 -3.29 -6.54 -6.03
CA GLU A 78 -4.36 -7.49 -5.75
C GLU A 78 -5.60 -6.80 -5.17
N ALA A 79 -5.43 -5.89 -4.20
CA ALA A 79 -6.53 -5.08 -3.66
C ALA A 79 -7.22 -4.26 -4.77
N VAL A 80 -6.45 -3.58 -5.63
CA VAL A 80 -6.97 -2.85 -6.79
C VAL A 80 -7.75 -3.78 -7.71
N SER A 81 -7.15 -4.87 -8.19
CA SER A 81 -7.78 -5.73 -9.21
C SER A 81 -8.92 -6.62 -8.67
N LYS A 82 -9.04 -6.78 -7.35
CA LYS A 82 -10.20 -7.36 -6.64
C LYS A 82 -11.37 -6.36 -6.50
N PHE A 83 -11.11 -5.06 -6.48
CA PHE A 83 -12.15 -4.01 -6.41
C PHE A 83 -12.53 -3.45 -7.80
N GLU A 84 -11.59 -3.29 -8.71
CA GLU A 84 -11.82 -2.69 -10.04
C GLU A 84 -12.31 -3.66 -11.12
N LYS A 85 -12.55 -4.92 -10.73
CA LYS A 85 -13.07 -6.01 -11.57
C LYS A 85 -14.53 -6.28 -11.23
N LEU A 4 20.72 -1.46 7.97
CA LEU A 4 19.38 -1.86 8.43
C LEU A 4 18.38 -0.70 8.37
N ASP A 5 18.55 0.32 9.22
CA ASP A 5 17.58 1.40 9.43
C ASP A 5 17.47 2.35 8.22
N SER A 6 18.59 2.65 7.58
CA SER A 6 18.65 3.31 6.26
C SER A 6 17.92 2.52 5.15
N GLU A 7 17.71 1.21 5.37
CA GLU A 7 16.94 0.34 4.48
C GLU A 7 15.45 0.32 4.81
N ARG A 8 15.08 0.39 6.09
CA ARG A 8 13.66 0.49 6.47
C ARG A 8 13.07 1.85 6.09
N ASP A 9 13.87 2.92 6.07
CA ASP A 9 13.41 4.26 5.71
C ASP A 9 12.94 4.33 4.25
N LYS A 10 13.70 3.74 3.32
CA LYS A 10 13.25 3.62 1.93
C LYS A 10 12.08 2.65 1.79
N ALA A 11 12.06 1.55 2.56
CA ALA A 11 10.98 0.58 2.52
C ALA A 11 9.64 1.16 2.96
N ARG A 12 9.59 1.95 4.05
CA ARG A 12 8.35 2.64 4.46
C ARG A 12 7.90 3.65 3.41
N LYS A 13 8.85 4.39 2.80
CA LYS A 13 8.54 5.42 1.81
C LYS A 13 7.97 4.83 0.53
N GLU A 14 8.54 3.73 0.02
CA GLU A 14 8.07 3.02 -1.18
C GLU A 14 6.61 2.55 -1.03
N VAL A 15 6.25 1.99 0.13
CA VAL A 15 4.88 1.48 0.36
C VAL A 15 3.90 2.60 0.73
N GLU A 16 4.35 3.66 1.41
CA GLU A 16 3.59 4.89 1.64
C GLU A 16 3.24 5.61 0.33
N GLU A 17 4.22 5.83 -0.56
CA GLU A 17 3.97 6.49 -1.85
C GLU A 17 3.09 5.61 -2.75
N TYR A 18 3.23 4.29 -2.73
CA TYR A 18 2.42 3.42 -3.59
C TYR A 18 0.94 3.42 -3.16
N VAL A 19 0.65 3.26 -1.86
CA VAL A 19 -0.72 3.39 -1.32
C VAL A 19 -1.27 4.80 -1.54
N LYS A 20 -0.48 5.88 -1.32
CA LYS A 20 -0.90 7.26 -1.62
C LYS A 20 -1.24 7.44 -3.11
N LYS A 21 -0.37 6.97 -4.01
CA LYS A 21 -0.52 7.08 -5.47
C LYS A 21 -1.79 6.38 -5.88
N ILE A 22 -1.93 5.12 -5.48
CA ILE A 22 -3.07 4.27 -5.83
C ILE A 22 -4.39 4.85 -5.32
N VAL A 23 -4.47 5.28 -4.06
CA VAL A 23 -5.67 5.93 -3.51
C VAL A 23 -6.00 7.21 -4.30
N GLY A 24 -4.97 8.01 -4.62
CA GLY A 24 -5.11 9.21 -5.46
C GLY A 24 -5.60 8.92 -6.88
N GLU A 25 -5.22 7.81 -7.49
CA GLU A 25 -5.68 7.38 -8.83
C GLU A 25 -7.11 6.81 -8.78
N SER A 26 -7.47 6.05 -7.75
CA SER A 26 -8.86 5.60 -7.55
C SER A 26 -9.80 6.77 -7.28
N TYR A 27 -9.36 7.81 -6.56
CA TYR A 27 -10.07 9.09 -6.46
C TYR A 27 -10.07 9.93 -7.75
N ALA A 28 -9.09 9.75 -8.64
CA ALA A 28 -9.06 10.43 -9.94
C ALA A 28 -10.04 9.81 -10.96
N LYS A 29 -10.24 8.48 -10.93
CA LYS A 29 -11.01 7.71 -11.93
C LYS A 29 -12.46 7.40 -11.55
N SER A 30 -12.84 7.48 -10.27
CA SER A 30 -14.21 7.15 -9.82
C SER A 30 -15.23 8.26 -10.11
N THR A 31 -16.44 7.87 -10.51
CA THR A 31 -17.62 8.74 -10.54
C THR A 31 -18.23 8.87 -9.14
N LYS A 32 -18.83 10.03 -8.80
CA LYS A 32 -19.48 10.31 -7.49
C LYS A 32 -20.39 9.19 -6.98
N LYS A 33 -21.23 8.61 -7.88
CA LYS A 33 -22.22 7.56 -7.61
C LYS A 33 -21.61 6.25 -7.07
N ARG A 34 -20.30 6.05 -7.27
CA ARG A 34 -19.54 4.82 -6.93
C ARG A 34 -18.39 5.07 -5.94
N HIS A 35 -18.34 6.26 -5.29
CA HIS A 35 -17.35 6.57 -4.25
C HIS A 35 -17.26 5.47 -3.16
N THR A 36 -18.38 4.80 -2.84
CA THR A 36 -18.51 3.65 -1.92
C THR A 36 -17.45 2.56 -2.14
N ILE A 37 -17.04 2.32 -3.39
CA ILE A 37 -16.02 1.32 -3.75
C ILE A 37 -14.61 1.87 -3.49
N THR A 38 -14.37 3.17 -3.76
CA THR A 38 -13.09 3.82 -3.43
C THR A 38 -12.83 3.84 -1.94
N VAL A 39 -13.81 4.23 -1.13
CA VAL A 39 -13.69 4.20 0.35
C VAL A 39 -13.51 2.77 0.90
N ALA A 40 -14.11 1.74 0.28
CA ALA A 40 -13.83 0.34 0.61
C ALA A 40 -12.36 -0.03 0.33
N LEU A 41 -11.87 0.31 -0.87
CA LEU A 41 -10.48 0.12 -1.27
C LEU A 41 -9.51 0.92 -0.39
N VAL A 42 -9.87 2.12 0.10
CA VAL A 42 -9.07 2.91 1.05
C VAL A 42 -9.05 2.27 2.43
N ASN A 43 -10.19 1.78 2.93
CA ASN A 43 -10.26 1.04 4.19
C ASN A 43 -9.37 -0.21 4.18
N GLU A 44 -9.25 -0.86 3.02
CA GLU A 44 -8.33 -1.97 2.79
C GLU A 44 -6.86 -1.50 2.67
N LEU A 45 -6.57 -0.55 1.78
CA LEU A 45 -5.20 -0.08 1.46
C LEU A 45 -4.46 0.52 2.64
N ASN A 46 -5.13 1.32 3.50
CA ASN A 46 -4.50 1.82 4.72
C ASN A 46 -4.16 0.70 5.69
N ASN A 47 -4.90 -0.41 5.68
CA ASN A 47 -4.69 -1.54 6.58
C ASN A 47 -3.51 -2.40 6.12
N ILE A 48 -3.38 -2.66 4.80
CA ILE A 48 -2.17 -3.26 4.23
C ILE A 48 -0.95 -2.38 4.56
N LYS A 49 -1.07 -1.06 4.35
CA LYS A 49 0.01 -0.11 4.69
C LYS A 49 0.37 -0.18 6.17
N ASN A 50 -0.61 -0.03 7.07
CA ASN A 50 -0.47 -0.11 8.53
C ASN A 50 0.26 -1.38 8.97
N GLU A 51 -0.20 -2.54 8.50
CA GLU A 51 0.37 -3.83 8.88
C GLU A 51 1.80 -4.00 8.36
N TYR A 52 2.05 -3.64 7.10
CA TYR A 52 3.38 -3.77 6.52
C TYR A 52 4.35 -2.70 7.04
N LEU A 53 3.88 -1.50 7.41
CA LEU A 53 4.67 -0.50 8.14
C LEU A 53 5.09 -1.00 9.53
N ASN A 54 4.19 -1.66 10.27
CA ASN A 54 4.54 -2.31 11.54
C ASN A 54 5.65 -3.36 11.32
N LYS A 55 5.59 -4.10 10.19
CA LYS A 55 6.60 -5.08 9.77
C LYS A 55 7.87 -4.44 9.19
N ILE A 56 7.89 -3.14 8.91
CA ILE A 56 9.06 -2.37 8.44
C ILE A 56 9.79 -1.70 9.62
N VAL A 57 9.05 -1.08 10.56
CA VAL A 57 9.67 -0.51 11.77
C VAL A 57 10.21 -1.60 12.69
N GLU A 58 9.57 -2.77 12.74
CA GLU A 58 10.03 -3.92 13.53
C GLU A 58 10.73 -5.01 12.70
N SER A 59 11.13 -4.72 11.46
CA SER A 59 12.02 -5.59 10.69
C SER A 59 13.43 -5.61 11.27
N THR A 60 13.99 -6.81 11.42
CA THR A 60 15.37 -7.06 11.84
C THR A 60 16.37 -7.21 10.67
N SER A 61 15.91 -7.23 9.41
CA SER A 61 16.75 -7.58 8.25
C SER A 61 16.55 -6.66 7.04
N GLU A 62 17.59 -5.96 6.59
CA GLU A 62 17.59 -5.21 5.32
C GLU A 62 17.27 -6.09 4.10
N SER A 63 17.76 -7.34 4.14
CA SER A 63 17.53 -8.39 3.15
C SER A 63 16.08 -8.88 3.04
N GLN A 64 15.23 -8.60 4.03
CA GLN A 64 13.78 -8.86 4.00
C GLN A 64 12.99 -7.57 3.74
N LEU A 65 13.44 -6.42 4.28
CA LEU A 65 12.88 -5.09 4.02
C LEU A 65 12.80 -4.77 2.53
N GLN A 66 13.85 -5.11 1.77
CA GLN A 66 13.89 -4.91 0.32
C GLN A 66 12.81 -5.71 -0.44
N ILE A 67 12.28 -6.77 0.18
CA ILE A 67 11.20 -7.61 -0.37
C ILE A 67 9.82 -7.18 0.14
N LEU A 68 9.69 -6.70 1.39
CA LEU A 68 8.43 -6.18 1.94
C LEU A 68 7.83 -5.07 1.06
N MET A 69 8.68 -4.29 0.38
CA MET A 69 8.25 -3.35 -0.67
C MET A 69 7.50 -4.02 -1.82
N MET A 70 8.08 -5.08 -2.40
CA MET A 70 7.55 -5.79 -3.56
C MET A 70 6.28 -6.56 -3.20
N GLU A 71 6.29 -7.23 -2.05
CA GLU A 71 5.12 -7.89 -1.46
C GLU A 71 3.97 -6.90 -1.26
N SER A 72 4.25 -5.73 -0.67
CA SER A 72 3.21 -4.71 -0.51
C SER A 72 2.68 -4.22 -1.86
N ARG A 73 3.57 -3.97 -2.83
CA ARG A 73 3.23 -3.47 -4.18
C ARG A 73 2.39 -4.45 -5.00
N SER A 74 2.69 -5.74 -4.92
CA SER A 74 1.86 -6.83 -5.46
C SER A 74 0.47 -6.84 -4.81
N LYS A 75 0.41 -6.85 -3.47
CA LYS A 75 -0.86 -6.97 -2.72
C LYS A 75 -1.75 -5.73 -2.84
N VAL A 76 -1.16 -4.55 -3.01
CA VAL A 76 -1.87 -3.30 -3.32
C VAL A 76 -2.53 -3.36 -4.70
N ASP A 77 -1.77 -3.73 -5.75
CA ASP A 77 -2.33 -3.89 -7.10
C ASP A 77 -3.43 -4.97 -7.15
N GLU A 78 -3.24 -6.07 -6.42
CA GLU A 78 -4.27 -7.10 -6.27
C GLU A 78 -5.53 -6.56 -5.59
N ALA A 79 -5.40 -5.84 -4.47
CA ALA A 79 -6.54 -5.23 -3.78
C ALA A 79 -7.30 -4.24 -4.68
N VAL A 80 -6.58 -3.43 -5.47
CA VAL A 80 -7.16 -2.50 -6.45
C VAL A 80 -7.95 -3.26 -7.52
N SER A 81 -7.34 -4.26 -8.15
CA SER A 81 -8.01 -5.01 -9.22
C SER A 81 -9.18 -5.82 -8.70
N LYS A 82 -9.04 -6.44 -7.52
CA LYS A 82 -10.12 -7.10 -6.76
C LYS A 82 -11.32 -6.18 -6.55
N PHE A 83 -11.11 -4.90 -6.24
CA PHE A 83 -12.20 -3.94 -6.03
C PHE A 83 -12.75 -3.31 -7.32
N GLU A 84 -11.95 -3.14 -8.39
CA GLU A 84 -12.38 -2.52 -9.66
C GLU A 84 -12.83 -3.51 -10.77
N LYS A 85 -12.81 -4.82 -10.47
CA LYS A 85 -13.26 -5.94 -11.34
C LYS A 85 -14.74 -5.87 -11.69
N LEU A 4 20.79 0.80 8.57
CA LEU A 4 19.65 -0.14 8.49
C LEU A 4 18.32 0.58 8.71
N ASP A 5 18.22 1.43 9.73
CA ASP A 5 17.16 2.43 9.96
C ASP A 5 16.87 3.28 8.72
N SER A 6 17.92 3.79 8.07
CA SER A 6 17.85 4.43 6.74
C SER A 6 17.22 3.53 5.66
N GLU A 7 17.49 2.23 5.71
CA GLU A 7 16.93 1.21 4.81
C GLU A 7 15.46 0.91 5.10
N ARG A 8 15.11 0.75 6.38
CA ARG A 8 13.72 0.49 6.79
C ARG A 8 12.86 1.75 6.66
N ASP A 9 13.43 2.94 6.80
CA ASP A 9 12.73 4.18 6.42
C ASP A 9 12.50 4.24 4.93
N LYS A 10 13.52 3.93 4.10
CA LYS A 10 13.34 3.85 2.65
C LYS A 10 12.22 2.87 2.27
N ALA A 11 12.20 1.68 2.88
CA ALA A 11 11.18 0.67 2.65
C ALA A 11 9.76 1.14 3.03
N ARG A 12 9.57 1.80 4.19
CA ARG A 12 8.26 2.38 4.51
C ARG A 12 7.89 3.56 3.63
N LYS A 13 8.85 4.42 3.26
CA LYS A 13 8.61 5.59 2.39
C LYS A 13 8.17 5.15 0.99
N GLU A 14 8.73 4.06 0.47
CA GLU A 14 8.31 3.43 -0.79
C GLU A 14 6.84 2.93 -0.73
N VAL A 15 6.44 2.20 0.32
CA VAL A 15 5.05 1.71 0.43
C VAL A 15 4.06 2.80 0.84
N GLU A 16 4.51 3.81 1.60
CA GLU A 16 3.75 5.05 1.86
C GLU A 16 3.40 5.75 0.54
N GLU A 17 4.38 6.04 -0.32
CA GLU A 17 4.13 6.70 -1.60
C GLU A 17 3.30 5.84 -2.55
N TYR A 18 3.49 4.51 -2.55
CA TYR A 18 2.76 3.61 -3.44
C TYR A 18 1.28 3.52 -3.04
N VAL A 19 0.97 3.37 -1.75
CA VAL A 19 -0.41 3.35 -1.24
C VAL A 19 -1.11 4.69 -1.48
N LYS A 20 -0.48 5.84 -1.13
CA LYS A 20 -1.10 7.16 -1.36
C LYS A 20 -1.23 7.51 -2.85
N LYS A 21 -0.34 7.00 -3.73
CA LYS A 21 -0.49 7.08 -5.18
C LYS A 21 -1.73 6.33 -5.63
N ILE A 22 -1.88 5.08 -5.19
CA ILE A 22 -2.97 4.20 -5.62
C ILE A 22 -4.34 4.66 -5.07
N VAL A 23 -4.40 5.35 -3.92
CA VAL A 23 -5.59 6.11 -3.50
C VAL A 23 -5.96 7.17 -4.55
N GLY A 24 -5.02 8.00 -4.99
CA GLY A 24 -5.24 9.02 -6.03
C GLY A 24 -5.62 8.41 -7.39
N GLU A 25 -4.92 7.37 -7.82
CA GLU A 25 -5.21 6.64 -9.07
C GLU A 25 -6.54 5.86 -9.04
N SER A 26 -7.04 5.53 -7.84
CA SER A 26 -8.41 5.02 -7.67
C SER A 26 -9.44 6.15 -7.82
N TYR A 27 -9.26 7.29 -7.13
CA TYR A 27 -10.12 8.47 -7.30
C TYR A 27 -10.12 9.03 -8.73
N ALA A 28 -9.04 8.84 -9.50
CA ALA A 28 -8.99 9.18 -10.92
C ALA A 28 -9.94 8.31 -11.79
N LYS A 29 -10.15 7.04 -11.43
CA LYS A 29 -11.02 6.10 -12.18
C LYS A 29 -12.37 5.79 -11.52
N SER A 30 -12.61 6.23 -10.29
CA SER A 30 -13.94 6.30 -9.66
C SER A 30 -14.63 7.64 -9.99
N THR A 31 -15.75 7.92 -9.35
CA THR A 31 -16.59 9.12 -9.54
C THR A 31 -17.45 9.35 -8.30
N LYS A 32 -18.00 10.56 -8.10
CA LYS A 32 -19.04 10.83 -7.08
C LYS A 32 -20.15 9.77 -7.06
N LYS A 33 -20.55 9.28 -8.25
CA LYS A 33 -21.60 8.25 -8.41
C LYS A 33 -21.22 6.87 -7.85
N ARG A 34 -19.93 6.65 -7.57
CA ARG A 34 -19.34 5.41 -7.04
C ARG A 34 -18.34 5.71 -5.92
N HIS A 35 -18.50 6.84 -5.21
CA HIS A 35 -17.56 7.31 -4.17
C HIS A 35 -17.26 6.22 -3.12
N THR A 36 -18.30 5.44 -2.79
CA THR A 36 -18.33 4.33 -1.85
C THR A 36 -17.31 3.24 -2.18
N ILE A 37 -17.05 2.99 -3.47
CA ILE A 37 -16.02 2.03 -3.93
C ILE A 37 -14.63 2.51 -3.52
N THR A 38 -14.32 3.79 -3.77
CA THR A 38 -13.08 4.43 -3.36
C THR A 38 -12.91 4.43 -1.84
N VAL A 39 -13.97 4.72 -1.08
CA VAL A 39 -13.94 4.65 0.40
C VAL A 39 -13.63 3.23 0.90
N ALA A 40 -14.31 2.22 0.35
CA ALA A 40 -14.09 0.82 0.72
C ALA A 40 -12.69 0.32 0.32
N LEU A 41 -12.14 0.75 -0.82
CA LEU A 41 -10.78 0.42 -1.23
C LEU A 41 -9.71 1.18 -0.40
N VAL A 42 -9.97 2.43 0.01
CA VAL A 42 -9.07 3.18 0.93
C VAL A 42 -8.89 2.44 2.26
N ASN A 43 -9.97 1.83 2.77
CA ASN A 43 -9.93 1.01 3.98
C ASN A 43 -8.96 -0.18 3.88
N GLU A 44 -8.93 -0.88 2.74
CA GLU A 44 -7.99 -1.98 2.46
C GLU A 44 -6.57 -1.43 2.15
N LEU A 45 -6.45 -0.41 1.30
CA LEU A 45 -5.16 0.24 0.97
C LEU A 45 -4.35 0.62 2.21
N ASN A 46 -5.02 1.19 3.22
CA ASN A 46 -4.36 1.53 4.47
C ASN A 46 -4.19 0.35 5.45
N ASN A 47 -5.01 -0.70 5.32
CA ASN A 47 -4.86 -1.97 6.05
C ASN A 47 -3.52 -2.62 5.68
N ILE A 48 -3.21 -2.67 4.38
CA ILE A 48 -1.98 -3.23 3.85
C ILE A 48 -0.78 -2.39 4.32
N LYS A 49 -0.88 -1.05 4.28
CA LYS A 49 0.18 -0.17 4.81
C LYS A 49 0.40 -0.38 6.31
N ASN A 50 -0.67 -0.44 7.09
CA ASN A 50 -0.66 -0.66 8.54
C ASN A 50 -0.02 -2.00 8.94
N GLU A 51 -0.39 -3.08 8.23
CA GLU A 51 0.22 -4.41 8.39
C GLU A 51 1.70 -4.41 8.03
N TYR A 52 2.07 -3.90 6.85
CA TYR A 52 3.45 -3.98 6.37
C TYR A 52 4.38 -3.01 7.09
N LEU A 53 3.89 -1.86 7.60
CA LEU A 53 4.64 -0.99 8.53
C LEU A 53 5.10 -1.74 9.79
N ASN A 54 4.28 -2.66 10.32
CA ASN A 54 4.70 -3.49 11.46
C ASN A 54 5.84 -4.44 11.07
N LYS A 55 5.82 -4.97 9.85
CA LYS A 55 6.91 -5.78 9.28
C LYS A 55 8.17 -4.95 9.03
N ILE A 56 8.05 -3.67 8.64
CA ILE A 56 9.19 -2.74 8.53
C ILE A 56 9.90 -2.55 9.88
N VAL A 57 9.15 -2.22 10.95
CA VAL A 57 9.74 -1.84 12.23
C VAL A 57 10.18 -3.03 13.09
N GLU A 58 9.63 -4.22 12.87
CA GLU A 58 10.18 -5.44 13.49
C GLU A 58 11.48 -5.92 12.82
N SER A 59 11.72 -5.56 11.55
CA SER A 59 12.88 -6.02 10.81
C SER A 59 14.17 -5.26 11.16
N THR A 60 15.28 -6.00 11.12
CA THR A 60 16.65 -5.48 11.06
C THR A 60 17.43 -6.21 9.93
N SER A 61 16.76 -6.47 8.80
CA SER A 61 17.32 -7.25 7.67
C SER A 61 17.00 -6.58 6.33
N GLU A 62 18.03 -5.97 5.74
CA GLU A 62 17.93 -5.09 4.56
C GLU A 62 17.37 -5.78 3.30
N SER A 63 17.68 -7.05 3.06
CA SER A 63 17.11 -7.83 1.96
C SER A 63 15.60 -8.01 2.13
N GLN A 64 15.15 -8.56 3.27
CA GLN A 64 13.71 -8.74 3.54
C GLN A 64 12.95 -7.40 3.55
N LEU A 65 13.54 -6.33 4.08
CA LEU A 65 12.99 -4.97 4.00
C LEU A 65 12.72 -4.52 2.57
N GLN A 66 13.63 -4.82 1.63
CA GLN A 66 13.40 -4.50 0.23
C GLN A 66 12.31 -5.38 -0.41
N ILE A 67 12.24 -6.68 -0.08
CA ILE A 67 11.18 -7.53 -0.63
C ILE A 67 9.80 -7.19 -0.06
N LEU A 68 9.71 -6.74 1.20
CA LEU A 68 8.46 -6.29 1.81
C LEU A 68 7.78 -5.15 1.02
N MET A 69 8.55 -4.33 0.30
CA MET A 69 8.01 -3.36 -0.65
C MET A 69 7.20 -4.06 -1.75
N MET A 70 7.78 -5.05 -2.42
CA MET A 70 7.16 -5.82 -3.50
C MET A 70 6.01 -6.71 -3.01
N GLU A 71 6.14 -7.33 -1.83
CA GLU A 71 5.06 -8.09 -1.19
C GLU A 71 3.85 -7.20 -0.88
N SER A 72 4.07 -6.00 -0.36
CA SER A 72 2.99 -5.04 -0.13
C SER A 72 2.34 -4.59 -1.46
N ARG A 73 3.14 -4.36 -2.51
CA ARG A 73 2.69 -3.98 -3.85
C ARG A 73 1.77 -5.03 -4.47
N SER A 74 2.09 -6.32 -4.32
CA SER A 74 1.22 -7.43 -4.73
C SER A 74 -0.17 -7.33 -4.08
N LYS A 75 -0.24 -7.14 -2.76
CA LYS A 75 -1.54 -6.97 -2.06
C LYS A 75 -2.27 -5.69 -2.50
N VAL A 76 -1.56 -4.59 -2.76
CA VAL A 76 -2.15 -3.31 -3.19
C VAL A 76 -2.73 -3.40 -4.62
N ASP A 77 -1.98 -3.95 -5.57
CA ASP A 77 -2.44 -4.06 -6.96
C ASP A 77 -3.52 -5.16 -7.08
N GLU A 78 -3.45 -6.22 -6.27
CA GLU A 78 -4.58 -7.14 -6.07
C GLU A 78 -5.81 -6.40 -5.54
N ALA A 79 -5.67 -5.55 -4.53
CA ALA A 79 -6.78 -4.77 -3.98
C ALA A 79 -7.42 -3.85 -5.03
N VAL A 80 -6.65 -3.24 -5.94
CA VAL A 80 -7.22 -2.50 -7.08
C VAL A 80 -8.13 -3.40 -7.91
N SER A 81 -7.60 -4.50 -8.47
CA SER A 81 -8.37 -5.37 -9.38
C SER A 81 -9.54 -6.11 -8.69
N LYS A 82 -9.39 -6.42 -7.39
CA LYS A 82 -10.49 -6.95 -6.55
C LYS A 82 -11.65 -5.98 -6.41
N PHE A 83 -11.40 -4.67 -6.47
CA PHE A 83 -12.41 -3.62 -6.39
C PHE A 83 -12.82 -3.02 -7.74
N GLU A 84 -12.10 -3.28 -8.85
CA GLU A 84 -12.50 -2.91 -10.22
C GLU A 84 -13.71 -3.71 -10.76
N LYS A 85 -14.02 -4.86 -10.15
CA LYS A 85 -14.90 -5.89 -10.72
C LYS A 85 -16.29 -5.97 -10.08
N LEU A 4 20.37 -0.87 9.10
CA LEU A 4 19.04 -1.00 8.46
C LEU A 4 18.07 0.08 8.97
N ASP A 5 18.49 1.35 8.93
CA ASP A 5 17.71 2.55 9.27
C ASP A 5 17.17 3.21 7.99
N SER A 6 18.06 3.67 7.10
CA SER A 6 17.74 4.12 5.75
C SER A 6 17.07 3.00 4.95
N GLU A 7 17.47 1.77 5.23
CA GLU A 7 16.90 0.54 4.67
C GLU A 7 15.41 0.36 4.99
N ARG A 8 15.00 0.71 6.22
CA ARG A 8 13.60 0.63 6.62
C ARG A 8 12.83 1.91 6.27
N ASP A 9 13.51 3.05 6.20
CA ASP A 9 12.90 4.32 5.82
C ASP A 9 12.50 4.30 4.34
N LYS A 10 13.38 3.78 3.46
CA LYS A 10 13.04 3.57 2.06
C LYS A 10 11.92 2.54 1.90
N ALA A 11 11.94 1.46 2.69
CA ALA A 11 10.95 0.40 2.60
C ALA A 11 9.55 0.90 2.96
N ARG A 12 9.41 1.71 4.03
CA ARG A 12 8.13 2.34 4.33
C ARG A 12 7.76 3.37 3.26
N LYS A 13 8.69 4.21 2.82
CA LYS A 13 8.38 5.33 1.92
C LYS A 13 7.95 4.86 0.53
N GLU A 14 8.53 3.77 0.02
CA GLU A 14 8.12 3.10 -1.22
C GLU A 14 6.65 2.66 -1.17
N VAL A 15 6.22 2.09 -0.04
CA VAL A 15 4.84 1.59 0.13
C VAL A 15 3.85 2.69 0.52
N GLU A 16 4.23 3.69 1.31
CA GLU A 16 3.46 4.92 1.53
C GLU A 16 3.20 5.69 0.23
N GLU A 17 4.24 5.94 -0.58
CA GLU A 17 4.11 6.71 -1.82
C GLU A 17 3.32 5.95 -2.89
N TYR A 18 3.29 4.62 -2.84
CA TYR A 18 2.44 3.81 -3.71
C TYR A 18 0.98 3.75 -3.24
N VAL A 19 0.69 3.50 -1.95
CA VAL A 19 -0.68 3.51 -1.41
C VAL A 19 -1.35 4.88 -1.62
N LYS A 20 -0.67 6.01 -1.35
CA LYS A 20 -1.26 7.34 -1.61
C LYS A 20 -1.52 7.60 -3.10
N LYS A 21 -0.73 7.00 -4.00
CA LYS A 21 -0.83 7.16 -5.46
C LYS A 21 -2.04 6.38 -5.97
N ILE A 22 -2.16 5.11 -5.57
CA ILE A 22 -3.31 4.26 -5.91
C ILE A 22 -4.61 4.80 -5.29
N VAL A 23 -4.57 5.35 -4.07
CA VAL A 23 -5.72 6.07 -3.47
C VAL A 23 -6.07 7.34 -4.28
N GLY A 24 -5.10 8.19 -4.62
CA GLY A 24 -5.35 9.42 -5.40
C GLY A 24 -5.88 9.14 -6.82
N GLU A 25 -5.39 8.08 -7.45
CA GLU A 25 -5.86 7.58 -8.74
C GLU A 25 -7.26 6.96 -8.65
N SER A 26 -7.65 6.40 -7.50
CA SER A 26 -9.02 5.87 -7.32
C SER A 26 -10.09 6.95 -7.49
N TYR A 27 -9.81 8.20 -7.10
CA TYR A 27 -10.68 9.35 -7.35
C TYR A 27 -10.75 9.76 -8.83
N ALA A 28 -9.70 9.47 -9.62
CA ALA A 28 -9.65 9.77 -11.04
C ALA A 28 -10.52 8.81 -11.88
N LYS A 29 -10.52 7.51 -11.53
CA LYS A 29 -11.38 6.51 -12.22
C LYS A 29 -12.82 6.44 -11.70
N SER A 30 -13.16 7.15 -10.62
CA SER A 30 -14.46 7.04 -9.95
C SER A 30 -15.41 8.23 -10.16
N THR A 31 -16.69 7.96 -9.92
CA THR A 31 -17.77 8.95 -9.74
C THR A 31 -18.01 9.19 -8.25
N LYS A 32 -18.42 10.40 -7.83
CA LYS A 32 -18.81 10.67 -6.42
C LYS A 32 -19.92 9.71 -5.94
N LYS A 33 -20.90 9.44 -6.80
CA LYS A 33 -22.00 8.48 -6.57
C LYS A 33 -21.56 7.00 -6.53
N ARG A 34 -20.26 6.72 -6.61
CA ARG A 34 -19.60 5.42 -6.42
C ARG A 34 -18.53 5.44 -5.32
N HIS A 35 -18.56 6.41 -4.40
CA HIS A 35 -17.57 6.49 -3.31
C HIS A 35 -17.52 5.25 -2.39
N THR A 36 -18.53 4.38 -2.43
CA THR A 36 -18.50 3.06 -1.77
C THR A 36 -17.30 2.22 -2.25
N ILE A 37 -16.85 2.38 -3.50
CA ILE A 37 -15.66 1.72 -4.05
C ILE A 37 -14.38 2.36 -3.49
N THR A 38 -14.25 3.68 -3.59
CA THR A 38 -13.04 4.39 -3.14
C THR A 38 -12.84 4.26 -1.63
N VAL A 39 -13.89 4.49 -0.82
CA VAL A 39 -13.84 4.37 0.65
C VAL A 39 -13.51 2.94 1.09
N ALA A 40 -13.97 1.90 0.38
CA ALA A 40 -13.58 0.51 0.66
C ALA A 40 -12.11 0.24 0.31
N LEU A 41 -11.67 0.62 -0.90
CA LEU A 41 -10.28 0.46 -1.35
C LEU A 41 -9.30 1.27 -0.48
N VAL A 42 -9.67 2.46 -0.02
CA VAL A 42 -8.88 3.28 0.92
C VAL A 42 -8.65 2.56 2.24
N ASN A 43 -9.70 1.96 2.80
CA ASN A 43 -9.59 1.19 4.04
C ASN A 43 -8.74 -0.08 3.86
N GLU A 44 -8.81 -0.75 2.71
CA GLU A 44 -7.96 -1.91 2.42
C GLU A 44 -6.49 -1.49 2.22
N LEU A 45 -6.22 -0.46 1.41
CA LEU A 45 -4.87 0.08 1.19
C LEU A 45 -4.24 0.62 2.48
N ASN A 46 -5.02 1.20 3.39
CA ASN A 46 -4.57 1.55 4.73
C ASN A 46 -4.14 0.35 5.56
N ASN A 47 -4.86 -0.78 5.48
CA ASN A 47 -4.60 -1.97 6.30
C ASN A 47 -3.30 -2.65 5.83
N ILE A 48 -3.11 -2.78 4.51
CA ILE A 48 -1.88 -3.31 3.92
C ILE A 48 -0.68 -2.42 4.27
N LYS A 49 -0.82 -1.09 4.13
CA LYS A 49 0.20 -0.11 4.56
C LYS A 49 0.53 -0.25 6.05
N ASN A 50 -0.47 -0.38 6.90
CA ASN A 50 -0.36 -0.42 8.35
C ASN A 50 0.29 -1.71 8.87
N GLU A 51 -0.11 -2.89 8.36
CA GLU A 51 0.57 -4.15 8.67
C GLU A 51 2.05 -4.10 8.23
N TYR A 52 2.31 -3.69 6.99
CA TYR A 52 3.68 -3.69 6.46
C TYR A 52 4.55 -2.60 7.09
N LEU A 53 3.99 -1.44 7.47
CA LEU A 53 4.66 -0.45 8.31
C LEU A 53 5.19 -1.08 9.61
N ASN A 54 4.39 -1.90 10.30
CA ASN A 54 4.85 -2.56 11.52
C ASN A 54 5.98 -3.57 11.23
N LYS A 55 5.87 -4.34 10.14
CA LYS A 55 6.89 -5.31 9.70
C LYS A 55 8.19 -4.65 9.23
N ILE A 56 8.13 -3.36 8.88
CA ILE A 56 9.26 -2.53 8.42
C ILE A 56 9.90 -1.78 9.59
N VAL A 57 9.12 -1.12 10.44
CA VAL A 57 9.65 -0.37 11.60
C VAL A 57 10.34 -1.30 12.59
N GLU A 58 9.80 -2.50 12.82
CA GLU A 58 10.39 -3.51 13.72
C GLU A 58 11.39 -4.46 13.03
N SER A 59 11.55 -4.35 11.70
CA SER A 59 12.17 -5.39 10.86
C SER A 59 13.57 -5.76 11.30
N THR A 60 13.79 -7.06 11.35
CA THR A 60 14.95 -7.69 11.99
C THR A 60 15.99 -8.20 10.97
N SER A 61 15.73 -8.00 9.66
CA SER A 61 16.47 -8.59 8.54
C SER A 61 16.67 -7.54 7.44
N GLU A 62 17.92 -7.16 7.15
CA GLU A 62 18.22 -6.00 6.27
C GLU A 62 17.82 -6.21 4.80
N SER A 63 17.94 -7.42 4.25
CA SER A 63 17.45 -7.76 2.90
C SER A 63 15.93 -7.89 2.84
N GLN A 64 15.29 -8.40 3.90
CA GLN A 64 13.84 -8.66 3.90
C GLN A 64 13.01 -7.38 3.83
N LEU A 65 13.55 -6.26 4.34
CA LEU A 65 12.97 -4.92 4.17
C LEU A 65 12.67 -4.59 2.71
N GLN A 66 13.55 -5.00 1.78
CA GLN A 66 13.30 -4.82 0.36
C GLN A 66 12.14 -5.70 -0.11
N ILE A 67 12.10 -6.96 0.32
CA ILE A 67 11.07 -7.91 -0.14
C ILE A 67 9.68 -7.51 0.36
N LEU A 68 9.57 -6.94 1.56
CA LEU A 68 8.32 -6.37 2.08
C LEU A 68 7.76 -5.26 1.17
N MET A 69 8.60 -4.52 0.44
CA MET A 69 8.13 -3.58 -0.59
C MET A 69 7.44 -4.31 -1.75
N MET A 70 8.01 -5.42 -2.23
CA MET A 70 7.45 -6.18 -3.36
C MET A 70 6.22 -6.99 -2.96
N GLU A 71 6.21 -7.63 -1.79
CA GLU A 71 5.02 -8.30 -1.25
C GLU A 71 3.86 -7.31 -1.10
N SER A 72 4.08 -6.20 -0.40
CA SER A 72 3.03 -5.21 -0.18
C SER A 72 2.53 -4.61 -1.51
N ARG A 73 3.43 -4.38 -2.49
CA ARG A 73 3.09 -3.88 -3.82
C ARG A 73 2.26 -4.86 -4.64
N SER A 74 2.62 -6.15 -4.65
CA SER A 74 1.79 -7.21 -5.22
C SER A 74 0.40 -7.28 -4.58
N LYS A 75 0.29 -7.06 -3.26
CA LYS A 75 -0.99 -6.99 -2.53
C LYS A 75 -1.81 -5.73 -2.85
N VAL A 76 -1.17 -4.57 -3.04
CA VAL A 76 -1.84 -3.35 -3.54
C VAL A 76 -2.38 -3.55 -4.96
N ASP A 77 -1.60 -4.16 -5.85
CA ASP A 77 -2.02 -4.48 -7.22
C ASP A 77 -3.13 -5.56 -7.26
N GLU A 78 -3.16 -6.46 -6.27
CA GLU A 78 -4.26 -7.43 -6.05
C GLU A 78 -5.53 -6.75 -5.51
N ALA A 79 -5.41 -5.77 -4.60
CA ALA A 79 -6.53 -4.95 -4.16
C ALA A 79 -7.13 -4.16 -5.35
N VAL A 80 -6.28 -3.60 -6.23
CA VAL A 80 -6.74 -3.03 -7.50
C VAL A 80 -7.41 -4.10 -8.37
N SER A 81 -6.82 -5.30 -8.53
CA SER A 81 -7.38 -6.42 -9.31
C SER A 81 -8.76 -6.87 -8.84
N LYS A 82 -9.09 -6.68 -7.55
CA LYS A 82 -10.41 -6.89 -6.95
C LYS A 82 -11.37 -5.72 -7.23
N PHE A 83 -10.98 -4.51 -6.82
CA PHE A 83 -11.85 -3.32 -6.85
C PHE A 83 -12.01 -2.69 -8.24
N GLU A 84 -11.21 -3.07 -9.24
CA GLU A 84 -11.38 -2.65 -10.63
C GLU A 84 -12.56 -3.31 -11.35
N LYS A 85 -13.11 -4.42 -10.80
CA LYS A 85 -14.05 -5.31 -11.49
C LYS A 85 -15.51 -4.88 -11.39
N LEU A 4 20.63 -0.46 7.84
CA LEU A 4 19.28 -1.03 8.05
C LEU A 4 18.20 -0.01 8.43
N ASP A 5 18.49 1.03 9.21
CA ASP A 5 17.46 1.86 9.88
C ASP A 5 16.92 2.99 8.97
N SER A 6 17.79 3.84 8.45
CA SER A 6 17.44 4.75 7.35
C SER A 6 17.15 4.01 6.03
N GLU A 7 17.55 2.74 5.93
CA GLU A 7 17.16 1.85 4.83
C GLU A 7 15.73 1.31 4.93
N ARG A 8 15.28 0.94 6.14
CA ARG A 8 13.86 0.67 6.39
C ARG A 8 13.01 1.94 6.23
N ASP A 9 13.58 3.13 6.45
CA ASP A 9 12.93 4.42 6.17
C ASP A 9 12.63 4.61 4.69
N LYS A 10 13.54 4.18 3.82
CA LYS A 10 13.30 4.13 2.38
C LYS A 10 12.22 3.08 2.02
N ALA A 11 12.29 1.89 2.62
CA ALA A 11 11.35 0.80 2.33
C ALA A 11 9.90 1.11 2.76
N ARG A 12 9.69 1.80 3.90
CA ARG A 12 8.35 2.29 4.29
C ARG A 12 7.86 3.40 3.34
N LYS A 13 8.76 4.29 2.89
CA LYS A 13 8.42 5.40 1.99
C LYS A 13 7.94 4.93 0.62
N GLU A 14 8.56 3.88 0.09
CA GLU A 14 8.15 3.22 -1.16
C GLU A 14 6.70 2.71 -1.12
N VAL A 15 6.30 2.04 -0.02
CA VAL A 15 4.94 1.47 0.13
C VAL A 15 3.92 2.51 0.57
N GLU A 16 4.32 3.50 1.37
CA GLU A 16 3.55 4.71 1.69
C GLU A 16 3.13 5.45 0.42
N GLU A 17 4.09 5.74 -0.48
CA GLU A 17 3.78 6.51 -1.69
C GLU A 17 2.88 5.72 -2.65
N TYR A 18 3.05 4.40 -2.75
CA TYR A 18 2.21 3.57 -3.61
C TYR A 18 0.75 3.53 -3.09
N VAL A 19 0.53 3.44 -1.78
CA VAL A 19 -0.83 3.52 -1.19
C VAL A 19 -1.50 4.87 -1.46
N LYS A 20 -0.84 6.01 -1.17
CA LYS A 20 -1.46 7.34 -1.45
C LYS A 20 -1.67 7.60 -2.94
N LYS A 21 -0.84 7.02 -3.82
CA LYS A 21 -0.97 7.16 -5.28
C LYS A 21 -2.19 6.40 -5.78
N ILE A 22 -2.33 5.13 -5.37
CA ILE A 22 -3.44 4.25 -5.77
C ILE A 22 -4.77 4.76 -5.20
N VAL A 23 -4.80 5.30 -3.97
CA VAL A 23 -5.96 6.02 -3.44
C VAL A 23 -6.31 7.24 -4.31
N GLY A 24 -5.34 8.10 -4.63
CA GLY A 24 -5.56 9.32 -5.42
C GLY A 24 -6.04 9.05 -6.85
N GLU A 25 -5.53 8.00 -7.49
CA GLU A 25 -5.97 7.52 -8.80
C GLU A 25 -7.36 6.86 -8.76
N SER A 26 -7.77 6.28 -7.62
CA SER A 26 -9.09 5.63 -7.51
C SER A 26 -10.25 6.61 -7.68
N TYR A 27 -10.11 7.85 -7.21
CA TYR A 27 -11.06 8.94 -7.50
C TYR A 27 -10.95 9.44 -8.95
N ALA A 28 -9.75 9.44 -9.54
CA ALA A 28 -9.57 9.83 -10.94
C ALA A 28 -10.28 8.85 -11.90
N LYS A 29 -10.13 7.54 -11.69
CA LYS A 29 -10.75 6.49 -12.55
C LYS A 29 -12.18 6.09 -12.15
N SER A 30 -12.86 6.91 -11.35
CA SER A 30 -14.27 6.76 -10.95
C SER A 30 -14.99 8.13 -10.97
N THR A 31 -16.14 8.24 -10.31
CA THR A 31 -16.94 9.48 -10.14
C THR A 31 -17.57 9.47 -8.74
N LYS A 32 -17.73 10.62 -8.08
CA LYS A 32 -18.23 10.78 -6.69
C LYS A 32 -19.35 9.82 -6.26
N LYS A 33 -20.36 9.58 -7.09
CA LYS A 33 -21.48 8.68 -6.74
C LYS A 33 -21.01 7.26 -6.36
N ARG A 34 -19.89 6.78 -6.93
CA ARG A 34 -19.23 5.49 -6.64
C ARG A 34 -18.15 5.57 -5.55
N HIS A 35 -18.09 6.65 -4.77
CA HIS A 35 -17.15 6.79 -3.64
C HIS A 35 -17.25 5.68 -2.59
N THR A 36 -18.36 4.94 -2.49
CA THR A 36 -18.45 3.72 -1.67
C THR A 36 -17.35 2.71 -2.01
N ILE A 37 -17.03 2.57 -3.30
CA ILE A 37 -16.01 1.64 -3.80
C ILE A 37 -14.60 2.18 -3.51
N THR A 38 -14.36 3.49 -3.63
CA THR A 38 -13.07 4.09 -3.27
C THR A 38 -12.84 4.06 -1.77
N VAL A 39 -13.84 4.41 -0.95
CA VAL A 39 -13.81 4.30 0.53
C VAL A 39 -13.57 2.86 1.01
N ALA A 40 -14.14 1.85 0.33
CA ALA A 40 -13.85 0.45 0.63
C ALA A 40 -12.40 0.05 0.26
N LEU A 41 -11.91 0.48 -0.90
CA LEU A 41 -10.52 0.27 -1.33
C LEU A 41 -9.52 0.99 -0.41
N VAL A 42 -9.80 2.22 0.00
CA VAL A 42 -9.02 3.02 0.97
C VAL A 42 -8.83 2.27 2.28
N ASN A 43 -9.86 1.58 2.76
CA ASN A 43 -9.77 0.77 3.97
C ASN A 43 -8.81 -0.42 3.82
N GLU A 44 -8.76 -1.07 2.65
CA GLU A 44 -7.76 -2.11 2.40
C GLU A 44 -6.35 -1.52 2.23
N LEU A 45 -6.20 -0.43 1.48
CA LEU A 45 -4.90 0.21 1.27
C LEU A 45 -4.30 0.74 2.59
N ASN A 46 -5.14 1.20 3.52
CA ASN A 46 -4.74 1.47 4.91
C ASN A 46 -4.34 0.20 5.68
N ASN A 47 -5.04 -0.92 5.46
CA ASN A 47 -4.75 -2.16 6.16
C ASN A 47 -3.36 -2.68 5.77
N ILE A 48 -3.03 -2.62 4.48
CA ILE A 48 -1.69 -2.99 4.00
C ILE A 48 -0.65 -1.97 4.46
N LYS A 49 -0.89 -0.65 4.34
CA LYS A 49 0.09 0.37 4.79
C LYS A 49 0.46 0.17 6.26
N ASN A 50 -0.51 0.05 7.14
CA ASN A 50 -0.31 -0.06 8.59
C ASN A 50 0.34 -1.39 8.97
N GLU A 51 -0.21 -2.49 8.43
CA GLU A 51 0.35 -3.83 8.64
C GLU A 51 1.80 -3.93 8.16
N TYR A 52 2.15 -3.31 7.04
CA TYR A 52 3.50 -3.35 6.50
C TYR A 52 4.43 -2.32 7.18
N LEU A 53 3.94 -1.15 7.61
CA LEU A 53 4.70 -0.23 8.48
C LEU A 53 5.19 -0.95 9.74
N ASN A 54 4.30 -1.70 10.40
CA ASN A 54 4.67 -2.56 11.52
C ASN A 54 5.73 -3.61 11.12
N LYS A 55 5.53 -4.31 10.00
CA LYS A 55 6.45 -5.37 9.56
C LYS A 55 7.84 -4.84 9.18
N ILE A 56 7.92 -3.58 8.74
CA ILE A 56 9.14 -2.89 8.31
C ILE A 56 9.88 -2.27 9.50
N VAL A 57 9.17 -1.61 10.42
CA VAL A 57 9.80 -1.03 11.63
C VAL A 57 10.34 -2.12 12.57
N GLU A 58 9.68 -3.27 12.64
CA GLU A 58 10.10 -4.40 13.49
C GLU A 58 11.19 -5.28 12.82
N SER A 59 11.44 -5.12 11.52
CA SER A 59 12.27 -6.02 10.70
C SER A 59 13.75 -5.93 11.05
N THR A 60 14.43 -7.08 11.10
CA THR A 60 15.86 -7.17 11.38
C THR A 60 16.72 -7.56 10.17
N SER A 61 16.22 -8.37 9.22
CA SER A 61 16.96 -8.78 8.00
C SER A 61 16.78 -7.76 6.87
N GLU A 62 17.87 -7.08 6.48
CA GLU A 62 17.84 -6.06 5.42
C GLU A 62 17.49 -6.61 4.02
N SER A 63 17.95 -7.82 3.67
CA SER A 63 17.53 -8.49 2.44
C SER A 63 16.08 -9.01 2.48
N GLN A 64 15.35 -8.80 3.57
CA GLN A 64 13.89 -8.95 3.64
C GLN A 64 13.16 -7.60 3.66
N LEU A 65 13.74 -6.54 4.26
CA LEU A 65 13.20 -5.17 4.19
C LEU A 65 12.89 -4.74 2.76
N GLN A 66 13.78 -5.06 1.81
CA GLN A 66 13.57 -4.77 0.40
C GLN A 66 12.40 -5.56 -0.23
N ILE A 67 12.10 -6.75 0.29
CA ILE A 67 11.01 -7.60 -0.22
C ILE A 67 9.64 -7.20 0.33
N LEU A 68 9.57 -6.68 1.57
CA LEU A 68 8.33 -6.09 2.10
C LEU A 68 7.75 -5.02 1.17
N MET A 69 8.59 -4.31 0.41
CA MET A 69 8.17 -3.39 -0.65
C MET A 69 7.37 -4.08 -1.76
N MET A 70 7.93 -5.14 -2.36
CA MET A 70 7.31 -5.90 -3.45
C MET A 70 6.12 -6.75 -2.99
N GLU A 71 6.14 -7.25 -1.76
CA GLU A 71 4.99 -7.92 -1.15
C GLU A 71 3.82 -6.97 -0.90
N SER A 72 4.09 -5.76 -0.40
CA SER A 72 3.07 -4.71 -0.29
C SER A 72 2.53 -4.33 -1.68
N ARG A 73 3.41 -4.16 -2.69
CA ARG A 73 2.99 -3.94 -4.08
C ARG A 73 2.07 -5.05 -4.55
N SER A 74 2.44 -6.32 -4.39
CA SER A 74 1.64 -7.49 -4.79
C SER A 74 0.23 -7.46 -4.20
N LYS A 75 0.09 -7.08 -2.92
CA LYS A 75 -1.22 -6.95 -2.25
C LYS A 75 -2.01 -5.68 -2.62
N VAL A 76 -1.34 -4.55 -2.92
CA VAL A 76 -2.00 -3.33 -3.43
C VAL A 76 -2.47 -3.53 -4.88
N ASP A 77 -1.67 -4.19 -5.70
CA ASP A 77 -1.96 -4.55 -7.09
C ASP A 77 -3.09 -5.59 -7.18
N GLU A 78 -3.15 -6.51 -6.21
CA GLU A 78 -4.37 -7.32 -5.96
C GLU A 78 -5.55 -6.45 -5.53
N ALA A 79 -5.38 -5.50 -4.60
CA ALA A 79 -6.49 -4.66 -4.13
C ALA A 79 -7.13 -3.86 -5.28
N VAL A 80 -6.34 -3.31 -6.20
CA VAL A 80 -6.84 -2.77 -7.48
C VAL A 80 -7.60 -3.84 -8.24
N SER A 81 -6.93 -4.95 -8.58
CA SER A 81 -7.48 -6.03 -9.42
C SER A 81 -8.80 -6.61 -8.88
N LYS A 82 -8.97 -6.64 -7.55
CA LYS A 82 -10.14 -7.05 -6.76
C LYS A 82 -11.25 -6.00 -6.76
N PHE A 83 -10.96 -4.71 -6.61
CA PHE A 83 -11.98 -3.64 -6.58
C PHE A 83 -12.40 -3.11 -7.96
N GLU A 84 -11.65 -3.43 -9.02
CA GLU A 84 -12.03 -3.17 -10.43
C GLU A 84 -13.16 -4.09 -10.95
N LYS A 85 -13.55 -5.10 -10.17
CA LYS A 85 -14.49 -6.19 -10.52
C LYS A 85 -15.94 -5.72 -10.69
N LEU A 4 19.82 -1.64 10.09
CA LEU A 4 18.79 -1.55 9.03
C LEU A 4 17.70 -0.50 9.29
N ASP A 5 18.01 0.56 10.04
CA ASP A 5 17.08 1.61 10.50
C ASP A 5 16.88 2.76 9.49
N SER A 6 17.85 2.99 8.61
CA SER A 6 17.68 3.85 7.43
C SER A 6 17.11 3.04 6.26
N GLU A 7 17.58 1.80 6.11
CA GLU A 7 17.09 0.85 5.09
C GLU A 7 15.58 0.58 5.20
N ARG A 8 15.06 0.40 6.41
CA ARG A 8 13.62 0.25 6.65
C ARG A 8 12.84 1.52 6.36
N ASP A 9 13.46 2.69 6.54
CA ASP A 9 12.79 3.97 6.29
C ASP A 9 12.62 4.22 4.79
N LYS A 10 13.69 3.97 4.02
CA LYS A 10 13.67 3.95 2.56
C LYS A 10 12.56 3.03 2.04
N ALA A 11 12.48 1.81 2.60
CA ALA A 11 11.51 0.79 2.24
C ALA A 11 10.05 1.17 2.56
N ARG A 12 9.76 1.75 3.75
CA ARG A 12 8.40 2.23 4.03
C ARG A 12 8.01 3.43 3.17
N LYS A 13 8.93 4.35 2.89
CA LYS A 13 8.61 5.54 2.09
C LYS A 13 8.27 5.20 0.66
N GLU A 14 8.94 4.23 0.05
CA GLU A 14 8.55 3.70 -1.27
C GLU A 14 7.07 3.27 -1.31
N VAL A 15 6.62 2.52 -0.30
CA VAL A 15 5.22 2.06 -0.22
C VAL A 15 4.24 3.12 0.29
N GLU A 16 4.69 4.14 1.03
CA GLU A 16 3.88 5.34 1.31
C GLU A 16 3.57 6.12 0.03
N GLU A 17 4.56 6.31 -0.85
CA GLU A 17 4.36 6.87 -2.18
C GLU A 17 3.43 6.01 -3.04
N TYR A 18 3.60 4.69 -3.03
CA TYR A 18 2.73 3.77 -3.77
C TYR A 18 1.27 3.87 -3.29
N VAL A 19 1.02 3.84 -1.98
CA VAL A 19 -0.32 4.01 -1.38
C VAL A 19 -0.93 5.38 -1.72
N LYS A 20 -0.23 6.50 -1.52
CA LYS A 20 -0.82 7.84 -1.81
C LYS A 20 -1.06 8.05 -3.31
N LYS A 21 -0.18 7.52 -4.17
CA LYS A 21 -0.33 7.56 -5.63
C LYS A 21 -1.57 6.77 -6.08
N ILE A 22 -1.75 5.58 -5.51
CA ILE A 22 -2.84 4.67 -5.86
C ILE A 22 -4.20 5.14 -5.27
N VAL A 23 -4.20 5.87 -4.15
CA VAL A 23 -5.37 6.66 -3.71
C VAL A 23 -5.73 7.73 -4.76
N GLY A 24 -4.72 8.38 -5.37
CA GLY A 24 -4.88 9.22 -6.56
C GLY A 24 -5.52 8.49 -7.75
N GLU A 25 -4.95 7.36 -8.17
CA GLU A 25 -5.48 6.52 -9.26
C GLU A 25 -6.92 6.06 -8.99
N SER A 26 -7.25 5.76 -7.74
CA SER A 26 -8.59 5.33 -7.32
C SER A 26 -9.62 6.44 -7.52
N TYR A 27 -9.30 7.69 -7.16
CA TYR A 27 -10.16 8.85 -7.41
C TYR A 27 -10.10 9.36 -8.87
N ALA A 28 -9.13 8.92 -9.67
CA ALA A 28 -9.11 9.13 -11.12
C ALA A 28 -10.04 8.16 -11.88
N LYS A 29 -10.15 6.89 -11.43
CA LYS A 29 -10.90 5.82 -12.14
C LYS A 29 -12.28 5.45 -11.57
N SER A 30 -12.71 6.08 -10.47
CA SER A 30 -14.00 5.82 -9.80
C SER A 30 -15.13 6.74 -10.27
N THR A 31 -16.37 6.46 -9.84
CA THR A 31 -17.60 7.17 -10.23
C THR A 31 -18.49 7.39 -9.00
N LYS A 32 -19.28 8.47 -8.92
CA LYS A 32 -19.99 8.92 -7.69
C LYS A 32 -20.86 7.87 -7.00
N LYS A 33 -21.39 6.89 -7.74
CA LYS A 33 -22.16 5.75 -7.19
C LYS A 33 -21.30 4.84 -6.31
N ARG A 34 -20.03 4.64 -6.68
CA ARG A 34 -19.04 3.80 -6.00
C ARG A 34 -18.49 4.44 -4.70
N HIS A 35 -19.32 5.15 -3.92
CA HIS A 35 -18.89 5.83 -2.70
C HIS A 35 -18.40 4.84 -1.63
N THR A 36 -19.10 3.72 -1.45
CA THR A 36 -18.67 2.63 -0.57
C THR A 36 -17.36 1.98 -1.04
N ILE A 37 -17.16 1.83 -2.35
CA ILE A 37 -15.93 1.25 -2.92
C ILE A 37 -14.75 2.21 -2.73
N THR A 38 -14.95 3.52 -2.95
CA THR A 38 -13.90 4.53 -2.77
C THR A 38 -13.48 4.68 -1.32
N VAL A 39 -14.41 4.70 -0.35
CA VAL A 39 -13.99 4.62 1.07
C VAL A 39 -13.29 3.30 1.35
N ALA A 40 -13.88 2.16 0.97
CA ALA A 40 -13.34 0.84 1.32
C ALA A 40 -11.92 0.64 0.78
N LEU A 41 -11.67 0.93 -0.50
CA LEU A 41 -10.35 0.80 -1.13
C LEU A 41 -9.33 1.79 -0.54
N VAL A 42 -9.71 3.04 -0.26
CA VAL A 42 -8.78 4.02 0.36
C VAL A 42 -8.42 3.62 1.80
N ASN A 43 -9.39 3.12 2.56
CA ASN A 43 -9.17 2.56 3.88
C ASN A 43 -8.29 1.29 3.81
N GLU A 44 -8.51 0.42 2.82
CA GLU A 44 -7.74 -0.81 2.62
C GLU A 44 -6.28 -0.50 2.25
N LEU A 45 -6.04 0.45 1.32
CA LEU A 45 -4.71 0.96 0.99
C LEU A 45 -3.96 1.49 2.23
N ASN A 46 -4.66 2.11 3.18
CA ASN A 46 -4.08 2.50 4.47
C ASN A 46 -3.91 1.32 5.45
N ASN A 47 -4.72 0.27 5.37
CA ASN A 47 -4.65 -0.88 6.26
C ASN A 47 -3.46 -1.77 5.89
N ILE A 48 -3.27 -1.99 4.59
CA ILE A 48 -2.04 -2.56 4.00
C ILE A 48 -0.83 -1.71 4.41
N LYS A 49 -0.94 -0.37 4.39
CA LYS A 49 0.13 0.51 4.86
C LYS A 49 0.45 0.30 6.35
N ASN A 50 -0.55 0.16 7.22
CA ASN A 50 -0.34 -0.16 8.64
C ASN A 50 0.35 -1.51 8.83
N GLU A 51 -0.19 -2.54 8.17
CA GLU A 51 0.36 -3.90 8.20
C GLU A 51 1.84 -3.93 7.79
N TYR A 52 2.18 -3.28 6.68
CA TYR A 52 3.55 -3.28 6.18
C TYR A 52 4.46 -2.30 6.93
N LEU A 53 3.96 -1.17 7.45
CA LEU A 53 4.69 -0.35 8.43
C LEU A 53 5.07 -1.19 9.67
N ASN A 54 4.14 -1.99 10.19
CA ASN A 54 4.39 -2.90 11.31
C ASN A 54 5.44 -3.98 10.96
N LYS A 55 5.38 -4.58 9.76
CA LYS A 55 6.37 -5.57 9.30
C LYS A 55 7.75 -4.95 9.07
N ILE A 56 7.80 -3.70 8.59
CA ILE A 56 9.02 -2.97 8.25
C ILE A 56 9.71 -2.38 9.50
N VAL A 57 8.96 -1.91 10.51
CA VAL A 57 9.56 -1.42 11.77
C VAL A 57 10.01 -2.54 12.70
N GLU A 58 9.41 -3.73 12.59
CA GLU A 58 9.82 -4.94 13.33
C GLU A 58 10.79 -5.84 12.54
N SER A 59 11.18 -5.45 11.32
CA SER A 59 12.00 -6.28 10.42
C SER A 59 13.38 -6.57 10.99
N THR A 60 13.74 -7.86 11.00
CA THR A 60 15.02 -8.35 11.50
C THR A 60 16.12 -8.40 10.44
N SER A 61 15.77 -8.67 9.17
CA SER A 61 16.74 -8.96 8.09
C SER A 61 16.66 -7.96 6.94
N GLU A 62 17.80 -7.38 6.56
CA GLU A 62 17.89 -6.33 5.54
C GLU A 62 17.39 -6.79 4.16
N SER A 63 17.77 -8.00 3.73
CA SER A 63 17.41 -8.54 2.42
C SER A 63 15.92 -8.89 2.27
N GLN A 64 15.13 -8.81 3.34
CA GLN A 64 13.67 -8.93 3.29
C GLN A 64 12.97 -7.56 3.32
N LEU A 65 13.60 -6.50 3.86
CA LEU A 65 13.06 -5.12 3.78
C LEU A 65 12.87 -4.68 2.33
N GLN A 66 13.82 -5.02 1.45
CA GLN A 66 13.70 -4.74 0.02
C GLN A 66 12.51 -5.48 -0.64
N ILE A 67 12.19 -6.69 -0.17
CA ILE A 67 11.05 -7.46 -0.68
C ILE A 67 9.71 -7.01 -0.10
N LEU A 68 9.68 -6.54 1.14
CA LEU A 68 8.46 -5.97 1.75
C LEU A 68 7.86 -4.81 0.92
N MET A 69 8.68 -4.11 0.12
CA MET A 69 8.21 -3.17 -0.89
C MET A 69 7.34 -3.82 -1.98
N MET A 70 7.83 -4.93 -2.57
CA MET A 70 7.15 -5.65 -3.66
C MET A 70 5.99 -6.53 -3.15
N GLU A 71 6.07 -7.02 -1.92
CA GLU A 71 4.95 -7.58 -1.18
C GLU A 71 3.82 -6.55 -0.98
N SER A 72 4.14 -5.36 -0.46
CA SER A 72 3.14 -4.29 -0.26
C SER A 72 2.46 -3.94 -1.58
N ARG A 73 3.25 -3.81 -2.65
CA ARG A 73 2.79 -3.58 -4.01
C ARG A 73 1.85 -4.68 -4.50
N SER A 74 2.16 -5.94 -4.21
CA SER A 74 1.31 -7.09 -4.56
C SER A 74 -0.05 -7.06 -3.85
N LYS A 75 -0.11 -6.71 -2.56
CA LYS A 75 -1.40 -6.52 -1.86
C LYS A 75 -2.17 -5.31 -2.37
N VAL A 76 -1.49 -4.21 -2.71
CA VAL A 76 -2.10 -3.01 -3.31
C VAL A 76 -2.69 -3.31 -4.69
N ASP A 77 -1.91 -3.98 -5.56
CA ASP A 77 -2.37 -4.45 -6.88
C ASP A 77 -3.59 -5.36 -6.76
N GLU A 78 -3.59 -6.31 -5.82
CA GLU A 78 -4.74 -7.17 -5.59
C GLU A 78 -5.98 -6.38 -5.12
N ALA A 79 -5.85 -5.48 -4.15
CA ALA A 79 -6.98 -4.71 -3.64
C ALA A 79 -7.58 -3.80 -4.72
N VAL A 80 -6.75 -3.05 -5.43
CA VAL A 80 -7.18 -2.16 -6.52
C VAL A 80 -7.81 -2.97 -7.64
N SER A 81 -7.12 -4.00 -8.13
CA SER A 81 -7.54 -4.71 -9.34
C SER A 81 -8.74 -5.64 -9.08
N LYS A 82 -8.99 -6.03 -7.82
CA LYS A 82 -10.25 -6.66 -7.39
C LYS A 82 -11.42 -5.68 -7.28
N PHE A 83 -11.21 -4.42 -6.90
CA PHE A 83 -12.28 -3.41 -6.78
C PHE A 83 -12.56 -2.61 -8.08
N GLU A 84 -11.63 -2.58 -9.03
CA GLU A 84 -11.79 -1.87 -10.33
C GLU A 84 -12.48 -2.71 -11.44
N LYS A 85 -12.81 -3.98 -11.17
CA LYS A 85 -13.24 -4.97 -12.19
C LYS A 85 -14.73 -5.33 -12.17
N LEU A 4 20.67 -0.70 7.48
CA LEU A 4 19.64 -1.53 8.14
C LEU A 4 18.40 -0.71 8.46
N ASP A 5 18.42 0.15 9.49
CA ASP A 5 17.35 1.13 9.70
C ASP A 5 17.25 2.14 8.54
N SER A 6 18.38 2.46 7.89
CA SER A 6 18.41 3.19 6.62
C SER A 6 17.62 2.49 5.51
N GLU A 7 17.55 1.16 5.55
CA GLU A 7 16.81 0.31 4.61
C GLU A 7 15.32 0.28 4.94
N ARG A 8 14.95 0.18 6.23
CA ARG A 8 13.54 0.17 6.62
C ARG A 8 12.86 1.51 6.36
N ASP A 9 13.59 2.63 6.40
CA ASP A 9 13.02 3.93 6.06
C ASP A 9 12.72 4.04 4.56
N LYS A 10 13.68 3.70 3.69
CA LYS A 10 13.38 3.67 2.26
C LYS A 10 12.30 2.63 1.93
N ALA A 11 12.28 1.48 2.61
CA ALA A 11 11.26 0.45 2.43
C ALA A 11 9.86 0.90 2.85
N ARG A 12 9.69 1.58 4.00
CA ARG A 12 8.37 2.13 4.39
C ARG A 12 7.94 3.24 3.42
N LYS A 13 8.84 4.14 3.03
CA LYS A 13 8.53 5.21 2.07
C LYS A 13 8.21 4.71 0.65
N GLU A 14 8.89 3.64 0.20
CA GLU A 14 8.65 2.94 -1.07
C GLU A 14 7.22 2.36 -1.16
N VAL A 15 6.70 1.84 -0.06
CA VAL A 15 5.31 1.35 0.00
C VAL A 15 4.30 2.46 0.30
N GLU A 16 4.69 3.51 1.04
CA GLU A 16 3.85 4.71 1.24
C GLU A 16 3.52 5.39 -0.09
N GLU A 17 4.51 5.68 -0.93
CA GLU A 17 4.28 6.37 -2.21
C GLU A 17 3.37 5.56 -3.14
N TYR A 18 3.41 4.23 -3.06
CA TYR A 18 2.64 3.35 -3.92
C TYR A 18 1.16 3.32 -3.49
N VAL A 19 0.89 3.12 -2.20
CA VAL A 19 -0.46 3.32 -1.60
C VAL A 19 -0.97 4.73 -1.91
N LYS A 20 -0.17 5.77 -1.68
CA LYS A 20 -0.58 7.17 -1.86
C LYS A 20 -0.88 7.53 -3.32
N LYS A 21 -0.15 6.93 -4.27
CA LYS A 21 -0.41 7.05 -5.71
C LYS A 21 -1.77 6.41 -6.04
N ILE A 22 -1.97 5.18 -5.57
CA ILE A 22 -3.15 4.38 -5.90
C ILE A 22 -4.42 4.89 -5.20
N VAL A 23 -4.33 5.47 -4.00
CA VAL A 23 -5.43 6.21 -3.34
C VAL A 23 -5.87 7.40 -4.20
N GLY A 24 -4.93 8.24 -4.66
CA GLY A 24 -5.26 9.41 -5.49
C GLY A 24 -5.84 9.04 -6.86
N GLU A 25 -5.35 7.98 -7.52
CA GLU A 25 -5.97 7.47 -8.75
C GLU A 25 -7.36 6.86 -8.51
N SER A 26 -7.60 6.26 -7.33
CA SER A 26 -8.93 5.76 -6.95
C SER A 26 -9.93 6.91 -6.77
N TYR A 27 -9.51 8.05 -6.22
CA TYR A 27 -10.32 9.28 -6.22
C TYR A 27 -10.54 9.82 -7.65
N ALA A 28 -9.50 9.81 -8.49
CA ALA A 28 -9.57 10.31 -9.86
C ALA A 28 -10.53 9.48 -10.75
N LYS A 29 -10.63 8.16 -10.54
CA LYS A 29 -11.60 7.28 -11.23
C LYS A 29 -12.89 7.01 -10.44
N SER A 30 -13.17 7.81 -9.40
CA SER A 30 -14.41 7.75 -8.63
C SER A 30 -15.59 8.41 -9.36
N THR A 31 -16.82 8.10 -8.93
CA THR A 31 -18.08 8.73 -9.38
C THR A 31 -19.06 8.84 -8.20
N LYS A 32 -20.25 9.45 -8.36
CA LYS A 32 -21.27 9.51 -7.28
C LYS A 32 -21.83 8.12 -6.96
N LYS A 33 -22.00 7.27 -7.98
CA LYS A 33 -22.37 5.86 -7.89
C LYS A 33 -21.22 4.98 -7.38
N ARG A 34 -20.00 5.16 -7.91
CA ARG A 34 -18.85 4.31 -7.59
C ARG A 34 -18.22 4.57 -6.21
N HIS A 35 -18.62 5.65 -5.54
CA HIS A 35 -18.08 6.14 -4.27
C HIS A 35 -17.91 5.07 -3.17
N THR A 36 -18.88 4.16 -3.03
CA THR A 36 -18.83 3.04 -2.06
C THR A 36 -17.61 2.15 -2.25
N ILE A 37 -17.24 1.88 -3.51
CA ILE A 37 -16.04 1.11 -3.86
C ILE A 37 -14.79 1.93 -3.52
N THR A 38 -14.78 3.21 -3.89
CA THR A 38 -13.63 4.13 -3.67
C THR A 38 -13.24 4.18 -2.20
N VAL A 39 -14.19 4.37 -1.28
CA VAL A 39 -13.90 4.43 0.15
C VAL A 39 -13.46 3.07 0.70
N ALA A 40 -14.12 1.97 0.28
CA ALA A 40 -13.73 0.62 0.70
C ALA A 40 -12.32 0.22 0.23
N LEU A 41 -11.93 0.65 -0.98
CA LEU A 41 -10.58 0.48 -1.53
C LEU A 41 -9.55 1.33 -0.80
N VAL A 42 -9.81 2.61 -0.50
CA VAL A 42 -8.88 3.45 0.29
C VAL A 42 -8.69 2.92 1.72
N ASN A 43 -9.76 2.44 2.34
CA ASN A 43 -9.70 1.74 3.63
C ASN A 43 -8.76 0.51 3.56
N GLU A 44 -8.80 -0.25 2.47
CA GLU A 44 -7.92 -1.40 2.29
C GLU A 44 -6.46 -0.98 1.98
N LEU A 45 -6.23 -0.11 0.99
CA LEU A 45 -4.91 0.38 0.57
C LEU A 45 -4.08 0.93 1.75
N ASN A 46 -4.68 1.81 2.57
CA ASN A 46 -3.99 2.38 3.73
C ASN A 46 -3.83 1.37 4.88
N ASN A 47 -4.70 0.38 4.99
CA ASN A 47 -4.52 -0.74 5.92
C ASN A 47 -3.30 -1.61 5.55
N ILE A 48 -3.05 -1.89 4.26
CA ILE A 48 -1.79 -2.57 3.86
C ILE A 48 -0.59 -1.72 4.25
N LYS A 49 -0.68 -0.39 4.07
CA LYS A 49 0.36 0.55 4.52
C LYS A 49 0.65 0.42 6.01
N ASN A 50 -0.39 0.44 6.86
CA ASN A 50 -0.27 0.31 8.31
C ASN A 50 0.34 -1.04 8.72
N GLU A 51 -0.17 -2.13 8.15
CA GLU A 51 0.28 -3.49 8.45
C GLU A 51 1.73 -3.70 8.04
N TYR A 52 2.11 -3.29 6.82
CA TYR A 52 3.48 -3.41 6.36
C TYR A 52 4.41 -2.39 7.04
N LEU A 53 3.93 -1.21 7.46
CA LEU A 53 4.66 -0.32 8.37
C LEU A 53 5.07 -1.04 9.66
N ASN A 54 4.18 -1.85 10.25
CA ASN A 54 4.51 -2.65 11.44
C ASN A 54 5.53 -3.75 11.09
N LYS A 55 5.42 -4.43 9.94
CA LYS A 55 6.40 -5.44 9.50
C LYS A 55 7.79 -4.82 9.29
N ILE A 56 7.82 -3.61 8.71
CA ILE A 56 9.03 -2.90 8.32
C ILE A 56 9.74 -2.25 9.53
N VAL A 57 9.02 -1.68 10.50
CA VAL A 57 9.66 -1.14 11.72
C VAL A 57 10.27 -2.26 12.59
N GLU A 58 9.57 -3.40 12.68
CA GLU A 58 9.92 -4.57 13.50
C GLU A 58 10.88 -5.54 12.77
N SER A 59 11.38 -5.19 11.58
CA SER A 59 12.32 -6.01 10.81
C SER A 59 13.77 -5.80 11.27
N THR A 60 14.40 -6.86 11.78
CA THR A 60 15.82 -6.85 12.19
C THR A 60 16.81 -7.16 11.04
N SER A 61 16.32 -7.21 9.79
CA SER A 61 17.03 -7.80 8.64
C SER A 61 16.81 -7.00 7.34
N GLU A 62 17.86 -6.37 6.81
CA GLU A 62 17.78 -5.51 5.60
C GLU A 62 17.56 -6.28 4.28
N SER A 63 17.98 -7.53 4.22
CA SER A 63 17.66 -8.48 3.14
C SER A 63 16.20 -8.97 3.15
N GLN A 64 15.51 -8.88 4.28
CA GLN A 64 14.07 -9.16 4.38
C GLN A 64 13.26 -7.90 4.05
N LEU A 65 13.68 -6.74 4.59
CA LEU A 65 13.07 -5.42 4.38
C LEU A 65 12.82 -5.08 2.91
N GLN A 66 13.77 -5.42 2.04
CA GLN A 66 13.62 -5.20 0.60
C GLN A 66 12.46 -5.99 -0.02
N ILE A 67 12.12 -7.16 0.52
CA ILE A 67 11.01 -7.98 0.00
C ILE A 67 9.65 -7.44 0.46
N LEU A 68 9.53 -6.91 1.68
CA LEU A 68 8.31 -6.26 2.16
C LEU A 68 7.86 -5.12 1.23
N MET A 69 8.79 -4.49 0.52
CA MET A 69 8.50 -3.49 -0.53
C MET A 69 7.67 -4.09 -1.66
N MET A 70 8.15 -5.18 -2.26
CA MET A 70 7.55 -5.83 -3.42
C MET A 70 6.27 -6.60 -3.06
N GLU A 71 6.20 -7.18 -1.85
CA GLU A 71 4.96 -7.76 -1.34
C GLU A 71 3.86 -6.72 -1.16
N SER A 72 4.15 -5.62 -0.46
CA SER A 72 3.15 -4.59 -0.22
C SER A 72 2.68 -4.00 -1.55
N ARG A 73 3.61 -3.70 -2.47
CA ARG A 73 3.31 -3.19 -3.81
C ARG A 73 2.39 -4.13 -4.61
N SER A 74 2.67 -5.42 -4.57
CA SER A 74 1.83 -6.46 -5.19
C SER A 74 0.44 -6.50 -4.59
N LYS A 75 0.31 -6.44 -3.25
CA LYS A 75 -0.99 -6.52 -2.56
C LYS A 75 -1.84 -5.24 -2.69
N VAL A 76 -1.21 -4.06 -2.79
CA VAL A 76 -1.88 -2.77 -3.06
C VAL A 76 -2.46 -2.76 -4.48
N ASP A 77 -1.75 -3.30 -5.47
CA ASP A 77 -2.23 -3.46 -6.85
C ASP A 77 -3.30 -4.58 -6.98
N GLU A 78 -3.16 -5.67 -6.22
CA GLU A 78 -4.16 -6.75 -6.14
C GLU A 78 -5.48 -6.28 -5.51
N ALA A 79 -5.44 -5.43 -4.49
CA ALA A 79 -6.62 -4.81 -3.88
C ALA A 79 -7.41 -3.97 -4.89
N VAL A 80 -6.72 -3.21 -5.75
CA VAL A 80 -7.35 -2.52 -6.89
C VAL A 80 -8.01 -3.52 -7.82
N SER A 81 -7.29 -4.56 -8.26
CA SER A 81 -7.82 -5.52 -9.23
C SER A 81 -8.97 -6.39 -8.69
N LYS A 82 -9.13 -6.48 -7.38
CA LYS A 82 -10.32 -7.01 -6.70
C LYS A 82 -11.48 -6.02 -6.74
N PHE A 83 -11.29 -4.79 -6.26
CA PHE A 83 -12.37 -3.80 -6.13
C PHE A 83 -12.84 -3.21 -7.48
N GLU A 84 -11.96 -3.09 -8.47
CA GLU A 84 -12.24 -2.46 -9.76
C GLU A 84 -13.03 -3.35 -10.74
N LYS A 85 -13.28 -4.61 -10.37
CA LYS A 85 -13.73 -5.71 -11.23
C LYS A 85 -15.20 -5.63 -11.65
N LEU A 4 20.56 -1.02 8.04
CA LEU A 4 19.30 -1.81 8.10
C LEU A 4 18.11 -0.87 8.31
N ASP A 5 18.08 -0.23 9.48
CA ASP A 5 17.53 1.09 9.82
C ASP A 5 17.36 2.04 8.62
N SER A 6 18.44 2.40 7.93
CA SER A 6 18.45 3.13 6.66
C SER A 6 17.43 2.61 5.63
N GLU A 7 17.47 1.30 5.40
CA GLU A 7 16.59 0.58 4.49
C GLU A 7 15.12 0.58 4.97
N ARG A 8 14.88 0.45 6.28
CA ARG A 8 13.52 0.54 6.84
C ARG A 8 12.98 1.97 6.94
N ASP A 9 13.81 2.99 6.76
CA ASP A 9 13.37 4.38 6.60
C ASP A 9 12.90 4.64 5.16
N LYS A 10 13.66 4.23 4.14
CA LYS A 10 13.17 4.34 2.75
C LYS A 10 11.91 3.48 2.53
N ALA A 11 11.89 2.27 3.09
CA ALA A 11 10.81 1.32 2.89
C ALA A 11 9.46 1.82 3.40
N ARG A 12 9.42 2.41 4.60
CA ARG A 12 8.17 2.91 5.17
C ARG A 12 7.62 4.10 4.37
N LYS A 13 8.51 4.90 3.75
CA LYS A 13 8.17 5.97 2.80
C LYS A 13 7.65 5.38 1.47
N GLU A 14 8.30 4.35 0.94
CA GLU A 14 7.89 3.68 -0.30
C GLU A 14 6.45 3.13 -0.21
N VAL A 15 6.13 2.43 0.89
CA VAL A 15 4.77 1.88 1.09
C VAL A 15 3.75 2.94 1.54
N GLU A 16 4.17 4.01 2.22
CA GLU A 16 3.37 5.23 2.42
C GLU A 16 2.91 5.80 1.07
N GLU A 17 3.86 6.08 0.17
CA GLU A 17 3.54 6.71 -1.10
C GLU A 17 2.75 5.79 -2.03
N TYR A 18 3.03 4.48 -2.03
CA TYR A 18 2.31 3.56 -2.91
C TYR A 18 0.82 3.47 -2.55
N VAL A 19 0.46 3.42 -1.27
CA VAL A 19 -0.95 3.45 -0.84
C VAL A 19 -1.63 4.76 -1.24
N LYS A 20 -1.04 5.93 -0.98
CA LYS A 20 -1.69 7.22 -1.34
C LYS A 20 -1.73 7.46 -2.86
N LYS A 21 -0.74 6.99 -3.62
CA LYS A 21 -0.67 7.06 -5.09
C LYS A 21 -1.80 6.26 -5.73
N ILE A 22 -2.04 5.07 -5.19
CA ILE A 22 -3.03 4.11 -5.70
C ILE A 22 -4.43 4.46 -5.22
N VAL A 23 -4.58 5.02 -4.02
CA VAL A 23 -5.81 5.74 -3.62
C VAL A 23 -6.11 6.86 -4.62
N GLY A 24 -5.14 7.71 -4.98
CA GLY A 24 -5.31 8.75 -6.00
C GLY A 24 -5.77 8.20 -7.35
N GLU A 25 -5.11 7.14 -7.85
CA GLU A 25 -5.53 6.44 -9.06
C GLU A 25 -6.96 5.89 -8.95
N SER A 26 -7.40 5.40 -7.80
CA SER A 26 -8.76 4.88 -7.64
C SER A 26 -9.85 5.95 -7.80
N TYR A 27 -9.58 7.21 -7.42
CA TYR A 27 -10.47 8.35 -7.66
C TYR A 27 -10.35 8.89 -9.11
N ALA A 28 -9.20 8.72 -9.75
CA ALA A 28 -9.01 9.04 -11.16
C ALA A 28 -9.70 8.03 -12.11
N LYS A 29 -9.68 6.74 -11.78
CA LYS A 29 -10.38 5.68 -12.53
C LYS A 29 -11.90 5.65 -12.25
N SER A 30 -12.32 6.02 -11.04
CA SER A 30 -13.74 6.16 -10.70
C SER A 30 -14.35 7.46 -11.25
N THR A 31 -15.65 7.63 -11.07
CA THR A 31 -16.32 8.95 -11.05
C THR A 31 -16.96 9.14 -9.67
N LYS A 32 -17.41 10.35 -9.34
CA LYS A 32 -18.08 10.70 -8.07
C LYS A 32 -19.14 9.68 -7.65
N LYS A 33 -19.89 9.15 -8.63
CA LYS A 33 -20.99 8.21 -8.43
C LYS A 33 -20.56 6.93 -7.67
N ARG A 34 -19.29 6.51 -7.80
CA ARG A 34 -18.74 5.30 -7.15
C ARG A 34 -17.91 5.61 -5.88
N HIS A 35 -18.17 6.74 -5.21
CA HIS A 35 -17.57 7.03 -3.88
C HIS A 35 -17.77 5.88 -2.86
N THR A 36 -18.86 5.11 -3.00
CA THR A 36 -19.21 3.96 -2.16
C THR A 36 -18.25 2.76 -2.34
N ILE A 37 -17.44 2.75 -3.41
CA ILE A 37 -16.39 1.74 -3.65
C ILE A 37 -15.00 2.28 -3.30
N THR A 38 -14.69 3.52 -3.67
CA THR A 38 -13.39 4.12 -3.30
C THR A 38 -13.21 4.20 -1.80
N VAL A 39 -14.25 4.57 -1.04
CA VAL A 39 -14.20 4.61 0.44
C VAL A 39 -13.82 3.25 1.07
N ALA A 40 -14.27 2.13 0.48
CA ALA A 40 -13.92 0.79 0.94
C ALA A 40 -12.46 0.43 0.59
N LEU A 41 -12.05 0.69 -0.65
CA LEU A 41 -10.66 0.47 -1.10
C LEU A 41 -9.65 1.37 -0.37
N VAL A 42 -10.03 2.59 0.01
CA VAL A 42 -9.25 3.49 0.87
C VAL A 42 -9.02 2.86 2.25
N ASN A 43 -10.08 2.36 2.88
CA ASN A 43 -9.97 1.73 4.20
C ASN A 43 -9.22 0.38 4.17
N GLU A 44 -9.21 -0.33 3.03
CA GLU A 44 -8.35 -1.51 2.85
C GLU A 44 -6.89 -1.14 2.56
N LEU A 45 -6.62 -0.20 1.64
CA LEU A 45 -5.24 0.21 1.32
C LEU A 45 -4.51 0.81 2.52
N ASN A 46 -5.22 1.56 3.38
CA ASN A 46 -4.65 1.99 4.66
C ASN A 46 -4.40 0.81 5.62
N ASN A 47 -5.22 -0.24 5.62
CA ASN A 47 -4.98 -1.45 6.42
C ASN A 47 -3.72 -2.17 5.95
N ILE A 48 -3.54 -2.35 4.63
CA ILE A 48 -2.29 -2.89 4.04
C ILE A 48 -1.09 -1.99 4.39
N LYS A 49 -1.26 -0.66 4.45
CA LYS A 49 -0.20 0.25 4.91
C LYS A 49 0.27 -0.09 6.32
N ASN A 50 -0.64 -0.14 7.30
CA ASN A 50 -0.29 -0.40 8.71
C ASN A 50 0.31 -1.80 8.89
N GLU A 51 -0.25 -2.78 8.17
CA GLU A 51 0.27 -4.14 8.10
C GLU A 51 1.74 -4.16 7.68
N TYR A 52 2.11 -3.42 6.63
CA TYR A 52 3.48 -3.37 6.14
C TYR A 52 4.40 -2.42 6.89
N LEU A 53 3.90 -1.28 7.39
CA LEU A 53 4.65 -0.37 8.27
C LEU A 53 5.11 -1.13 9.54
N ASN A 54 4.23 -1.94 10.14
CA ASN A 54 4.56 -2.82 11.27
C ASN A 54 5.58 -3.91 10.89
N LYS A 55 5.51 -4.48 9.67
CA LYS A 55 6.52 -5.42 9.19
C LYS A 55 7.89 -4.76 8.99
N ILE A 56 7.92 -3.50 8.55
CA ILE A 56 9.14 -2.75 8.20
C ILE A 56 9.95 -2.35 9.44
N VAL A 57 9.30 -2.04 10.57
CA VAL A 57 10.01 -1.83 11.85
C VAL A 57 10.59 -3.14 12.44
N GLU A 58 9.98 -4.29 12.13
CA GLU A 58 10.39 -5.60 12.68
C GLU A 58 11.41 -6.37 11.80
N SER A 59 11.47 -6.09 10.50
CA SER A 59 12.22 -6.85 9.50
C SER A 59 13.72 -6.92 9.80
N THR A 60 14.29 -8.13 9.67
CA THR A 60 15.60 -8.49 10.23
C THR A 60 16.82 -8.07 9.40
N SER A 61 16.61 -7.79 8.11
CA SER A 61 17.68 -7.51 7.12
C SER A 61 17.23 -6.48 6.08
N GLU A 62 18.14 -5.62 5.66
CA GLU A 62 18.00 -4.78 4.44
C GLU A 62 17.56 -5.57 3.20
N SER A 63 18.15 -6.75 2.96
CA SER A 63 17.80 -7.60 1.81
C SER A 63 16.42 -8.28 1.91
N GLN A 64 15.76 -8.16 3.06
CA GLN A 64 14.34 -8.48 3.23
C GLN A 64 13.48 -7.22 3.15
N LEU A 65 13.91 -6.11 3.77
CA LEU A 65 13.21 -4.82 3.80
C LEU A 65 12.87 -4.28 2.41
N GLN A 66 13.80 -4.38 1.46
CA GLN A 66 13.54 -3.99 0.08
C GLN A 66 12.41 -4.81 -0.56
N ILE A 67 12.24 -6.08 -0.15
CA ILE A 67 11.21 -6.97 -0.68
C ILE A 67 9.85 -6.73 -0.02
N LEU A 68 9.81 -6.33 1.27
CA LEU A 68 8.57 -5.88 1.91
C LEU A 68 7.90 -4.75 1.10
N MET A 69 8.68 -3.89 0.45
CA MET A 69 8.15 -2.86 -0.47
C MET A 69 7.41 -3.51 -1.65
N MET A 70 8.02 -4.50 -2.31
CA MET A 70 7.48 -5.17 -3.50
C MET A 70 6.28 -6.06 -3.17
N GLU A 71 6.28 -6.70 -2.00
CA GLU A 71 5.16 -7.53 -1.55
C GLU A 71 3.98 -6.71 -1.03
N SER A 72 4.24 -5.55 -0.44
CA SER A 72 3.20 -4.54 -0.22
C SER A 72 2.57 -4.11 -1.55
N ARG A 73 3.37 -3.82 -2.58
CA ARG A 73 2.92 -3.45 -3.93
C ARG A 73 2.08 -4.58 -4.55
N SER A 74 2.52 -5.82 -4.42
CA SER A 74 1.80 -7.05 -4.80
C SER A 74 0.42 -7.19 -4.13
N LYS A 75 0.32 -6.98 -2.80
CA LYS A 75 -0.97 -7.04 -2.10
C LYS A 75 -1.84 -5.78 -2.29
N VAL A 76 -1.26 -4.63 -2.62
CA VAL A 76 -1.98 -3.44 -3.08
C VAL A 76 -2.62 -3.69 -4.45
N ASP A 77 -1.90 -4.32 -5.38
CA ASP A 77 -2.45 -4.72 -6.68
C ASP A 77 -3.56 -5.78 -6.54
N GLU A 78 -3.43 -6.72 -5.60
CA GLU A 78 -4.53 -7.65 -5.24
C GLU A 78 -5.77 -6.88 -4.73
N ALA A 79 -5.59 -5.88 -3.87
CA ALA A 79 -6.68 -5.05 -3.37
C ALA A 79 -7.34 -4.21 -4.47
N VAL A 80 -6.55 -3.55 -5.33
CA VAL A 80 -7.09 -2.80 -6.49
C VAL A 80 -7.86 -3.73 -7.42
N SER A 81 -7.27 -4.85 -7.82
CA SER A 81 -7.90 -5.79 -8.75
C SER A 81 -9.15 -6.44 -8.16
N LYS A 82 -9.20 -6.64 -6.84
CA LYS A 82 -10.42 -7.08 -6.11
C LYS A 82 -11.54 -6.04 -6.16
N PHE A 83 -11.23 -4.78 -5.85
CA PHE A 83 -12.25 -3.73 -5.67
C PHE A 83 -12.64 -3.00 -6.97
N GLU A 84 -11.81 -3.03 -8.01
CA GLU A 84 -12.15 -2.45 -9.33
C GLU A 84 -13.11 -3.35 -10.14
N LYS A 85 -13.16 -4.65 -9.82
CA LYS A 85 -14.03 -5.66 -10.47
C LYS A 85 -15.51 -5.40 -10.32
N LEU A 4 20.88 -0.98 7.71
CA LEU A 4 19.45 -1.39 7.82
C LEU A 4 18.49 -0.24 8.13
N ASP A 5 18.92 0.83 8.81
CA ASP A 5 18.06 1.92 9.30
C ASP A 5 17.60 2.86 8.19
N SER A 6 18.51 3.24 7.29
CA SER A 6 18.15 3.95 6.05
C SER A 6 17.41 3.03 5.08
N GLU A 7 17.63 1.72 5.17
CA GLU A 7 16.92 0.71 4.39
C GLU A 7 15.46 0.56 4.81
N ARG A 8 15.19 0.53 6.12
CA ARG A 8 13.81 0.56 6.62
C ARG A 8 13.14 1.90 6.31
N ASP A 9 13.92 2.99 6.23
CA ASP A 9 13.47 4.32 5.79
C ASP A 9 13.04 4.35 4.32
N LYS A 10 13.83 3.75 3.41
CA LYS A 10 13.46 3.57 2.00
C LYS A 10 12.26 2.66 1.86
N ALA A 11 12.27 1.52 2.56
CA ALA A 11 11.23 0.50 2.47
C ALA A 11 9.87 1.03 2.92
N ARG A 12 9.79 1.75 4.06
CA ARG A 12 8.53 2.41 4.45
C ARG A 12 8.09 3.44 3.41
N LYS A 13 9.01 4.26 2.90
CA LYS A 13 8.65 5.37 2.03
C LYS A 13 8.14 4.90 0.68
N GLU A 14 8.74 3.85 0.14
CA GLU A 14 8.32 3.18 -1.10
C GLU A 14 6.88 2.66 -1.00
N VAL A 15 6.52 1.99 0.11
CA VAL A 15 5.18 1.42 0.28
C VAL A 15 4.14 2.46 0.67
N GLU A 16 4.53 3.51 1.40
CA GLU A 16 3.69 4.67 1.65
C GLU A 16 3.35 5.42 0.35
N GLU A 17 4.32 5.64 -0.55
CA GLU A 17 4.03 6.34 -1.80
C GLU A 17 3.25 5.49 -2.80
N TYR A 18 3.40 4.17 -2.79
CA TYR A 18 2.58 3.27 -3.61
C TYR A 18 1.10 3.29 -3.17
N VAL A 19 0.82 3.23 -1.86
CA VAL A 19 -0.54 3.45 -1.33
C VAL A 19 -1.02 4.87 -1.64
N LYS A 20 -0.20 5.91 -1.41
CA LYS A 20 -0.54 7.30 -1.71
C LYS A 20 -0.93 7.51 -3.17
N LYS A 21 -0.15 6.93 -4.11
CA LYS A 21 -0.45 6.94 -5.55
C LYS A 21 -1.79 6.28 -5.77
N ILE A 22 -1.94 5.02 -5.40
CA ILE A 22 -3.11 4.24 -5.86
C ILE A 22 -4.42 4.66 -5.15
N VAL A 23 -4.35 5.26 -3.95
CA VAL A 23 -5.47 6.00 -3.33
C VAL A 23 -5.88 7.21 -4.18
N GLY A 24 -4.92 8.05 -4.60
CA GLY A 24 -5.18 9.21 -5.45
C GLY A 24 -5.67 8.85 -6.85
N GLU A 25 -5.14 7.76 -7.42
CA GLU A 25 -5.54 7.20 -8.70
C GLU A 25 -6.94 6.61 -8.66
N SER A 26 -7.32 5.96 -7.55
CA SER A 26 -8.67 5.44 -7.36
C SER A 26 -9.70 6.55 -7.43
N TYR A 27 -9.47 7.71 -6.79
CA TYR A 27 -10.35 8.87 -6.97
C TYR A 27 -10.33 9.42 -8.39
N ALA A 28 -9.17 9.46 -9.04
CA ALA A 28 -9.06 9.84 -10.44
C ALA A 28 -9.79 8.87 -11.42
N LYS A 29 -10.26 7.70 -10.96
CA LYS A 29 -11.07 6.75 -11.74
C LYS A 29 -12.36 6.28 -11.03
N SER A 30 -12.94 7.09 -10.14
CA SER A 30 -14.19 6.76 -9.43
C SER A 30 -15.16 7.94 -9.32
N THR A 31 -16.43 7.69 -9.62
CA THR A 31 -17.52 8.68 -9.68
C THR A 31 -18.35 8.70 -8.39
N LYS A 32 -19.24 9.70 -8.22
CA LYS A 32 -20.07 9.83 -7.01
C LYS A 32 -20.93 8.60 -6.71
N LYS A 33 -21.46 7.93 -7.75
CA LYS A 33 -22.24 6.67 -7.65
C LYS A 33 -21.36 5.45 -7.29
N ARG A 34 -20.03 5.59 -7.24
CA ARG A 34 -19.06 4.58 -6.81
C ARG A 34 -18.39 4.89 -5.47
N HIS A 35 -18.64 6.04 -4.86
CA HIS A 35 -17.99 6.54 -3.63
C HIS A 35 -17.87 5.49 -2.50
N THR A 36 -18.89 4.66 -2.30
CA THR A 36 -18.92 3.57 -1.30
C THR A 36 -17.87 2.48 -1.56
N ILE A 37 -17.58 2.19 -2.83
CA ILE A 37 -16.52 1.27 -3.26
C ILE A 37 -15.16 1.98 -3.16
N THR A 38 -15.10 3.27 -3.51
CA THR A 38 -13.88 4.08 -3.41
C THR A 38 -13.39 4.16 -1.96
N VAL A 39 -14.26 4.47 -0.99
CA VAL A 39 -13.87 4.46 0.44
C VAL A 39 -13.43 3.07 0.88
N ALA A 40 -14.15 2.01 0.52
CA ALA A 40 -13.80 0.66 0.94
C ALA A 40 -12.40 0.25 0.44
N LEU A 41 -12.07 0.53 -0.83
CA LEU A 41 -10.73 0.28 -1.37
C LEU A 41 -9.65 1.12 -0.67
N VAL A 42 -9.89 2.41 -0.43
CA VAL A 42 -8.93 3.30 0.26
C VAL A 42 -8.68 2.86 1.71
N ASN A 43 -9.73 2.45 2.42
CA ASN A 43 -9.65 1.90 3.79
C ASN A 43 -8.87 0.57 3.83
N GLU A 44 -9.05 -0.29 2.81
CA GLU A 44 -8.26 -1.51 2.64
C GLU A 44 -6.77 -1.15 2.40
N LEU A 45 -6.47 -0.22 1.49
CA LEU A 45 -5.10 0.21 1.21
C LEU A 45 -4.40 0.83 2.42
N ASN A 46 -5.13 1.60 3.24
CA ASN A 46 -4.61 2.10 4.51
C ASN A 46 -4.32 0.96 5.49
N ASN A 47 -5.12 -0.12 5.52
CA ASN A 47 -4.91 -1.26 6.40
C ASN A 47 -3.64 -2.02 5.99
N ILE A 48 -3.46 -2.22 4.67
CA ILE A 48 -2.22 -2.76 4.09
C ILE A 48 -1.01 -1.89 4.46
N LYS A 49 -1.13 -0.55 4.34
CA LYS A 49 -0.06 0.37 4.71
C LYS A 49 0.32 0.21 6.19
N ASN A 50 -0.66 0.27 7.09
CA ASN A 50 -0.44 0.17 8.54
C ASN A 50 0.20 -1.17 8.91
N GLU A 51 -0.32 -2.26 8.37
CA GLU A 51 0.22 -3.61 8.60
C GLU A 51 1.67 -3.75 8.14
N TYR A 52 1.97 -3.36 6.89
CA TYR A 52 3.32 -3.55 6.37
C TYR A 52 4.32 -2.55 6.98
N LEU A 53 3.88 -1.35 7.39
CA LEU A 53 4.68 -0.46 8.26
C LEU A 53 5.03 -1.12 9.60
N ASN A 54 4.10 -1.87 10.21
CA ASN A 54 4.37 -2.64 11.43
C ASN A 54 5.43 -3.74 11.20
N LYS A 55 5.55 -4.26 9.96
CA LYS A 55 6.60 -5.17 9.51
C LYS A 55 7.91 -4.44 9.18
N ILE A 56 7.87 -3.17 8.73
CA ILE A 56 9.08 -2.35 8.54
C ILE A 56 9.80 -2.13 9.88
N VAL A 57 9.08 -1.68 10.91
CA VAL A 57 9.71 -1.33 12.20
C VAL A 57 10.23 -2.56 12.94
N GLU A 58 9.49 -3.67 12.94
CA GLU A 58 9.91 -4.94 13.55
C GLU A 58 10.86 -5.77 12.64
N SER A 59 11.34 -5.22 11.53
CA SER A 59 12.37 -5.90 10.74
C SER A 59 13.74 -5.83 11.43
N THR A 60 14.39 -6.98 11.53
CA THR A 60 15.81 -7.13 11.87
C THR A 60 16.71 -7.27 10.63
N SER A 61 16.11 -7.35 9.43
CA SER A 61 16.75 -7.77 8.18
C SER A 61 16.54 -6.74 7.06
N GLU A 62 17.63 -6.24 6.48
CA GLU A 62 17.55 -5.31 5.35
C GLU A 62 17.21 -6.02 4.03
N SER A 63 17.58 -7.30 3.90
CA SER A 63 17.14 -8.17 2.82
C SER A 63 15.61 -8.40 2.88
N GLN A 64 15.03 -8.72 4.05
CA GLN A 64 13.56 -8.81 4.19
C GLN A 64 12.86 -7.48 3.86
N LEU A 65 13.42 -6.35 4.31
CA LEU A 65 12.83 -5.02 4.11
C LEU A 65 12.61 -4.69 2.64
N GLN A 66 13.52 -5.13 1.77
CA GLN A 66 13.36 -4.91 0.34
C GLN A 66 12.25 -5.80 -0.25
N ILE A 67 12.12 -7.07 0.18
CA ILE A 67 11.04 -7.92 -0.35
C ILE A 67 9.66 -7.46 0.13
N LEU A 68 9.55 -6.95 1.35
CA LEU A 68 8.30 -6.36 1.87
C LEU A 68 7.77 -5.22 0.98
N MET A 69 8.63 -4.51 0.24
CA MET A 69 8.20 -3.53 -0.76
C MET A 69 7.42 -4.19 -1.90
N MET A 70 7.94 -5.29 -2.47
CA MET A 70 7.30 -6.02 -3.56
C MET A 70 6.05 -6.76 -3.08
N GLU A 71 6.08 -7.35 -1.89
CA GLU A 71 4.93 -8.08 -1.33
C GLU A 71 3.76 -7.16 -0.98
N SER A 72 4.04 -6.00 -0.37
CA SER A 72 3.01 -4.98 -0.12
C SER A 72 2.49 -4.35 -1.43
N ARG A 73 3.36 -4.06 -2.41
CA ARG A 73 2.97 -3.58 -3.75
C ARG A 73 2.03 -4.58 -4.42
N SER A 74 2.38 -5.87 -4.39
CA SER A 74 1.56 -6.96 -4.89
C SER A 74 0.19 -7.00 -4.20
N LYS A 75 0.12 -6.81 -2.88
CA LYS A 75 -1.13 -6.77 -2.11
C LYS A 75 -2.02 -5.54 -2.40
N VAL A 76 -1.43 -4.34 -2.54
CA VAL A 76 -2.16 -3.13 -2.97
C VAL A 76 -2.76 -3.36 -4.36
N ASP A 77 -1.95 -3.84 -5.30
CA ASP A 77 -2.36 -4.09 -6.68
C ASP A 77 -3.24 -5.36 -6.81
N GLU A 78 -3.32 -6.21 -5.78
CA GLU A 78 -4.30 -7.30 -5.66
C GLU A 78 -5.69 -6.74 -5.34
N ALA A 79 -5.78 -5.92 -4.27
CA ALA A 79 -7.01 -5.26 -3.87
C ALA A 79 -7.53 -4.35 -5.00
N VAL A 80 -6.65 -3.55 -5.60
CA VAL A 80 -7.02 -2.58 -6.64
C VAL A 80 -7.46 -3.29 -7.92
N SER A 81 -6.70 -4.28 -8.42
CA SER A 81 -7.07 -5.02 -9.65
C SER A 81 -8.35 -5.85 -9.49
N LYS A 82 -8.71 -6.22 -8.26
CA LYS A 82 -9.98 -6.87 -7.91
C LYS A 82 -11.16 -5.89 -7.79
N PHE A 83 -10.96 -4.74 -7.16
CA PHE A 83 -12.01 -3.71 -6.97
C PHE A 83 -12.27 -2.87 -8.23
N GLU A 84 -11.24 -2.57 -9.03
CA GLU A 84 -11.35 -1.69 -10.22
C GLU A 84 -11.98 -2.37 -11.44
N LYS A 85 -12.36 -3.65 -11.32
CA LYS A 85 -12.78 -4.55 -12.38
C LYS A 85 -14.14 -5.18 -12.09
N LEU A 4 20.62 -1.34 8.02
CA LEU A 4 19.25 -1.76 8.40
C LEU A 4 18.30 -0.58 8.56
N ASP A 5 18.46 0.20 9.64
CA ASP A 5 17.61 1.33 10.05
C ASP A 5 17.35 2.37 8.95
N SER A 6 18.37 2.73 8.17
CA SER A 6 18.28 3.66 7.04
C SER A 6 17.51 3.04 5.87
N GLU A 7 17.75 1.74 5.64
CA GLU A 7 17.13 0.95 4.57
C GLU A 7 15.61 0.82 4.81
N ARG A 8 15.21 0.47 6.03
CA ARG A 8 13.79 0.40 6.40
C ARG A 8 13.09 1.77 6.32
N ASP A 9 13.83 2.87 6.50
CA ASP A 9 13.34 4.25 6.37
C ASP A 9 12.99 4.61 4.92
N LYS A 10 13.81 4.20 3.94
CA LYS A 10 13.48 4.33 2.51
C LYS A 10 12.45 3.30 2.04
N ALA A 11 12.51 2.07 2.54
CA ALA A 11 11.57 1.00 2.21
C ALA A 11 10.13 1.32 2.65
N ARG A 12 9.92 1.82 3.88
CA ARG A 12 8.59 2.26 4.34
C ARG A 12 8.06 3.41 3.49
N LYS A 13 8.91 4.39 3.15
CA LYS A 13 8.51 5.58 2.39
C LYS A 13 8.07 5.22 0.98
N GLU A 14 8.76 4.29 0.32
CA GLU A 14 8.35 3.81 -1.00
C GLU A 14 6.96 3.17 -0.99
N VAL A 15 6.67 2.30 -0.01
CA VAL A 15 5.34 1.67 0.09
C VAL A 15 4.24 2.64 0.56
N GLU A 16 4.55 3.64 1.40
CA GLU A 16 3.62 4.75 1.68
C GLU A 16 3.30 5.56 0.42
N GLU A 17 4.30 5.95 -0.38
CA GLU A 17 4.09 6.59 -1.68
C GLU A 17 3.23 5.74 -2.61
N TYR A 18 3.51 4.44 -2.72
CA TYR A 18 2.75 3.55 -3.60
C TYR A 18 1.26 3.49 -3.21
N VAL A 19 0.94 3.33 -1.91
CA VAL A 19 -0.43 3.45 -1.37
C VAL A 19 -1.03 4.83 -1.68
N LYS A 20 -0.34 5.93 -1.34
CA LYS A 20 -0.86 7.31 -1.49
C LYS A 20 -1.09 7.68 -2.95
N LYS A 21 -0.24 7.20 -3.87
CA LYS A 21 -0.35 7.38 -5.32
C LYS A 21 -1.53 6.58 -5.88
N ILE A 22 -1.72 5.34 -5.41
CA ILE A 22 -2.83 4.48 -5.81
C ILE A 22 -4.20 4.97 -5.28
N VAL A 23 -4.25 5.62 -4.11
CA VAL A 23 -5.44 6.37 -3.67
C VAL A 23 -5.77 7.49 -4.68
N GLY A 24 -4.76 8.21 -5.18
CA GLY A 24 -4.92 9.20 -6.25
C GLY A 24 -5.41 8.59 -7.56
N GLU A 25 -4.82 7.47 -8.00
CA GLU A 25 -5.24 6.72 -9.19
C GLU A 25 -6.71 6.30 -9.15
N SER A 26 -7.22 5.88 -7.99
CA SER A 26 -8.62 5.49 -7.84
C SER A 26 -9.56 6.70 -7.87
N TYR A 27 -9.16 7.87 -7.35
CA TYR A 27 -9.92 9.10 -7.55
C TYR A 27 -9.88 9.56 -9.01
N ALA A 28 -8.77 9.34 -9.72
CA ALA A 28 -8.64 9.61 -11.16
C ALA A 28 -9.54 8.72 -12.05
N LYS A 29 -10.32 7.78 -11.48
CA LYS A 29 -11.46 7.13 -12.16
C LYS A 29 -12.77 7.10 -11.37
N SER A 30 -12.89 7.79 -10.24
CA SER A 30 -14.04 7.66 -9.34
C SER A 30 -15.32 8.31 -9.85
N THR A 31 -16.45 7.91 -9.25
CA THR A 31 -17.82 8.22 -9.69
C THR A 31 -18.69 8.55 -8.48
N LYS A 32 -19.51 9.61 -8.57
CA LYS A 32 -20.47 10.02 -7.51
C LYS A 32 -21.23 8.82 -6.93
N LYS A 33 -21.96 8.11 -7.80
CA LYS A 33 -22.76 6.92 -7.47
C LYS A 33 -21.95 5.63 -7.19
N ARG A 34 -20.63 5.73 -6.96
CA ARG A 34 -19.75 4.62 -6.53
C ARG A 34 -18.84 4.99 -5.34
N HIS A 35 -19.08 6.12 -4.67
CA HIS A 35 -18.33 6.60 -3.50
C HIS A 35 -18.09 5.51 -2.42
N THR A 36 -19.07 4.63 -2.17
CA THR A 36 -18.92 3.55 -1.17
C THR A 36 -17.80 2.56 -1.52
N ILE A 37 -17.54 2.34 -2.81
CA ILE A 37 -16.53 1.37 -3.29
C ILE A 37 -15.12 1.99 -3.28
N THR A 38 -14.97 3.28 -3.61
CA THR A 38 -13.69 3.97 -3.38
C THR A 38 -13.36 4.04 -1.89
N VAL A 39 -14.34 4.32 -1.03
CA VAL A 39 -14.18 4.22 0.43
C VAL A 39 -13.75 2.81 0.85
N ALA A 40 -14.37 1.74 0.31
CA ALA A 40 -14.00 0.35 0.60
C ALA A 40 -12.57 -0.02 0.14
N LEU A 41 -12.13 0.47 -1.03
CA LEU A 41 -10.76 0.31 -1.51
C LEU A 41 -9.75 1.08 -0.65
N VAL A 42 -10.06 2.31 -0.24
CA VAL A 42 -9.22 3.11 0.69
C VAL A 42 -9.14 2.45 2.08
N ASN A 43 -10.22 1.80 2.52
CA ASN A 43 -10.26 1.01 3.78
C ASN A 43 -9.25 -0.15 3.75
N GLU A 44 -8.97 -0.76 2.60
CA GLU A 44 -7.89 -1.74 2.46
C GLU A 44 -6.53 -1.06 2.26
N LEU A 45 -6.41 -0.05 1.38
CA LEU A 45 -5.13 0.61 1.07
C LEU A 45 -4.39 1.14 2.32
N ASN A 46 -5.11 1.79 3.25
CA ASN A 46 -4.52 2.23 4.52
C ASN A 46 -4.23 1.06 5.47
N ASN A 47 -5.00 -0.03 5.39
CA ASN A 47 -4.80 -1.22 6.22
C ASN A 47 -3.50 -1.95 5.82
N ILE A 48 -3.22 -2.12 4.52
CA ILE A 48 -1.93 -2.63 4.05
C ILE A 48 -0.80 -1.69 4.51
N LYS A 49 -1.00 -0.37 4.41
CA LYS A 49 0.00 0.61 4.85
C LYS A 49 0.33 0.47 6.34
N ASN A 50 -0.68 0.37 7.21
CA ASN A 50 -0.51 0.15 8.65
C ASN A 50 0.22 -1.16 8.94
N GLU A 51 -0.30 -2.26 8.39
CA GLU A 51 0.24 -3.61 8.54
C GLU A 51 1.71 -3.67 8.11
N TYR A 52 2.06 -3.05 6.99
CA TYR A 52 3.43 -3.08 6.47
C TYR A 52 4.34 -2.06 7.14
N LEU A 53 3.87 -0.89 7.56
CA LEU A 53 4.64 0.00 8.45
C LEU A 53 5.08 -0.75 9.72
N ASN A 54 4.17 -1.52 10.32
CA ASN A 54 4.47 -2.35 11.48
C ASN A 54 5.47 -3.48 11.16
N LYS A 55 5.33 -4.16 10.02
CA LYS A 55 6.22 -5.27 9.63
C LYS A 55 7.62 -4.77 9.24
N ILE A 56 7.72 -3.58 8.64
CA ILE A 56 8.98 -2.97 8.20
C ILE A 56 9.82 -2.48 9.39
N VAL A 57 9.19 -1.90 10.44
CA VAL A 57 9.92 -1.53 11.66
C VAL A 57 10.30 -2.75 12.53
N GLU A 58 9.58 -3.87 12.40
CA GLU A 58 9.89 -5.17 13.01
C GLU A 58 10.86 -6.03 12.15
N SER A 59 11.27 -5.59 10.96
CA SER A 59 11.79 -6.51 9.93
C SER A 59 13.18 -7.12 10.18
N THR A 60 14.06 -6.41 10.90
CA THR A 60 15.45 -6.76 11.32
C THR A 60 16.47 -7.31 10.30
N SER A 61 16.07 -7.87 9.16
CA SER A 61 16.92 -8.28 8.04
C SER A 61 16.79 -7.30 6.87
N GLU A 62 17.92 -6.85 6.33
CA GLU A 62 17.97 -6.04 5.12
C GLU A 62 17.51 -6.83 3.89
N SER A 63 17.86 -8.12 3.87
CA SER A 63 17.50 -9.04 2.80
C SER A 63 16.03 -9.49 2.87
N GLN A 64 15.32 -9.25 3.99
CA GLN A 64 13.85 -9.29 4.03
C GLN A 64 13.23 -7.92 3.74
N LEU A 65 13.78 -6.81 4.26
CA LEU A 65 13.28 -5.44 4.03
C LEU A 65 13.09 -5.11 2.55
N GLN A 66 14.05 -5.51 1.71
CA GLN A 66 13.98 -5.31 0.27
C GLN A 66 12.76 -5.97 -0.39
N ILE A 67 12.24 -7.04 0.22
CA ILE A 67 11.05 -7.78 -0.24
C ILE A 67 9.75 -7.18 0.28
N LEU A 68 9.70 -6.62 1.50
CA LEU A 68 8.50 -5.96 2.05
C LEU A 68 7.96 -4.87 1.09
N MET A 69 8.83 -4.24 0.29
CA MET A 69 8.45 -3.33 -0.78
C MET A 69 7.58 -3.99 -1.85
N MET A 70 8.05 -5.08 -2.44
CA MET A 70 7.35 -5.84 -3.48
C MET A 70 6.10 -6.54 -2.94
N GLU A 71 6.14 -7.00 -1.70
CA GLU A 71 5.00 -7.60 -1.00
C GLU A 71 3.86 -6.60 -0.74
N SER A 72 4.15 -5.40 -0.24
CA SER A 72 3.11 -4.36 -0.12
C SER A 72 2.59 -3.92 -1.50
N ARG A 73 3.50 -3.71 -2.47
CA ARG A 73 3.16 -3.32 -3.85
C ARG A 73 2.23 -4.33 -4.52
N SER A 74 2.50 -5.62 -4.32
CA SER A 74 1.66 -6.74 -4.72
C SER A 74 0.27 -6.68 -4.07
N LYS A 75 0.18 -6.57 -2.73
CA LYS A 75 -1.13 -6.47 -2.04
C LYS A 75 -1.93 -5.24 -2.47
N VAL A 76 -1.27 -4.12 -2.76
CA VAL A 76 -1.91 -2.86 -3.20
C VAL A 76 -2.47 -2.98 -4.62
N ASP A 77 -1.70 -3.52 -5.57
CA ASP A 77 -2.20 -3.79 -6.92
C ASP A 77 -3.35 -4.82 -6.89
N GLU A 78 -3.18 -5.91 -6.13
CA GLU A 78 -4.18 -6.96 -5.95
C GLU A 78 -5.49 -6.41 -5.36
N ALA A 79 -5.41 -5.44 -4.43
CA ALA A 79 -6.58 -4.77 -3.85
C ALA A 79 -7.32 -3.90 -4.87
N VAL A 80 -6.63 -3.07 -5.67
CA VAL A 80 -7.26 -2.33 -6.78
C VAL A 80 -7.91 -3.30 -7.76
N SER A 81 -7.15 -4.31 -8.17
CA SER A 81 -7.54 -5.41 -9.06
C SER A 81 -8.73 -6.24 -8.55
N LYS A 82 -8.94 -6.31 -7.23
CA LYS A 82 -10.09 -6.96 -6.58
C LYS A 82 -11.36 -6.12 -6.67
N PHE A 83 -11.27 -4.79 -6.55
CA PHE A 83 -12.43 -3.89 -6.58
C PHE A 83 -12.79 -3.45 -8.01
N GLU A 84 -11.82 -3.29 -8.90
CA GLU A 84 -12.05 -2.94 -10.32
C GLU A 84 -12.64 -4.10 -11.15
N LYS A 85 -12.49 -5.35 -10.66
CA LYS A 85 -13.09 -6.57 -11.17
C LYS A 85 -14.46 -6.81 -10.51
#